data_2MDF
#
_entry.id   2MDF
#
_entity_poly.entity_id   1
_entity_poly.type   'polypeptide(L)'
_entity_poly.pdbx_seq_one_letter_code
;GSKKKDNLLFGSIISAVDPVAVLAVFEEIHINELLHILVFGESLLNDAVTVVLYKKK
;
_entity_poly.pdbx_strand_id   A
#
# COMPACT_ATOMS: atom_id res chain seq x y z
N GLY A 1 0.81 20.88 -17.14
CA GLY A 1 0.05 20.86 -18.43
C GLY A 1 0.45 19.64 -19.24
N SER A 2 0.87 19.88 -20.48
CA SER A 2 1.30 18.79 -21.36
C SER A 2 0.16 17.78 -21.53
N LYS A 3 0.49 16.61 -22.08
CA LYS A 3 -0.50 15.57 -22.29
C LYS A 3 -1.05 15.07 -20.96
N LYS A 4 -1.89 14.04 -21.02
CA LYS A 4 -2.48 13.48 -19.81
C LYS A 4 -1.74 12.21 -19.40
N LYS A 5 -0.75 11.82 -20.20
CA LYS A 5 0.03 10.63 -19.92
C LYS A 5 1.48 10.82 -20.37
N ASP A 6 2.33 9.87 -20.00
CA ASP A 6 3.74 9.94 -20.37
C ASP A 6 3.96 9.21 -21.70
N ASN A 7 3.11 8.23 -21.97
CA ASN A 7 3.20 7.46 -23.18
C ASN A 7 2.19 6.32 -23.14
N LEU A 8 1.15 6.44 -23.95
CA LEU A 8 0.09 5.44 -24.00
C LEU A 8 0.67 4.03 -23.86
N LEU A 9 1.90 3.85 -24.28
CA LEU A 9 2.52 2.54 -24.19
C LEU A 9 2.51 2.02 -22.76
N PHE A 10 2.70 2.93 -21.82
CA PHE A 10 2.69 2.57 -20.41
C PHE A 10 1.40 3.03 -19.77
N GLY A 11 0.62 3.78 -20.52
CA GLY A 11 -0.66 4.29 -20.03
C GLY A 11 -1.81 3.57 -20.71
N SER A 12 -1.47 2.60 -21.57
CA SER A 12 -2.48 1.83 -22.30
C SER A 12 -2.26 0.34 -22.10
N ILE A 13 -1.00 -0.04 -21.94
CA ILE A 13 -0.65 -1.44 -21.76
C ILE A 13 -0.49 -1.75 -20.27
N ILE A 14 0.57 -1.22 -19.68
CA ILE A 14 0.84 -1.43 -18.26
C ILE A 14 -0.34 -0.94 -17.43
N SER A 15 -1.12 -0.06 -18.02
CA SER A 15 -2.28 0.49 -17.33
C SER A 15 -3.51 -0.36 -17.61
N ALA A 16 -3.34 -1.37 -18.46
CA ALA A 16 -4.45 -2.25 -18.81
C ALA A 16 -3.98 -3.70 -18.89
N VAL A 17 -2.75 -3.95 -18.43
CA VAL A 17 -2.20 -5.31 -18.46
C VAL A 17 -3.25 -6.31 -18.06
N ASP A 18 -3.78 -7.00 -19.07
CA ASP A 18 -4.81 -8.00 -18.84
C ASP A 18 -5.83 -7.50 -17.81
N PRO A 19 -6.94 -6.92 -18.23
CA PRO A 19 -7.96 -6.40 -17.28
C PRO A 19 -8.20 -7.36 -16.12
N VAL A 20 -8.02 -8.64 -16.38
CA VAL A 20 -8.21 -9.64 -15.32
C VAL A 20 -7.17 -9.43 -14.23
N ALA A 21 -5.97 -9.05 -14.63
CA ALA A 21 -4.90 -8.80 -13.68
C ALA A 21 -5.15 -7.49 -12.96
N VAL A 22 -5.86 -6.59 -13.64
CA VAL A 22 -6.18 -5.30 -13.07
C VAL A 22 -7.48 -5.39 -12.27
N LEU A 23 -8.33 -6.32 -12.67
CA LEU A 23 -9.60 -6.52 -11.99
C LEU A 23 -9.39 -7.34 -10.73
N ALA A 24 -8.45 -8.29 -10.80
CA ALA A 24 -8.16 -9.13 -9.65
C ALA A 24 -7.73 -8.25 -8.48
N VAL A 25 -7.45 -6.99 -8.77
CA VAL A 25 -7.04 -6.04 -7.76
C VAL A 25 -8.27 -5.37 -7.15
N PHE A 26 -9.26 -5.11 -8.00
CA PHE A 26 -10.49 -4.47 -7.54
C PHE A 26 -11.16 -5.33 -6.48
N GLU A 27 -10.57 -6.49 -6.21
CA GLU A 27 -11.12 -7.40 -5.21
C GLU A 27 -10.43 -7.17 -3.86
N GLU A 28 -9.70 -6.07 -3.76
CA GLU A 28 -8.99 -5.75 -2.51
C GLU A 28 -8.92 -4.25 -2.30
N ILE A 29 -9.77 -3.51 -3.01
CA ILE A 29 -9.80 -2.05 -2.89
C ILE A 29 -11.20 -1.51 -3.10
N HIS A 30 -11.59 -0.53 -2.28
CA HIS A 30 -12.91 0.07 -2.37
C HIS A 30 -12.80 1.53 -2.77
N ILE A 31 -12.35 1.77 -4.00
CA ILE A 31 -12.19 3.13 -4.52
C ILE A 31 -11.19 3.93 -3.70
N ASN A 32 -11.53 4.18 -2.43
CA ASN A 32 -10.66 4.94 -1.56
C ASN A 32 -9.33 4.21 -1.41
N GLU A 33 -9.28 3.03 -2.02
CA GLU A 33 -8.10 2.21 -1.97
C GLU A 33 -7.57 1.95 -3.38
N LEU A 34 -7.87 2.87 -4.30
CA LEU A 34 -7.42 2.76 -5.68
C LEU A 34 -6.37 3.82 -5.95
N LEU A 35 -6.40 4.87 -5.13
CA LEU A 35 -5.46 5.96 -5.26
C LEU A 35 -4.12 5.58 -4.63
N HIS A 36 -4.17 4.97 -3.46
CA HIS A 36 -2.96 4.56 -2.76
C HIS A 36 -2.34 3.35 -3.46
N ILE A 37 -2.99 2.92 -4.53
CA ILE A 37 -2.53 1.77 -5.30
C ILE A 37 -1.15 2.03 -5.88
N LEU A 38 -0.80 3.31 -5.98
CA LEU A 38 0.50 3.69 -6.52
C LEU A 38 1.47 4.03 -5.38
N VAL A 39 0.90 4.49 -4.27
CA VAL A 39 1.71 4.85 -3.12
C VAL A 39 2.16 3.61 -2.36
N PHE A 40 1.36 2.55 -2.44
CA PHE A 40 1.69 1.30 -1.78
C PHE A 40 2.50 0.40 -2.70
N GLY A 41 2.68 0.85 -3.93
CA GLY A 41 3.45 0.08 -4.91
C GLY A 41 4.92 0.46 -4.86
N GLU A 42 5.20 1.66 -4.39
CA GLU A 42 6.57 2.14 -4.29
C GLU A 42 7.13 1.96 -2.88
N SER A 43 6.43 2.52 -1.89
CA SER A 43 6.87 2.40 -0.51
C SER A 43 7.42 0.99 -0.25
N LEU A 44 6.94 0.05 -1.04
CA LEU A 44 7.36 -1.34 -0.92
C LEU A 44 8.69 -1.55 -1.64
N LEU A 45 8.77 -1.04 -2.87
CA LEU A 45 10.00 -1.19 -3.65
C LEU A 45 11.08 -0.23 -3.16
N ASN A 46 10.68 0.95 -2.71
CA ASN A 46 11.63 1.92 -2.21
C ASN A 46 12.32 1.40 -0.95
N ASP A 47 11.57 0.65 -0.15
CA ASP A 47 12.12 0.09 1.07
C ASP A 47 12.73 -1.28 0.82
N ALA A 48 12.58 -1.78 -0.40
CA ALA A 48 13.12 -3.10 -0.75
C ALA A 48 14.26 -2.97 -1.75
N VAL A 49 14.53 -1.74 -2.19
CA VAL A 49 15.60 -1.50 -3.15
C VAL A 49 16.77 -0.80 -2.46
N THR A 50 16.47 -0.01 -1.43
CA THR A 50 17.50 0.70 -0.70
C THR A 50 17.98 -0.15 0.48
N VAL A 51 17.06 -0.83 1.12
CA VAL A 51 17.40 -1.67 2.26
C VAL A 51 18.08 -2.96 1.81
N VAL A 52 17.81 -3.36 0.56
CA VAL A 52 18.41 -4.57 0.03
C VAL A 52 19.73 -4.27 -0.67
N LEU A 53 19.95 -3.00 -0.97
CA LEU A 53 21.17 -2.59 -1.65
C LEU A 53 22.35 -2.59 -0.68
N TYR A 54 22.30 -1.71 0.32
CA TYR A 54 23.38 -1.61 1.29
C TYR A 54 22.85 -1.70 2.72
N LYS A 55 21.60 -2.17 2.85
CA LYS A 55 20.94 -2.32 4.16
C LYS A 55 21.52 -1.37 5.20
N LYS A 56 21.74 -0.12 4.80
CA LYS A 56 22.30 0.87 5.71
C LYS A 56 23.54 0.33 6.42
N LYS A 57 24.57 0.03 5.63
CA LYS A 57 25.80 -0.50 6.19
C LYS A 57 25.51 -1.59 7.22
N GLY A 1 31.41 3.30 18.00
CA GLY A 1 30.30 2.40 18.42
C GLY A 1 28.97 3.12 18.24
N SER A 2 27.87 2.36 18.32
CA SER A 2 26.54 2.95 18.16
C SER A 2 26.23 3.88 19.32
N LYS A 3 25.09 4.56 19.23
CA LYS A 3 24.67 5.48 20.28
C LYS A 3 23.15 5.64 20.28
N LYS A 4 22.66 6.53 21.15
CA LYS A 4 21.23 6.77 21.24
C LYS A 4 20.75 7.58 20.04
N LYS A 5 19.44 7.84 19.99
CA LYS A 5 18.87 8.61 18.90
C LYS A 5 18.62 10.05 19.33
N ASP A 6 18.05 10.83 18.42
CA ASP A 6 17.77 12.23 18.70
C ASP A 6 16.41 12.64 18.15
N ASN A 7 15.74 11.72 17.45
CA ASN A 7 14.42 12.02 16.88
C ASN A 7 14.00 10.91 15.92
N LEU A 8 14.34 9.67 16.24
CA LEU A 8 13.97 8.56 15.39
C LEU A 8 12.47 8.28 15.50
N LEU A 9 11.68 9.36 15.52
CA LEU A 9 10.24 9.23 15.62
C LEU A 9 9.73 8.25 14.57
N PHE A 10 10.40 8.23 13.44
CA PHE A 10 10.02 7.33 12.36
C PHE A 10 10.53 5.92 12.65
N GLY A 11 11.48 5.84 13.58
CA GLY A 11 12.06 4.56 13.97
C GLY A 11 11.49 4.11 15.31
N SER A 12 10.51 4.87 15.80
CA SER A 12 9.89 4.56 17.08
C SER A 12 8.38 4.44 16.93
N ILE A 13 7.80 5.31 16.10
CA ILE A 13 6.37 5.30 15.88
C ILE A 13 6.02 4.56 14.58
N ILE A 14 6.49 5.10 13.45
CA ILE A 14 6.22 4.49 12.17
C ILE A 14 6.77 3.07 12.12
N SER A 15 7.72 2.79 13.00
CA SER A 15 8.32 1.48 13.06
C SER A 15 7.53 0.59 14.02
N ALA A 16 6.49 1.15 14.61
CA ALA A 16 5.65 0.40 15.54
C ALA A 16 4.18 0.75 15.34
N VAL A 17 3.89 1.49 14.28
CA VAL A 17 2.52 1.89 13.99
C VAL A 17 1.76 0.76 13.32
N ASP A 18 2.29 -0.43 13.53
CA ASP A 18 1.70 -1.65 12.97
C ASP A 18 1.11 -1.38 11.58
N PRO A 19 1.92 -1.43 10.55
CA PRO A 19 1.43 -1.18 9.17
C PRO A 19 0.12 -1.89 8.90
N VAL A 20 -0.07 -3.04 9.52
CA VAL A 20 -1.29 -3.80 9.36
C VAL A 20 -2.47 -2.97 9.86
N ALA A 21 -2.23 -2.21 10.92
CA ALA A 21 -3.27 -1.38 11.49
C ALA A 21 -3.51 -0.18 10.59
N VAL A 22 -2.50 0.16 9.80
CA VAL A 22 -2.61 1.27 8.88
C VAL A 22 -3.13 0.79 7.54
N LEU A 23 -2.85 -0.48 7.24
CA LEU A 23 -3.31 -1.08 6.00
C LEU A 23 -4.74 -1.57 6.15
N ALA A 24 -5.04 -2.13 7.32
CA ALA A 24 -6.38 -2.62 7.58
C ALA A 24 -7.39 -1.52 7.30
N VAL A 25 -6.89 -0.30 7.16
CA VAL A 25 -7.74 0.84 6.89
C VAL A 25 -7.87 1.05 5.38
N PHE A 26 -6.74 1.06 4.69
CA PHE A 26 -6.73 1.24 3.24
C PHE A 26 -7.55 0.15 2.57
N GLU A 27 -8.07 -0.77 3.37
CA GLU A 27 -8.87 -1.87 2.84
C GLU A 27 -10.35 -1.50 2.89
N GLU A 28 -10.64 -0.27 3.30
CA GLU A 28 -12.02 0.18 3.39
C GLU A 28 -12.09 1.66 3.78
N ILE A 29 -11.97 2.53 2.78
CA ILE A 29 -12.04 3.97 3.04
C ILE A 29 -12.81 4.68 1.92
N HIS A 30 -12.70 4.14 0.71
CA HIS A 30 -13.38 4.73 -0.43
C HIS A 30 -13.00 6.20 -0.59
N ILE A 31 -11.79 6.54 -0.15
CA ILE A 31 -11.32 7.91 -0.23
C ILE A 31 -9.87 7.95 -0.72
N ASN A 32 -9.06 7.02 -0.21
CA ASN A 32 -7.66 6.94 -0.60
C ASN A 32 -7.29 5.52 -1.00
N GLU A 33 -8.28 4.62 -0.92
CA GLU A 33 -8.05 3.23 -1.26
C GLU A 33 -7.79 3.09 -2.77
N LEU A 34 -7.69 4.23 -3.45
CA LEU A 34 -7.46 4.22 -4.90
C LEU A 34 -6.07 4.78 -5.22
N LEU A 35 -5.70 5.89 -4.59
CA LEU A 35 -4.40 6.50 -4.85
C LEU A 35 -3.27 5.68 -4.22
N HIS A 36 -3.44 5.30 -2.96
CA HIS A 36 -2.42 4.52 -2.27
C HIS A 36 -2.03 3.32 -3.12
N ILE A 37 -2.95 2.90 -3.99
CA ILE A 37 -2.73 1.76 -4.86
C ILE A 37 -1.41 1.91 -5.61
N LEU A 38 -0.95 3.15 -5.73
CA LEU A 38 0.30 3.42 -6.43
C LEU A 38 1.45 3.55 -5.44
N VAL A 39 1.23 4.32 -4.38
CA VAL A 39 2.25 4.53 -3.37
C VAL A 39 2.68 3.20 -2.76
N PHE A 40 1.71 2.33 -2.51
CA PHE A 40 2.02 1.02 -1.93
C PHE A 40 2.85 0.20 -2.89
N GLY A 41 2.41 0.10 -4.13
CA GLY A 41 3.13 -0.66 -5.15
C GLY A 41 4.61 -0.32 -5.15
N GLU A 42 4.92 0.93 -4.79
CA GLU A 42 6.30 1.37 -4.75
C GLU A 42 6.86 1.32 -3.33
N SER A 43 5.99 1.45 -2.35
CA SER A 43 6.44 1.42 -0.96
C SER A 43 7.11 0.09 -0.67
N LEU A 44 6.99 -0.84 -1.61
CA LEU A 44 7.59 -2.16 -1.45
C LEU A 44 8.88 -2.24 -2.28
N LEU A 45 8.94 -1.49 -3.36
CA LEU A 45 10.12 -1.49 -4.21
C LEU A 45 11.11 -0.42 -3.76
N ASN A 46 10.57 0.72 -3.31
CA ASN A 46 11.41 1.81 -2.83
C ASN A 46 12.05 1.42 -1.51
N ASP A 47 11.30 0.65 -0.71
CA ASP A 47 11.80 0.21 0.58
C ASP A 47 12.62 -1.07 0.42
N ALA A 48 12.54 -1.70 -0.74
CA ALA A 48 13.28 -2.92 -1.00
C ALA A 48 14.50 -2.65 -1.85
N VAL A 49 14.58 -1.44 -2.41
CA VAL A 49 15.72 -1.07 -3.25
C VAL A 49 16.71 -0.22 -2.46
N THR A 50 16.20 0.44 -1.43
CA THR A 50 17.03 1.29 -0.59
C THR A 50 17.59 0.49 0.59
N VAL A 51 16.82 -0.46 1.07
CA VAL A 51 17.24 -1.29 2.18
C VAL A 51 18.13 -2.43 1.71
N VAL A 52 17.57 -3.32 0.91
CA VAL A 52 18.31 -4.46 0.39
C VAL A 52 19.69 -4.02 -0.12
N LEU A 53 19.82 -2.74 -0.44
CA LEU A 53 21.07 -2.21 -0.96
C LEU A 53 22.15 -2.23 0.13
N TYR A 54 22.11 -1.25 1.02
CA TYR A 54 23.09 -1.16 2.10
C TYR A 54 22.51 -1.66 3.42
N LYS A 55 21.23 -2.00 3.39
CA LYS A 55 20.54 -2.53 4.56
C LYS A 55 20.96 -1.83 5.86
N LYS A 56 21.51 -0.63 5.72
CA LYS A 56 21.98 0.21 6.83
C LYS A 56 23.50 0.31 6.81
N LYS A 57 24.01 1.51 7.09
CA LYS A 57 25.45 1.74 7.09
C LYS A 57 25.81 2.80 8.13
N GLY A 1 -9.02 9.91 32.27
CA GLY A 1 -8.96 11.39 32.15
C GLY A 1 -7.59 11.80 31.64
N SER A 2 -6.56 11.12 32.12
CA SER A 2 -5.19 11.42 31.70
C SER A 2 -4.67 12.67 32.42
N LYS A 3 -3.36 12.83 32.43
CA LYS A 3 -2.74 13.99 33.10
C LYS A 3 -1.63 14.56 32.22
N LYS A 4 -1.05 15.67 32.68
CA LYS A 4 0.02 16.31 31.94
C LYS A 4 1.33 15.55 32.11
N LYS A 5 2.06 15.37 31.02
CA LYS A 5 3.33 14.66 31.08
C LYS A 5 4.16 14.96 29.84
N ASP A 6 5.38 14.43 29.80
CA ASP A 6 6.27 14.65 28.67
C ASP A 6 5.62 14.14 27.38
N ASN A 7 5.26 12.86 27.38
CA ASN A 7 4.64 12.25 26.21
C ASN A 7 4.15 10.84 26.55
N LEU A 8 2.84 10.63 26.39
CA LEU A 8 2.26 9.31 26.66
C LEU A 8 2.26 8.47 25.40
N LEU A 9 1.08 8.29 24.84
CA LEU A 9 0.91 7.49 23.63
C LEU A 9 1.02 8.37 22.38
N PHE A 10 0.14 9.35 22.31
CA PHE A 10 0.13 10.26 21.17
C PHE A 10 1.37 11.12 21.15
N GLY A 11 2.16 11.04 22.20
CA GLY A 11 3.39 11.81 22.30
C GLY A 11 4.59 10.94 21.96
N SER A 12 4.32 9.66 21.68
CA SER A 12 5.36 8.71 21.35
C SER A 12 5.05 8.02 20.02
N ILE A 13 3.76 7.82 19.77
CA ILE A 13 3.32 7.16 18.56
C ILE A 13 2.89 8.18 17.51
N ILE A 14 1.79 8.87 17.79
CA ILE A 14 1.27 9.87 16.87
C ILE A 14 2.31 10.94 16.60
N SER A 15 3.25 11.06 17.53
CA SER A 15 4.31 12.05 17.40
C SER A 15 5.50 11.44 16.66
N ALA A 16 5.38 10.17 16.29
CA ALA A 16 6.45 9.49 15.58
C ALA A 16 5.89 8.54 14.52
N VAL A 17 4.57 8.61 14.31
CA VAL A 17 3.93 7.75 13.33
C VAL A 17 4.72 7.76 12.02
N ASP A 18 5.34 6.62 11.75
CA ASP A 18 6.14 6.47 10.53
C ASP A 18 5.40 5.62 9.51
N PRO A 19 5.80 5.67 8.27
CA PRO A 19 5.17 4.89 7.17
C PRO A 19 4.78 3.48 7.62
N VAL A 20 5.60 2.89 8.48
CA VAL A 20 5.32 1.55 8.97
C VAL A 20 4.04 1.54 9.78
N ALA A 21 3.80 2.62 10.52
CA ALA A 21 2.61 2.73 11.33
C ALA A 21 1.44 3.09 10.43
N VAL A 22 1.74 3.79 9.34
CA VAL A 22 0.72 4.17 8.39
C VAL A 22 0.44 3.02 7.44
N LEU A 23 1.47 2.21 7.21
CA LEU A 23 1.35 1.07 6.32
C LEU A 23 0.56 -0.04 7.02
N ALA A 24 0.82 -0.22 8.31
CA ALA A 24 0.11 -1.23 9.07
C ALA A 24 -1.38 -0.95 9.02
N VAL A 25 -1.71 0.27 8.63
CA VAL A 25 -3.10 0.69 8.53
C VAL A 25 -3.63 0.41 7.13
N PHE A 26 -2.77 0.60 6.14
CA PHE A 26 -3.15 0.35 4.75
C PHE A 26 -3.51 -1.11 4.56
N GLU A 27 -3.37 -1.89 5.62
CA GLU A 27 -3.69 -3.31 5.57
C GLU A 27 -5.16 -3.53 5.90
N GLU A 28 -5.76 -2.55 6.59
CA GLU A 28 -7.17 -2.66 6.98
C GLU A 28 -7.88 -1.31 6.85
N ILE A 29 -8.51 -1.08 5.71
CA ILE A 29 -9.24 0.17 5.48
C ILE A 29 -10.12 0.02 4.26
N HIS A 30 -11.08 -0.91 4.31
CA HIS A 30 -11.96 -1.13 3.17
C HIS A 30 -11.13 -1.17 1.90
N ILE A 31 -9.90 -1.67 2.05
CA ILE A 31 -8.97 -1.76 0.94
C ILE A 31 -9.09 -0.55 0.04
N ASN A 32 -8.28 0.45 0.33
CA ASN A 32 -8.26 1.65 -0.47
C ASN A 32 -7.20 1.52 -1.54
N GLU A 33 -6.85 0.27 -1.86
CA GLU A 33 -5.83 0.00 -2.87
C GLU A 33 -5.86 1.04 -3.97
N LEU A 34 -6.97 1.10 -4.68
CA LEU A 34 -7.13 2.05 -5.76
C LEU A 34 -6.52 3.40 -5.44
N LEU A 35 -6.35 3.70 -4.16
CA LEU A 35 -5.77 4.97 -3.75
C LEU A 35 -4.26 4.89 -3.60
N HIS A 36 -3.78 3.97 -2.77
CA HIS A 36 -2.34 3.81 -2.54
C HIS A 36 -1.73 2.81 -3.50
N ILE A 37 -2.53 2.24 -4.38
CA ILE A 37 -2.03 1.26 -5.33
C ILE A 37 -0.66 1.68 -5.87
N LEU A 38 -0.48 2.99 -6.01
CA LEU A 38 0.78 3.52 -6.52
C LEU A 38 1.66 4.04 -5.38
N VAL A 39 1.03 4.67 -4.40
CA VAL A 39 1.78 5.21 -3.25
C VAL A 39 2.45 4.09 -2.47
N PHE A 40 1.75 2.98 -2.33
CA PHE A 40 2.28 1.83 -1.59
C PHE A 40 3.31 1.09 -2.43
N GLY A 41 2.93 0.76 -3.67
CA GLY A 41 3.83 0.04 -4.55
C GLY A 41 5.22 0.66 -4.52
N GLU A 42 5.29 1.96 -4.78
CA GLU A 42 6.56 2.68 -4.78
C GLU A 42 7.22 2.57 -3.41
N SER A 43 6.55 3.08 -2.39
CA SER A 43 7.09 3.02 -1.04
C SER A 43 7.70 1.65 -0.77
N LEU A 44 7.03 0.61 -1.25
CA LEU A 44 7.52 -0.74 -1.08
C LEU A 44 8.77 -0.95 -1.91
N LEU A 45 8.78 -0.38 -3.11
CA LEU A 45 9.93 -0.49 -3.99
C LEU A 45 11.08 0.34 -3.47
N ASN A 46 10.91 1.66 -3.47
CA ASN A 46 11.93 2.56 -2.98
C ASN A 46 12.48 2.05 -1.65
N ASP A 47 11.67 1.26 -0.94
CA ASP A 47 12.10 0.71 0.34
C ASP A 47 12.78 -0.64 0.15
N ALA A 48 12.28 -1.43 -0.80
CA ALA A 48 12.85 -2.73 -1.07
C ALA A 48 14.10 -2.60 -1.95
N VAL A 49 14.35 -1.40 -2.44
CA VAL A 49 15.51 -1.15 -3.29
C VAL A 49 16.65 -0.56 -2.46
N THR A 50 16.30 0.15 -1.40
CA THR A 50 17.29 0.76 -0.54
C THR A 50 17.69 -0.20 0.58
N VAL A 51 16.71 -0.90 1.11
CA VAL A 51 16.97 -1.85 2.20
C VAL A 51 17.68 -3.10 1.67
N VAL A 52 17.05 -3.79 0.72
CA VAL A 52 17.64 -5.00 0.16
C VAL A 52 19.04 -4.73 -0.38
N LEU A 53 19.36 -3.47 -0.63
CA LEU A 53 20.66 -3.11 -1.16
C LEU A 53 21.75 -3.33 -0.10
N TYR A 54 21.68 -2.57 0.99
CA TYR A 54 22.67 -2.71 2.06
C TYR A 54 22.16 -3.63 3.16
N LYS A 55 20.92 -4.10 2.99
CA LYS A 55 20.29 -5.02 3.94
C LYS A 55 20.88 -4.91 5.35
N LYS A 56 21.04 -3.68 5.84
CA LYS A 56 21.60 -3.47 7.17
C LYS A 56 22.99 -4.07 7.26
N LYS A 57 23.99 -3.23 7.49
CA LYS A 57 25.37 -3.69 7.60
C LYS A 57 25.82 -4.36 6.30
N GLY A 1 -11.83 13.48 -29.07
CA GLY A 1 -10.39 13.86 -29.25
C GLY A 1 -9.51 12.63 -29.05
N SER A 2 -8.41 12.81 -28.34
CA SER A 2 -7.48 11.72 -28.08
C SER A 2 -7.75 11.11 -26.70
N LYS A 3 -6.86 10.24 -26.26
CA LYS A 3 -7.00 9.60 -24.95
C LYS A 3 -6.64 10.57 -23.83
N LYS A 4 -7.24 11.76 -23.87
CA LYS A 4 -6.97 12.76 -22.85
C LYS A 4 -8.06 12.76 -21.79
N LYS A 5 -8.48 11.56 -21.37
CA LYS A 5 -9.52 11.43 -20.37
C LYS A 5 -8.90 11.30 -18.98
N ASP A 6 -9.75 11.09 -17.99
CA ASP A 6 -9.29 10.95 -16.62
C ASP A 6 -8.72 9.55 -16.39
N ASN A 7 -9.58 8.63 -16.00
CA ASN A 7 -9.16 7.25 -15.75
C ASN A 7 -10.37 6.32 -15.74
N LEU A 8 -11.26 6.52 -16.70
CA LEU A 8 -12.46 5.69 -16.81
C LEU A 8 -12.11 4.22 -16.83
N LEU A 9 -11.38 3.81 -17.85
CA LEU A 9 -10.99 2.42 -18.00
C LEU A 9 -10.46 1.85 -16.69
N PHE A 10 -9.37 2.43 -16.21
CA PHE A 10 -8.74 1.96 -14.99
C PHE A 10 -9.54 2.37 -13.75
N GLY A 11 -10.51 3.26 -13.93
CA GLY A 11 -11.32 3.72 -12.81
C GLY A 11 -12.73 3.16 -12.91
N SER A 12 -12.94 2.33 -13.92
CA SER A 12 -14.25 1.73 -14.16
C SER A 12 -14.13 0.23 -14.27
N ILE A 13 -13.02 -0.22 -14.83
CA ILE A 13 -12.77 -1.65 -15.02
C ILE A 13 -11.88 -2.18 -13.90
N ILE A 14 -10.62 -1.77 -13.91
CA ILE A 14 -9.68 -2.22 -12.90
C ILE A 14 -10.18 -1.85 -11.50
N SER A 15 -11.06 -0.87 -11.46
CA SER A 15 -11.63 -0.42 -10.20
C SER A 15 -12.90 -1.19 -9.88
N ALA A 16 -13.30 -2.06 -10.81
CA ALA A 16 -14.50 -2.87 -10.63
C ALA A 16 -14.22 -4.32 -10.98
N VAL A 17 -12.97 -4.63 -11.28
CA VAL A 17 -12.58 -5.99 -11.62
C VAL A 17 -12.96 -6.94 -10.50
N ASP A 18 -13.99 -7.72 -10.77
CA ASP A 18 -14.47 -8.69 -9.79
C ASP A 18 -14.44 -8.10 -8.37
N PRO A 19 -15.54 -7.54 -7.89
CA PRO A 19 -15.58 -6.94 -6.53
C PRO A 19 -14.85 -7.78 -5.50
N VAL A 20 -14.84 -9.09 -5.72
CA VAL A 20 -14.16 -10.00 -4.81
C VAL A 20 -12.65 -9.76 -4.90
N ALA A 21 -12.19 -9.48 -6.10
CA ALA A 21 -10.77 -9.21 -6.31
C ALA A 21 -10.43 -7.82 -5.80
N VAL A 22 -11.42 -6.95 -5.78
CA VAL A 22 -11.25 -5.59 -5.30
C VAL A 22 -11.49 -5.54 -3.80
N LEU A 23 -12.34 -6.44 -3.32
CA LEU A 23 -12.66 -6.50 -1.91
C LEU A 23 -11.55 -7.22 -1.15
N ALA A 24 -10.92 -8.18 -1.83
CA ALA A 24 -9.83 -8.93 -1.22
C ALA A 24 -8.67 -7.99 -0.93
N VAL A 25 -8.79 -6.76 -1.41
CA VAL A 25 -7.74 -5.76 -1.20
C VAL A 25 -8.01 -4.98 0.08
N PHE A 26 -9.28 -4.66 0.32
CA PHE A 26 -9.65 -3.92 1.52
C PHE A 26 -9.23 -4.67 2.77
N GLU A 27 -8.70 -5.87 2.57
CA GLU A 27 -8.25 -6.70 3.69
C GLU A 27 -6.83 -6.31 4.10
N GLU A 28 -6.23 -5.41 3.32
CA GLU A 28 -4.86 -4.96 3.60
C GLU A 28 -4.80 -3.44 3.67
N ILE A 29 -5.84 -2.78 3.16
CA ILE A 29 -5.90 -1.32 3.17
C ILE A 29 -7.25 -0.83 3.65
N HIS A 30 -7.45 0.48 3.60
CA HIS A 30 -8.70 1.08 4.03
C HIS A 30 -8.71 2.58 3.72
N ILE A 31 -7.73 3.02 2.93
CA ILE A 31 -7.64 4.42 2.56
C ILE A 31 -8.45 4.70 1.30
N ASN A 32 -8.23 3.89 0.27
CA ASN A 32 -8.94 4.09 -0.98
C ASN A 32 -8.88 2.85 -1.86
N GLU A 33 -7.69 2.25 -1.96
CA GLU A 33 -7.49 1.06 -2.79
C GLU A 33 -7.24 1.47 -4.24
N LEU A 34 -7.62 2.71 -4.56
CA LEU A 34 -7.43 3.23 -5.91
C LEU A 34 -6.40 4.36 -5.93
N LEU A 35 -6.27 5.07 -4.81
CA LEU A 35 -5.34 6.19 -4.74
C LEU A 35 -3.97 5.75 -4.24
N HIS A 36 -3.95 4.90 -3.22
CA HIS A 36 -2.68 4.43 -2.66
C HIS A 36 -2.16 3.23 -3.42
N ILE A 37 -3.03 2.62 -4.23
CA ILE A 37 -2.65 1.45 -5.02
C ILE A 37 -1.23 1.58 -5.55
N LEU A 38 -0.85 2.81 -5.86
CA LEU A 38 0.49 3.08 -6.38
C LEU A 38 1.44 3.51 -5.27
N VAL A 39 0.93 4.32 -4.34
CA VAL A 39 1.74 4.80 -3.23
C VAL A 39 2.23 3.63 -2.39
N PHE A 40 1.42 2.58 -2.32
CA PHE A 40 1.77 1.40 -1.54
C PHE A 40 2.66 0.47 -2.36
N GLY A 41 2.57 0.60 -3.68
CA GLY A 41 3.38 -0.24 -4.56
C GLY A 41 4.84 0.17 -4.52
N GLU A 42 5.08 1.48 -4.57
CA GLU A 42 6.44 2.00 -4.54
C GLU A 42 7.03 1.84 -3.15
N SER A 43 6.32 2.31 -2.13
CA SER A 43 6.82 2.20 -0.77
C SER A 43 7.40 0.81 -0.54
N LEU A 44 7.01 -0.14 -1.39
CA LEU A 44 7.51 -1.50 -1.27
C LEU A 44 8.80 -1.67 -2.06
N LEU A 45 8.89 -0.99 -3.20
CA LEU A 45 10.10 -1.07 -4.02
C LEU A 45 11.13 -0.05 -3.57
N ASN A 46 10.67 1.11 -3.13
CA ASN A 46 11.57 2.15 -2.67
C ASN A 46 12.22 1.73 -1.36
N ASP A 47 11.50 0.93 -0.57
CA ASP A 47 12.01 0.45 0.70
C ASP A 47 12.74 -0.88 0.51
N ALA A 48 12.55 -1.50 -0.65
CA ALA A 48 13.21 -2.78 -0.94
C ALA A 48 14.40 -2.58 -1.87
N VAL A 49 14.62 -1.34 -2.29
CA VAL A 49 15.73 -1.03 -3.19
C VAL A 49 16.87 -0.40 -2.42
N THR A 50 16.54 0.30 -1.33
CA THR A 50 17.56 0.95 -0.51
C THR A 50 18.03 0.02 0.59
N VAL A 51 17.09 -0.74 1.15
CA VAL A 51 17.41 -1.67 2.21
C VAL A 51 18.15 -2.89 1.67
N VAL A 52 17.60 -3.51 0.63
CA VAL A 52 18.21 -4.69 0.04
C VAL A 52 19.58 -4.35 -0.55
N LEU A 53 19.83 -3.06 -0.73
CA LEU A 53 21.09 -2.62 -1.30
C LEU A 53 22.24 -2.77 -0.30
N TYR A 54 22.16 -2.03 0.81
CA TYR A 54 23.20 -2.09 1.83
C TYR A 54 22.65 -2.57 3.16
N LYS A 55 21.35 -2.84 3.19
CA LYS A 55 20.66 -3.32 4.40
C LYS A 55 21.41 -2.94 5.68
N LYS A 56 21.83 -1.68 5.76
CA LYS A 56 22.56 -1.21 6.93
C LYS A 56 23.80 -2.08 7.17
N LYS A 57 24.91 -1.71 6.57
CA LYS A 57 26.15 -2.47 6.74
C LYS A 57 26.44 -2.69 8.21
N GLY A 1 0.43 3.23 -25.11
CA GLY A 1 0.70 3.98 -23.84
C GLY A 1 -0.62 4.37 -23.20
N SER A 2 -0.72 5.63 -22.78
CA SER A 2 -1.94 6.13 -22.15
C SER A 2 -2.92 6.65 -23.20
N LYS A 3 -3.66 7.69 -22.84
CA LYS A 3 -4.63 8.27 -23.76
C LYS A 3 -5.60 7.21 -24.26
N LYS A 4 -6.29 7.50 -25.35
CA LYS A 4 -7.24 6.57 -25.93
C LYS A 4 -6.63 5.17 -26.03
N LYS A 5 -7.46 4.16 -25.78
CA LYS A 5 -7.00 2.78 -25.84
C LYS A 5 -7.84 1.97 -26.83
N ASP A 6 -7.54 0.68 -26.93
CA ASP A 6 -8.26 -0.20 -27.84
C ASP A 6 -8.14 -1.65 -27.36
N ASN A 7 -8.22 -1.83 -26.05
CA ASN A 7 -8.11 -3.14 -25.45
C ASN A 7 -7.97 -3.00 -23.95
N LEU A 8 -9.02 -2.52 -23.30
CA LEU A 8 -8.98 -2.35 -21.87
C LEU A 8 -8.86 -3.71 -21.20
N LEU A 9 -7.71 -4.33 -21.36
CA LEU A 9 -7.48 -5.64 -20.80
C LEU A 9 -6.98 -5.54 -19.37
N PHE A 10 -6.33 -4.45 -19.05
CA PHE A 10 -5.80 -4.24 -17.70
C PHE A 10 -6.69 -3.29 -16.92
N GLY A 11 -7.64 -2.68 -17.61
CA GLY A 11 -8.56 -1.75 -16.97
C GLY A 11 -9.96 -2.35 -16.88
N SER A 12 -10.06 -3.62 -17.28
CA SER A 12 -11.34 -4.33 -17.26
C SER A 12 -11.22 -5.61 -16.46
N ILE A 13 -10.06 -6.26 -16.56
CA ILE A 13 -9.83 -7.51 -15.83
C ILE A 13 -9.06 -7.24 -14.55
N ILE A 14 -7.82 -6.79 -14.69
CA ILE A 14 -6.98 -6.49 -13.55
C ILE A 14 -7.65 -5.45 -12.66
N SER A 15 -8.56 -4.70 -13.26
CA SER A 15 -9.30 -3.67 -12.54
C SER A 15 -10.54 -4.26 -11.88
N ALA A 16 -10.79 -5.54 -12.16
CA ALA A 16 -11.95 -6.22 -11.62
C ALA A 16 -11.61 -7.67 -11.27
N VAL A 17 -10.32 -7.96 -11.21
CA VAL A 17 -9.88 -9.32 -10.88
C VAL A 17 -10.73 -9.90 -9.77
N ASP A 18 -11.64 -10.79 -10.15
CA ASP A 18 -12.52 -11.42 -9.20
C ASP A 18 -13.05 -10.40 -8.19
N PRO A 19 -14.21 -9.82 -8.41
CA PRO A 19 -14.77 -8.79 -7.48
C PRO A 19 -14.61 -9.20 -6.02
N VAL A 20 -14.56 -10.51 -5.79
CA VAL A 20 -14.39 -11.02 -4.43
C VAL A 20 -12.98 -10.71 -3.94
N ALA A 21 -12.03 -10.75 -4.86
CA ALA A 21 -10.64 -10.47 -4.53
C ALA A 21 -10.45 -8.97 -4.42
N VAL A 22 -11.29 -8.24 -5.15
CA VAL A 22 -11.23 -6.79 -5.14
C VAL A 22 -12.00 -6.26 -3.94
N LEU A 23 -12.97 -7.05 -3.49
CA LEU A 23 -13.77 -6.66 -2.35
C LEU A 23 -12.97 -6.83 -1.06
N ALA A 24 -12.25 -7.94 -0.98
CA ALA A 24 -11.44 -8.19 0.20
C ALA A 24 -10.56 -6.99 0.48
N VAL A 25 -10.44 -6.13 -0.53
CA VAL A 25 -9.65 -4.91 -0.40
C VAL A 25 -10.52 -3.78 0.12
N PHE A 26 -11.78 -3.76 -0.33
CA PHE A 26 -12.70 -2.72 0.09
C PHE A 26 -12.88 -2.76 1.61
N GLU A 27 -12.26 -3.76 2.23
CA GLU A 27 -12.34 -3.92 3.67
C GLU A 27 -11.17 -3.22 4.35
N GLU A 28 -10.50 -2.33 3.62
CA GLU A 28 -9.37 -1.61 4.16
C GLU A 28 -9.31 -0.18 3.61
N ILE A 29 -10.35 0.21 2.89
CA ILE A 29 -10.40 1.56 2.30
C ILE A 29 -11.83 2.08 2.29
N HIS A 30 -12.03 3.19 1.60
CA HIS A 30 -13.35 3.80 1.49
C HIS A 30 -13.56 4.36 0.10
N ILE A 31 -12.46 4.72 -0.55
CA ILE A 31 -12.51 5.27 -1.90
C ILE A 31 -11.10 5.50 -2.45
N ASN A 32 -10.16 5.77 -1.55
CA ASN A 32 -8.78 6.00 -1.93
C ASN A 32 -8.13 4.70 -2.38
N GLU A 33 -8.90 3.86 -3.07
CA GLU A 33 -8.40 2.59 -3.54
C GLU A 33 -7.68 2.77 -4.88
N LEU A 34 -7.54 4.01 -5.29
CA LEU A 34 -6.88 4.32 -6.56
C LEU A 34 -5.50 4.92 -6.31
N LEU A 35 -5.38 5.73 -5.27
CA LEU A 35 -4.11 6.37 -4.93
C LEU A 35 -3.29 5.49 -4.00
N HIS A 36 -3.80 5.34 -2.78
CA HIS A 36 -3.12 4.55 -1.77
C HIS A 36 -2.65 3.21 -2.35
N ILE A 37 -3.15 2.88 -3.54
CA ILE A 37 -2.80 1.62 -4.19
C ILE A 37 -1.52 1.75 -5.01
N LEU A 38 -1.27 2.95 -5.54
CA LEU A 38 -0.08 3.18 -6.35
C LEU A 38 1.13 3.39 -5.46
N VAL A 39 0.96 4.16 -4.40
CA VAL A 39 2.05 4.45 -3.48
C VAL A 39 2.49 3.17 -2.75
N PHE A 40 1.52 2.32 -2.42
CA PHE A 40 1.83 1.07 -1.73
C PHE A 40 2.74 0.20 -2.59
N GLY A 41 2.31 -0.05 -3.82
CA GLY A 41 3.08 -0.87 -4.74
C GLY A 41 4.53 -0.42 -4.79
N GLU A 42 4.76 0.86 -4.57
CA GLU A 42 6.11 1.40 -4.59
C GLU A 42 6.75 1.33 -3.22
N SER A 43 6.00 1.71 -2.19
CA SER A 43 6.52 1.68 -0.82
C SER A 43 7.24 0.36 -0.57
N LEU A 44 6.96 -0.62 -1.41
CA LEU A 44 7.58 -1.93 -1.27
C LEU A 44 8.85 -2.02 -2.12
N LEU A 45 8.88 -1.28 -3.22
CA LEU A 45 10.05 -1.28 -4.09
C LEU A 45 11.03 -0.19 -3.67
N ASN A 46 10.50 0.95 -3.23
CA ASN A 46 11.34 2.05 -2.79
C ASN A 46 12.04 1.67 -1.49
N ASP A 47 11.37 0.86 -0.68
CA ASP A 47 11.93 0.43 0.60
C ASP A 47 12.73 -0.85 0.42
N ALA A 48 12.58 -1.51 -0.73
CA ALA A 48 13.30 -2.76 -0.98
C ALA A 48 14.48 -2.52 -1.91
N VAL A 49 14.66 -1.27 -2.32
CA VAL A 49 15.76 -0.91 -3.22
C VAL A 49 16.87 -0.23 -2.44
N THR A 50 16.50 0.51 -1.40
CA THR A 50 17.47 1.22 -0.57
C THR A 50 17.97 0.31 0.54
N VAL A 51 17.05 -0.48 1.09
CA VAL A 51 17.39 -1.39 2.18
C VAL A 51 18.23 -2.55 1.65
N VAL A 52 17.67 -3.33 0.75
CA VAL A 52 18.35 -4.49 0.19
C VAL A 52 19.71 -4.09 -0.40
N LEU A 53 19.89 -2.81 -0.68
CA LEU A 53 21.14 -2.33 -1.24
C LEU A 53 22.27 -2.43 -0.22
N TYR A 54 22.16 -1.68 0.86
CA TYR A 54 23.19 -1.71 1.90
C TYR A 54 22.91 -2.81 2.92
N LYS A 55 21.64 -3.05 3.15
CA LYS A 55 21.22 -4.08 4.09
C LYS A 55 21.14 -5.45 3.43
N LYS A 56 21.96 -5.63 2.39
CA LYS A 56 22.02 -6.87 1.61
C LYS A 56 21.30 -8.03 2.33
N LYS A 57 19.97 -8.02 2.23
CA LYS A 57 19.17 -9.05 2.88
C LYS A 57 19.82 -10.43 2.72
N GLY A 1 6.02 -17.88 -7.58
CA GLY A 1 6.60 -19.22 -7.29
C GLY A 1 7.96 -19.06 -6.63
N SER A 2 8.89 -18.43 -7.34
CA SER A 2 10.22 -18.21 -6.81
C SER A 2 10.30 -16.87 -6.08
N LYS A 3 10.36 -15.78 -6.85
CA LYS A 3 10.43 -14.45 -6.28
C LYS A 3 11.47 -14.41 -5.16
N LYS A 4 12.70 -14.06 -5.50
CA LYS A 4 13.78 -13.98 -4.52
C LYS A 4 13.31 -13.26 -3.27
N LYS A 5 14.14 -13.25 -2.24
CA LYS A 5 13.82 -12.60 -0.99
C LYS A 5 14.58 -11.29 -0.87
N ASP A 6 13.92 -10.27 -0.35
CA ASP A 6 14.54 -8.95 -0.18
C ASP A 6 13.94 -8.23 1.02
N ASN A 7 13.23 -9.00 1.85
CA ASN A 7 12.61 -8.42 3.04
C ASN A 7 12.69 -9.39 4.20
N LEU A 8 13.40 -10.48 3.96
CA LEU A 8 13.59 -11.52 4.97
C LEU A 8 12.47 -11.51 6.01
N LEU A 9 12.87 -11.50 7.27
CA LEU A 9 11.93 -11.50 8.38
C LEU A 9 11.66 -10.09 8.89
N PHE A 10 12.74 -9.42 9.26
CA PHE A 10 12.65 -8.07 9.81
C PHE A 10 12.43 -7.06 8.70
N GLY A 11 12.68 -7.47 7.47
CA GLY A 11 12.50 -6.59 6.33
C GLY A 11 11.11 -6.75 5.76
N SER A 12 10.33 -7.64 6.37
CA SER A 12 8.96 -7.91 5.91
C SER A 12 7.96 -7.75 7.04
N ILE A 13 8.29 -8.33 8.19
CA ILE A 13 7.39 -8.28 9.34
C ILE A 13 7.52 -6.97 10.10
N ILE A 14 8.71 -6.67 10.58
CA ILE A 14 8.95 -5.44 11.34
C ILE A 14 8.92 -4.24 10.42
N SER A 15 9.12 -4.48 9.13
CA SER A 15 9.15 -3.41 8.16
C SER A 15 7.76 -3.17 7.57
N ALA A 16 6.86 -4.10 7.83
CA ALA A 16 5.49 -3.99 7.32
C ALA A 16 4.49 -4.20 8.45
N VAL A 17 5.00 -4.53 9.63
CA VAL A 17 4.16 -4.76 10.80
C VAL A 17 2.81 -5.32 10.39
N ASP A 18 2.73 -6.65 10.42
CA ASP A 18 1.51 -7.34 10.04
C ASP A 18 0.82 -6.63 8.88
N PRO A 19 1.19 -6.93 7.66
CA PRO A 19 0.58 -6.28 6.47
C PRO A 19 -0.93 -6.21 6.60
N VAL A 20 -1.51 -7.22 7.23
CA VAL A 20 -2.95 -7.25 7.43
C VAL A 20 -3.36 -6.11 8.36
N ALA A 21 -2.44 -5.77 9.26
CA ALA A 21 -2.68 -4.68 10.19
C ALA A 21 -2.56 -3.36 9.48
N VAL A 22 -1.79 -3.37 8.38
CA VAL A 22 -1.59 -2.18 7.58
C VAL A 22 -2.65 -2.10 6.49
N LEU A 23 -3.07 -3.28 6.02
CA LEU A 23 -4.08 -3.36 4.97
C LEU A 23 -5.47 -3.24 5.58
N ALA A 24 -5.65 -3.88 6.73
CA ALA A 24 -6.93 -3.83 7.40
C ALA A 24 -7.43 -2.40 7.46
N VAL A 25 -6.49 -1.47 7.32
CA VAL A 25 -6.80 -0.06 7.34
C VAL A 25 -7.10 0.44 5.94
N PHE A 26 -6.21 0.14 5.00
CA PHE A 26 -6.39 0.56 3.61
C PHE A 26 -7.67 -0.02 3.05
N GLU A 27 -8.08 -1.15 3.59
CA GLU A 27 -9.31 -1.79 3.15
C GLU A 27 -10.49 -0.87 3.41
N GLU A 28 -10.21 0.29 4.01
CA GLU A 28 -11.26 1.25 4.31
C GLU A 28 -10.81 2.68 4.01
N ILE A 29 -10.70 3.50 5.05
CA ILE A 29 -10.29 4.90 4.89
C ILE A 29 -11.02 5.53 3.72
N HIS A 30 -10.62 6.74 3.35
CA HIS A 30 -11.26 7.45 2.25
C HIS A 30 -10.31 8.50 1.67
N ILE A 31 -9.06 8.47 2.13
CA ILE A 31 -8.05 9.42 1.66
C ILE A 31 -6.92 8.69 0.95
N ASN A 32 -6.35 7.71 1.63
CA ASN A 32 -5.26 6.93 1.07
C ASN A 32 -5.76 5.57 0.59
N GLU A 33 -6.95 5.57 -0.01
CA GLU A 33 -7.54 4.33 -0.51
C GLU A 33 -7.47 4.27 -2.04
N LEU A 34 -7.13 5.41 -2.65
CA LEU A 34 -7.03 5.49 -4.10
C LEU A 34 -5.58 5.72 -4.55
N LEU A 35 -4.95 6.74 -3.98
CA LEU A 35 -3.58 7.06 -4.34
C LEU A 35 -2.59 6.01 -3.86
N HIS A 36 -2.72 5.62 -2.59
CA HIS A 36 -1.83 4.60 -2.04
C HIS A 36 -1.71 3.43 -3.00
N ILE A 37 -2.83 3.13 -3.66
CA ILE A 37 -2.88 2.05 -4.62
C ILE A 37 -1.64 2.05 -5.50
N LEU A 38 -1.08 3.24 -5.71
CA LEU A 38 0.12 3.39 -6.53
C LEU A 38 1.37 3.26 -5.68
N VAL A 39 1.46 4.08 -4.64
CA VAL A 39 2.62 4.05 -3.76
C VAL A 39 2.84 2.65 -3.22
N PHE A 40 1.80 2.06 -2.64
CA PHE A 40 1.94 0.72 -2.08
C PHE A 40 2.73 -0.18 -3.02
N GLY A 41 2.24 -0.33 -4.25
CA GLY A 41 2.90 -1.16 -5.24
C GLY A 41 4.40 -0.89 -5.27
N GLU A 42 4.77 0.39 -5.18
CA GLU A 42 6.17 0.77 -5.20
C GLU A 42 6.75 0.83 -3.79
N SER A 43 5.89 0.79 -2.79
CA SER A 43 6.35 0.84 -1.41
C SER A 43 7.14 -0.43 -1.09
N LEU A 44 6.90 -1.47 -1.88
CA LEU A 44 7.59 -2.73 -1.69
C LEU A 44 8.87 -2.78 -2.52
N LEU A 45 8.89 -2.01 -3.60
CA LEU A 45 10.06 -1.98 -4.48
C LEU A 45 11.03 -0.88 -4.03
N ASN A 46 10.48 0.25 -3.59
CA ASN A 46 11.31 1.35 -3.13
C ASN A 46 11.90 0.99 -1.77
N ASP A 47 11.19 0.14 -1.04
CA ASP A 47 11.64 -0.28 0.27
C ASP A 47 12.51 -1.54 0.15
N ALA A 48 12.45 -2.19 -1.00
CA ALA A 48 13.24 -3.39 -1.23
C ALA A 48 14.49 -3.07 -2.02
N VAL A 49 14.60 -1.82 -2.48
CA VAL A 49 15.76 -1.39 -3.25
C VAL A 49 16.59 -0.41 -2.43
N THR A 50 15.95 0.24 -1.47
CA THR A 50 16.64 1.19 -0.61
C THR A 50 17.19 0.50 0.62
N VAL A 51 16.34 -0.24 1.31
CA VAL A 51 16.74 -0.95 2.52
C VAL A 51 17.75 -2.04 2.19
N VAL A 52 17.65 -2.59 0.98
CA VAL A 52 18.56 -3.64 0.55
C VAL A 52 19.89 -3.05 0.09
N LEU A 53 19.88 -1.77 -0.25
CA LEU A 53 21.07 -1.10 -0.71
C LEU A 53 22.12 -1.04 0.40
N TYR A 54 21.79 -0.35 1.48
CA TYR A 54 22.72 -0.21 2.60
C TYR A 54 22.49 -1.31 3.64
N LYS A 55 21.65 -2.28 3.29
CA LYS A 55 21.32 -3.41 4.16
C LYS A 55 21.58 -3.08 5.63
N LYS A 56 21.12 -1.92 6.07
CA LYS A 56 21.31 -1.50 7.46
C LYS A 56 22.79 -1.52 7.82
N LYS A 57 23.45 -0.37 7.67
CA LYS A 57 24.87 -0.27 7.98
C LYS A 57 25.06 0.30 9.38
N GLY A 1 22.29 -4.26 -20.03
CA GLY A 1 22.16 -3.47 -18.78
C GLY A 1 21.35 -2.20 -19.06
N SER A 2 20.57 -1.77 -18.07
CA SER A 2 19.76 -0.58 -18.22
C SER A 2 19.75 0.23 -16.92
N LYS A 3 19.49 1.52 -17.04
CA LYS A 3 19.45 2.40 -15.87
C LYS A 3 18.02 2.60 -15.39
N LYS A 4 17.85 3.44 -14.38
CA LYS A 4 16.52 3.72 -13.84
C LYS A 4 15.88 4.91 -14.56
N LYS A 5 14.57 5.03 -14.43
CA LYS A 5 13.84 6.12 -15.06
C LYS A 5 12.59 6.46 -14.27
N ASP A 6 11.82 7.43 -14.77
CA ASP A 6 10.58 7.83 -14.11
C ASP A 6 9.84 6.61 -13.59
N ASN A 7 8.94 6.10 -14.42
CA ASN A 7 8.15 4.93 -14.05
C ASN A 7 7.33 4.45 -15.25
N LEU A 8 7.89 4.63 -16.44
CA LEU A 8 7.22 4.23 -17.67
C LEU A 8 7.09 2.72 -17.72
N LEU A 9 8.22 2.05 -17.60
CA LEU A 9 8.26 0.60 -17.64
C LEU A 9 7.24 -0.01 -16.69
N PHE A 10 7.03 0.63 -15.55
CA PHE A 10 6.08 0.14 -14.55
C PHE A 10 4.79 0.95 -14.60
N GLY A 11 4.81 2.03 -15.37
CA GLY A 11 3.63 2.87 -15.52
C GLY A 11 3.06 2.71 -16.91
N SER A 12 3.63 1.74 -17.63
CA SER A 12 3.22 1.49 -19.01
C SER A 12 2.82 0.02 -19.18
N ILE A 13 3.58 -0.87 -18.56
CA ILE A 13 3.30 -2.30 -18.67
C ILE A 13 2.51 -2.79 -17.45
N ILE A 14 3.13 -2.68 -16.28
CA ILE A 14 2.49 -3.10 -15.05
C ILE A 14 1.16 -2.40 -14.88
N SER A 15 1.06 -1.22 -15.49
CA SER A 15 -0.15 -0.42 -15.42
C SER A 15 -1.16 -0.90 -16.45
N ALA A 16 -0.72 -1.77 -17.35
CA ALA A 16 -1.58 -2.30 -18.39
C ALA A 16 -1.38 -3.80 -18.53
N VAL A 17 -0.78 -4.42 -17.51
CA VAL A 17 -0.53 -5.85 -17.54
C VAL A 17 -1.84 -6.62 -17.41
N ASP A 18 -2.23 -7.24 -18.52
CA ASP A 18 -3.46 -8.02 -18.55
C ASP A 18 -4.57 -7.32 -17.78
N PRO A 19 -5.43 -6.58 -18.44
CA PRO A 19 -6.54 -5.86 -17.74
C PRO A 19 -7.21 -6.73 -16.70
N VAL A 20 -7.21 -8.03 -16.95
CA VAL A 20 -7.82 -8.97 -16.00
C VAL A 20 -7.03 -8.97 -14.70
N ALA A 21 -5.72 -8.79 -14.81
CA ALA A 21 -4.86 -8.75 -13.64
C ALA A 21 -4.98 -7.39 -12.97
N VAL A 22 -5.37 -6.39 -13.76
CA VAL A 22 -5.54 -5.05 -13.24
C VAL A 22 -6.97 -4.87 -12.75
N LEU A 23 -7.88 -5.63 -13.34
CA LEU A 23 -9.28 -5.56 -12.96
C LEU A 23 -9.50 -6.34 -11.67
N ALA A 24 -8.77 -7.44 -11.52
CA ALA A 24 -8.89 -8.23 -10.31
C ALA A 24 -8.56 -7.37 -9.10
N VAL A 25 -7.96 -6.22 -9.37
CA VAL A 25 -7.60 -5.27 -8.33
C VAL A 25 -8.75 -4.31 -8.10
N PHE A 26 -9.44 -3.94 -9.17
CA PHE A 26 -10.56 -3.02 -9.07
C PHE A 26 -11.67 -3.64 -8.22
N GLU A 27 -11.43 -4.86 -7.75
CA GLU A 27 -12.40 -5.56 -6.93
C GLU A 27 -12.03 -5.46 -5.45
N GLU A 28 -11.04 -4.63 -5.16
CA GLU A 28 -10.57 -4.45 -3.78
C GLU A 28 -10.15 -3.01 -3.54
N ILE A 29 -10.73 -2.09 -4.32
CA ILE A 29 -10.40 -0.67 -4.17
C ILE A 29 -11.57 0.20 -4.59
N HIS A 30 -11.31 1.08 -5.55
CA HIS A 30 -12.30 1.99 -6.07
C HIS A 30 -12.38 3.23 -5.18
N ILE A 31 -13.01 4.28 -5.70
CA ILE A 31 -13.14 5.54 -4.96
C ILE A 31 -11.78 6.16 -4.69
N ASN A 32 -11.27 5.97 -3.47
CA ASN A 32 -9.99 6.54 -3.07
C ASN A 32 -8.99 5.46 -2.73
N GLU A 33 -9.18 4.28 -3.33
CA GLU A 33 -8.28 3.16 -3.10
C GLU A 33 -7.55 2.83 -4.39
N LEU A 34 -7.60 3.77 -5.33
CA LEU A 34 -6.93 3.61 -6.62
C LEU A 34 -5.75 4.57 -6.71
N LEU A 35 -5.73 5.55 -5.80
CA LEU A 35 -4.65 6.53 -5.78
C LEU A 35 -3.50 6.05 -4.90
N HIS A 36 -3.82 5.18 -3.95
CA HIS A 36 -2.80 4.64 -3.04
C HIS A 36 -2.21 3.36 -3.63
N ILE A 37 -2.81 2.90 -4.71
CA ILE A 37 -2.36 1.69 -5.38
C ILE A 37 -0.88 1.77 -5.71
N LEU A 38 -0.39 3.01 -5.86
CA LEU A 38 1.01 3.23 -6.18
C LEU A 38 1.80 3.59 -4.93
N VAL A 39 1.19 4.38 -4.07
CA VAL A 39 1.84 4.81 -2.83
C VAL A 39 2.15 3.60 -1.95
N PHE A 40 1.24 2.62 -1.95
CA PHE A 40 1.42 1.42 -1.15
C PHE A 40 2.36 0.45 -1.86
N GLY A 41 2.24 0.36 -3.17
CA GLY A 41 3.08 -0.54 -3.95
C GLY A 41 4.54 -0.09 -3.92
N GLU A 42 4.74 1.23 -3.92
CA GLU A 42 6.09 1.77 -3.89
C GLU A 42 6.73 1.56 -2.53
N SER A 43 6.08 2.04 -1.48
CA SER A 43 6.62 1.87 -0.14
C SER A 43 7.17 0.45 0.04
N LEU A 44 6.70 -0.45 -0.82
CA LEU A 44 7.13 -1.84 -0.75
C LEU A 44 8.41 -2.04 -1.58
N LEU A 45 8.50 -1.33 -2.69
CA LEU A 45 9.68 -1.45 -3.55
C LEU A 45 10.77 -0.46 -3.12
N ASN A 46 10.35 0.69 -2.62
CA ASN A 46 11.30 1.70 -2.18
C ASN A 46 12.04 1.21 -0.94
N ASP A 47 11.37 0.38 -0.15
CA ASP A 47 11.98 -0.17 1.06
C ASP A 47 12.72 -1.46 0.76
N ALA A 48 12.52 -2.00 -0.45
CA ALA A 48 13.16 -3.25 -0.85
C ALA A 48 14.24 -2.98 -1.89
N VAL A 49 14.41 -1.71 -2.26
CA VAL A 49 15.41 -1.33 -3.25
C VAL A 49 16.51 -0.50 -2.60
N THR A 50 16.17 0.16 -1.50
CA THR A 50 17.14 1.00 -0.79
C THR A 50 17.89 0.19 0.25
N VAL A 51 17.16 -0.66 0.96
CA VAL A 51 17.77 -1.49 2.00
C VAL A 51 18.55 -2.64 1.36
N VAL A 52 17.97 -3.26 0.35
CA VAL A 52 18.62 -4.38 -0.33
C VAL A 52 19.88 -3.91 -1.06
N LEU A 53 20.01 -2.59 -1.20
CA LEU A 53 21.15 -2.01 -1.89
C LEU A 53 22.38 -1.99 -0.99
N TYR A 54 22.31 -1.25 0.12
CA TYR A 54 23.45 -1.15 1.04
C TYR A 54 23.18 -1.84 2.37
N LYS A 55 21.96 -2.35 2.53
CA LYS A 55 21.57 -3.05 3.76
C LYS A 55 22.36 -2.57 4.98
N LYS A 56 22.50 -1.25 5.10
CA LYS A 56 23.22 -0.67 6.22
C LYS A 56 24.61 -1.29 6.33
N LYS A 57 25.56 -0.72 5.59
CA LYS A 57 26.93 -1.23 5.61
C LYS A 57 27.59 -0.95 6.95
N GLY A 1 18.28 9.97 -21.45
CA GLY A 1 17.43 9.04 -20.64
C GLY A 1 15.96 9.38 -20.84
N SER A 2 15.69 10.66 -21.14
CA SER A 2 14.31 11.11 -21.35
C SER A 2 13.87 10.78 -22.77
N LYS A 3 14.27 11.60 -23.73
CA LYS A 3 13.92 11.41 -25.14
C LYS A 3 12.54 10.78 -25.27
N LYS A 4 12.51 9.49 -25.60
CA LYS A 4 11.25 8.77 -25.76
C LYS A 4 10.26 9.18 -24.66
N LYS A 5 10.24 8.39 -23.59
CA LYS A 5 9.34 8.67 -22.47
C LYS A 5 10.08 8.57 -21.16
N ASP A 6 9.36 8.77 -20.05
CA ASP A 6 9.96 8.70 -18.73
C ASP A 6 8.92 8.35 -17.67
N ASN A 7 7.76 7.89 -18.10
CA ASN A 7 6.70 7.52 -17.15
C ASN A 7 5.40 7.16 -17.88
N LEU A 8 5.53 6.64 -19.09
CA LEU A 8 4.35 6.25 -19.87
C LEU A 8 3.78 4.94 -19.34
N LEU A 9 3.97 4.71 -18.05
CA LEU A 9 3.47 3.50 -17.42
C LEU A 9 2.00 3.29 -17.75
N PHE A 10 1.18 4.26 -17.37
CA PHE A 10 -0.25 4.19 -17.62
C PHE A 10 -0.55 4.23 -19.11
N GLY A 11 0.12 5.13 -19.80
CA GLY A 11 -0.07 5.27 -21.24
C GLY A 11 0.51 4.07 -21.97
N SER A 12 0.96 3.09 -21.20
CA SER A 12 1.54 1.87 -21.76
C SER A 12 0.82 0.65 -21.20
N ILE A 13 0.39 0.76 -19.95
CA ILE A 13 -0.32 -0.33 -19.29
C ILE A 13 -1.82 -0.10 -19.33
N ILE A 14 -2.25 1.01 -18.74
CA ILE A 14 -3.67 1.34 -18.70
C ILE A 14 -4.18 1.58 -20.11
N SER A 15 -3.26 1.89 -21.00
CA SER A 15 -3.60 2.16 -22.39
C SER A 15 -3.72 0.85 -23.16
N ALA A 16 -3.55 -0.27 -22.47
CA ALA A 16 -3.64 -1.57 -23.11
C ALA A 16 -4.23 -2.59 -22.16
N VAL A 17 -4.79 -2.11 -21.05
CA VAL A 17 -5.39 -2.99 -20.07
C VAL A 17 -6.85 -3.26 -20.45
N ASP A 18 -7.61 -3.79 -19.52
CA ASP A 18 -9.02 -4.09 -19.75
C ASP A 18 -9.78 -4.14 -18.43
N PRO A 19 -11.00 -3.64 -18.37
CA PRO A 19 -11.80 -3.64 -17.12
C PRO A 19 -11.61 -4.91 -16.31
N VAL A 20 -11.76 -6.05 -16.95
CA VAL A 20 -11.60 -7.33 -16.27
C VAL A 20 -10.25 -7.40 -15.58
N ALA A 21 -9.24 -6.79 -16.19
CA ALA A 21 -7.91 -6.78 -15.60
C ALA A 21 -7.83 -5.71 -14.52
N VAL A 22 -8.67 -4.71 -14.65
CA VAL A 22 -8.69 -3.62 -13.67
C VAL A 22 -9.67 -3.98 -12.57
N LEU A 23 -10.54 -4.94 -12.85
CA LEU A 23 -11.53 -5.38 -11.89
C LEU A 23 -10.95 -6.49 -11.03
N ALA A 24 -10.20 -7.39 -11.65
CA ALA A 24 -9.58 -8.48 -10.91
C ALA A 24 -8.80 -7.91 -9.74
N VAL A 25 -8.54 -6.61 -9.81
CA VAL A 25 -7.82 -5.92 -8.76
C VAL A 25 -8.79 -5.41 -7.70
N PHE A 26 -9.99 -5.04 -8.15
CA PHE A 26 -10.99 -4.54 -7.23
C PHE A 26 -11.38 -5.63 -6.24
N GLU A 27 -10.79 -6.80 -6.42
CA GLU A 27 -11.07 -7.92 -5.53
C GLU A 27 -10.20 -7.81 -4.28
N GLU A 28 -9.30 -6.81 -4.29
CA GLU A 28 -8.41 -6.58 -3.16
C GLU A 28 -8.46 -5.13 -2.71
N ILE A 29 -9.06 -4.28 -3.53
CA ILE A 29 -9.16 -2.87 -3.20
C ILE A 29 -10.46 -2.26 -3.70
N HIS A 30 -10.87 -1.20 -3.03
CA HIS A 30 -12.08 -0.49 -3.39
C HIS A 30 -12.22 0.72 -2.46
N ILE A 31 -13.21 1.56 -2.71
CA ILE A 31 -13.42 2.75 -1.88
C ILE A 31 -12.21 3.68 -1.87
N ASN A 32 -11.33 3.48 -0.88
CA ASN A 32 -10.15 4.34 -0.73
C ASN A 32 -8.88 3.52 -0.76
N GLU A 33 -8.92 2.37 -1.41
CA GLU A 33 -7.75 1.52 -1.52
C GLU A 33 -7.33 1.49 -2.99
N LEU A 34 -7.85 2.45 -3.73
CA LEU A 34 -7.54 2.57 -5.15
C LEU A 34 -6.58 3.74 -5.34
N LEU A 35 -6.51 4.60 -4.33
CA LEU A 35 -5.64 5.77 -4.39
C LEU A 35 -4.25 5.45 -3.85
N HIS A 36 -4.16 4.45 -2.98
CA HIS A 36 -2.87 4.06 -2.40
C HIS A 36 -2.20 3.01 -3.27
N ILE A 37 -2.92 2.56 -4.29
CA ILE A 37 -2.42 1.55 -5.20
C ILE A 37 -1.11 1.99 -5.84
N LEU A 38 -0.88 3.29 -5.84
CA LEU A 38 0.34 3.83 -6.41
C LEU A 38 1.39 4.11 -5.34
N VAL A 39 0.96 4.73 -4.25
CA VAL A 39 1.86 5.04 -3.16
C VAL A 39 2.48 3.77 -2.58
N PHE A 40 1.66 2.74 -2.43
CA PHE A 40 2.13 1.47 -1.88
C PHE A 40 2.86 0.66 -2.96
N GLY A 41 2.71 1.08 -4.21
CA GLY A 41 3.35 0.39 -5.31
C GLY A 41 4.86 0.60 -5.31
N GLU A 42 5.28 1.81 -4.94
CA GLU A 42 6.70 2.13 -4.89
C GLU A 42 7.23 2.02 -3.47
N SER A 43 6.48 2.55 -2.51
CA SER A 43 6.92 2.49 -1.12
C SER A 43 7.39 1.08 -0.78
N LEU A 44 7.00 0.12 -1.61
CA LEU A 44 7.39 -1.26 -1.40
C LEU A 44 8.68 -1.58 -2.16
N LEU A 45 8.89 -0.89 -3.29
CA LEU A 45 10.09 -1.12 -4.08
C LEU A 45 11.21 -0.18 -3.65
N ASN A 46 10.84 1.04 -3.27
CA ASN A 46 11.82 2.02 -2.83
C ASN A 46 12.42 1.58 -1.50
N ASP A 47 11.62 0.89 -0.70
CA ASP A 47 12.08 0.41 0.60
C ASP A 47 12.69 -0.98 0.47
N ALA A 48 12.45 -1.64 -0.66
CA ALA A 48 12.98 -2.98 -0.87
C ALA A 48 14.19 -2.93 -1.81
N VAL A 49 14.54 -1.73 -2.26
CA VAL A 49 15.67 -1.56 -3.16
C VAL A 49 16.85 -0.92 -2.42
N THR A 50 16.53 -0.06 -1.46
CA THR A 50 17.57 0.61 -0.69
C THR A 50 17.93 -0.21 0.55
N VAL A 51 16.91 -0.65 1.27
CA VAL A 51 17.13 -1.45 2.47
C VAL A 51 17.81 -2.76 2.13
N VAL A 52 17.59 -3.24 0.90
CA VAL A 52 18.19 -4.49 0.47
C VAL A 52 19.59 -4.24 -0.10
N LEU A 53 19.83 -3.01 -0.54
CA LEU A 53 21.12 -2.65 -1.09
C LEU A 53 22.23 -2.87 -0.06
N TYR A 54 22.21 -2.08 1.00
CA TYR A 54 23.23 -2.19 2.04
C TYR A 54 22.82 -3.26 3.06
N LYS A 55 21.70 -3.93 2.78
CA LYS A 55 21.17 -4.99 3.65
C LYS A 55 21.64 -4.83 5.09
N LYS A 56 21.54 -3.61 5.61
CA LYS A 56 21.95 -3.34 6.99
C LYS A 56 23.42 -3.71 7.19
N LYS A 57 24.29 -2.71 7.08
CA LYS A 57 25.72 -2.94 7.25
C LYS A 57 26.14 -4.22 6.55
N GLY A 1 -11.88 17.32 -3.50
CA GLY A 1 -10.63 16.66 -3.98
C GLY A 1 -10.66 15.19 -3.62
N SER A 2 -9.87 14.81 -2.61
CA SER A 2 -9.81 13.42 -2.17
C SER A 2 -10.92 13.13 -1.17
N LYS A 3 -11.63 12.02 -1.37
CA LYS A 3 -12.71 11.64 -0.48
C LYS A 3 -13.24 10.25 -0.84
N LYS A 4 -14.13 9.73 -0.01
CA LYS A 4 -14.71 8.42 -0.24
C LYS A 4 -15.23 8.31 -1.67
N LYS A 5 -15.52 7.09 -2.10
CA LYS A 5 -16.02 6.86 -3.44
C LYS A 5 -17.53 6.68 -3.44
N ASP A 6 -18.10 6.46 -4.61
CA ASP A 6 -19.54 6.28 -4.73
C ASP A 6 -19.94 5.85 -6.14
N ASN A 7 -18.99 5.24 -6.85
CA ASN A 7 -19.26 4.80 -8.22
C ASN A 7 -18.06 4.05 -8.80
N LEU A 8 -17.15 3.66 -7.92
CA LEU A 8 -15.96 2.95 -8.37
C LEU A 8 -16.18 1.44 -8.33
N LEU A 9 -17.44 1.03 -8.47
CA LEU A 9 -17.76 -0.39 -8.46
C LEU A 9 -17.02 -1.13 -9.56
N PHE A 10 -16.24 -0.38 -10.34
CA PHE A 10 -15.48 -0.97 -11.44
C PHE A 10 -13.99 -0.98 -11.11
N GLY A 11 -13.53 0.09 -10.49
CA GLY A 11 -12.12 0.21 -10.13
C GLY A 11 -11.87 -0.43 -8.77
N SER A 12 -12.89 -1.08 -8.24
CA SER A 12 -12.79 -1.72 -6.93
C SER A 12 -13.17 -3.19 -7.02
N ILE A 13 -14.09 -3.50 -7.91
CA ILE A 13 -14.56 -4.86 -8.09
C ILE A 13 -13.87 -5.54 -9.27
N ILE A 14 -13.95 -4.91 -10.44
CA ILE A 14 -13.35 -5.46 -11.65
C ILE A 14 -11.86 -5.20 -11.68
N SER A 15 -11.38 -4.44 -10.73
CA SER A 15 -9.96 -4.11 -10.67
C SER A 15 -9.24 -5.14 -9.83
N ALA A 16 -10.02 -5.85 -9.03
CA ALA A 16 -9.47 -6.89 -8.17
C ALA A 16 -10.29 -8.16 -8.30
N VAL A 17 -11.34 -8.08 -9.13
CA VAL A 17 -12.23 -9.21 -9.42
C VAL A 17 -12.69 -10.00 -8.19
N ASP A 18 -13.90 -10.52 -8.29
CA ASP A 18 -14.49 -11.31 -7.23
C ASP A 18 -14.57 -10.52 -5.91
N PRO A 19 -15.66 -10.61 -5.18
CA PRO A 19 -15.79 -9.86 -3.90
C PRO A 19 -14.88 -10.43 -2.82
N VAL A 20 -14.37 -11.63 -3.06
CA VAL A 20 -13.47 -12.27 -2.11
C VAL A 20 -12.04 -11.86 -2.42
N ALA A 21 -11.73 -11.73 -3.71
CA ALA A 21 -10.40 -11.32 -4.11
C ALA A 21 -10.28 -9.82 -3.94
N VAL A 22 -11.43 -9.16 -3.84
CA VAL A 22 -11.47 -7.72 -3.64
C VAL A 22 -11.36 -7.42 -2.15
N LEU A 23 -11.74 -8.41 -1.35
CA LEU A 23 -11.69 -8.25 0.10
C LEU A 23 -10.29 -8.54 0.62
N ALA A 24 -9.68 -9.60 0.11
CA ALA A 24 -8.34 -9.96 0.53
C ALA A 24 -7.43 -8.74 0.45
N VAL A 25 -7.91 -7.73 -0.26
CA VAL A 25 -7.16 -6.49 -0.41
C VAL A 25 -7.52 -5.51 0.70
N PHE A 26 -8.81 -5.32 0.92
CA PHE A 26 -9.27 -4.40 1.95
C PHE A 26 -8.68 -4.79 3.30
N GLU A 27 -8.32 -6.05 3.44
CA GLU A 27 -7.72 -6.52 4.68
C GLU A 27 -6.35 -5.90 4.88
N GLU A 28 -5.98 -5.00 3.98
CA GLU A 28 -4.68 -4.33 4.07
C GLU A 28 -4.81 -2.84 3.78
N ILE A 29 -5.82 -2.46 2.99
CA ILE A 29 -6.04 -1.06 2.65
C ILE A 29 -7.46 -0.63 2.99
N HIS A 30 -7.83 0.55 2.50
CA HIS A 30 -9.17 1.09 2.74
C HIS A 30 -9.24 2.54 2.29
N ILE A 31 -8.08 3.17 2.15
CA ILE A 31 -8.03 4.57 1.72
C ILE A 31 -8.93 4.78 0.51
N ASN A 32 -8.48 4.34 -0.65
CA ASN A 32 -9.27 4.50 -1.86
C ASN A 32 -9.19 3.28 -2.78
N GLU A 33 -8.15 2.47 -2.62
CA GLU A 33 -7.96 1.27 -3.44
C GLU A 33 -7.30 1.63 -4.77
N LEU A 34 -7.53 2.85 -5.24
CA LEU A 34 -6.96 3.29 -6.51
C LEU A 34 -5.92 4.40 -6.31
N LEU A 35 -6.07 5.18 -5.24
CA LEU A 35 -5.13 6.28 -5.00
C LEU A 35 -3.83 5.78 -4.38
N HIS A 36 -3.90 4.81 -3.49
CA HIS A 36 -2.70 4.28 -2.85
C HIS A 36 -2.12 3.13 -3.65
N ILE A 37 -2.97 2.53 -4.49
CA ILE A 37 -2.54 1.40 -5.32
C ILE A 37 -1.12 1.61 -5.82
N LEU A 38 -0.73 2.86 -5.99
CA LEU A 38 0.61 3.18 -6.48
C LEU A 38 1.52 3.59 -5.33
N VAL A 39 1.02 4.48 -4.47
CA VAL A 39 1.80 4.94 -3.34
C VAL A 39 2.19 3.77 -2.43
N PHE A 40 1.25 2.87 -2.19
CA PHE A 40 1.49 1.72 -1.36
C PHE A 40 2.37 0.70 -2.08
N GLY A 41 2.40 0.80 -3.41
CA GLY A 41 3.20 -0.12 -4.21
C GLY A 41 4.68 0.26 -4.14
N GLU A 42 4.97 1.55 -4.24
CA GLU A 42 6.34 2.03 -4.19
C GLU A 42 6.92 1.83 -2.80
N SER A 43 6.28 2.42 -1.79
CA SER A 43 6.76 2.29 -0.43
C SER A 43 7.21 0.86 -0.15
N LEU A 44 6.73 -0.08 -0.96
CA LEU A 44 7.09 -1.48 -0.80
C LEU A 44 8.37 -1.79 -1.57
N LEU A 45 8.54 -1.17 -2.73
CA LEU A 45 9.73 -1.40 -3.54
C LEU A 45 10.84 -0.44 -3.14
N ASN A 46 10.46 0.75 -2.71
CA ASN A 46 11.44 1.74 -2.29
C ASN A 46 12.19 1.24 -1.06
N ASP A 47 11.48 0.56 -0.19
CA ASP A 47 12.07 0.02 1.02
C ASP A 47 12.77 -1.32 0.73
N ALA A 48 12.56 -1.82 -0.49
CA ALA A 48 13.16 -3.09 -0.89
C ALA A 48 14.29 -2.84 -1.88
N VAL A 49 14.52 -1.58 -2.21
CA VAL A 49 15.58 -1.20 -3.15
C VAL A 49 16.67 -0.42 -2.43
N THR A 50 16.30 0.18 -1.30
CA THR A 50 17.25 0.97 -0.51
C THR A 50 17.96 0.10 0.52
N VAL A 51 17.21 -0.82 1.11
CA VAL A 51 17.78 -1.72 2.12
C VAL A 51 18.51 -2.87 1.46
N VAL A 52 17.91 -3.43 0.41
CA VAL A 52 18.52 -4.55 -0.30
C VAL A 52 19.81 -4.10 -0.99
N LEU A 53 19.99 -2.78 -1.09
CA LEU A 53 21.16 -2.23 -1.74
C LEU A 53 22.39 -2.34 -0.83
N TYR A 54 22.34 -1.68 0.32
CA TYR A 54 23.46 -1.71 1.26
C TYR A 54 23.05 -2.26 2.62
N LYS A 55 21.76 -2.61 2.74
CA LYS A 55 21.21 -3.17 3.98
C LYS A 55 22.01 -2.74 5.21
N LYS A 56 22.31 -1.45 5.30
CA LYS A 56 23.06 -0.94 6.44
C LYS A 56 24.39 -1.69 6.58
N LYS A 57 25.45 -1.11 6.02
CA LYS A 57 26.77 -1.74 6.08
C LYS A 57 26.69 -3.21 5.68
N GLY A 1 -22.00 12.27 -14.00
CA GLY A 1 -22.75 11.21 -14.73
C GLY A 1 -22.52 11.35 -16.23
N SER A 2 -23.59 11.58 -16.97
CA SER A 2 -23.49 11.74 -18.42
C SER A 2 -23.24 10.38 -19.07
N LYS A 3 -22.18 9.70 -18.65
CA LYS A 3 -21.84 8.41 -19.20
C LYS A 3 -21.89 8.44 -20.73
N LYS A 4 -22.82 7.68 -21.30
CA LYS A 4 -22.97 7.64 -22.75
C LYS A 4 -21.60 7.62 -23.43
N LYS A 5 -20.89 6.50 -23.28
CA LYS A 5 -19.57 6.37 -23.88
C LYS A 5 -19.62 5.39 -25.06
N ASP A 6 -18.46 5.19 -25.69
CA ASP A 6 -18.38 4.28 -26.84
C ASP A 6 -17.56 3.04 -26.50
N ASN A 7 -16.90 3.08 -25.35
CA ASN A 7 -16.09 1.95 -24.92
C ASN A 7 -16.27 1.72 -23.43
N LEU A 8 -17.44 1.21 -23.04
CA LEU A 8 -17.72 0.94 -21.64
C LEU A 8 -16.49 0.36 -20.97
N LEU A 9 -15.72 1.23 -20.31
CA LEU A 9 -14.51 0.81 -19.62
C LEU A 9 -14.83 -0.28 -18.59
N PHE A 10 -16.12 -0.56 -18.43
CA PHE A 10 -16.54 -1.57 -17.48
C PHE A 10 -16.98 -2.84 -18.20
N GLY A 11 -17.14 -2.72 -19.52
CA GLY A 11 -17.54 -3.86 -20.34
C GLY A 11 -16.39 -4.35 -21.21
N SER A 12 -15.22 -3.75 -21.01
CA SER A 12 -14.04 -4.13 -21.79
C SER A 12 -12.89 -4.47 -20.85
N ILE A 13 -12.79 -3.72 -19.76
CA ILE A 13 -11.73 -3.92 -18.79
C ILE A 13 -12.22 -4.75 -17.60
N ILE A 14 -13.13 -4.18 -16.83
CA ILE A 14 -13.67 -4.88 -15.66
C ILE A 14 -14.31 -6.19 -16.09
N SER A 15 -14.69 -6.25 -17.36
CA SER A 15 -15.31 -7.44 -17.90
C SER A 15 -14.26 -8.38 -18.48
N ALA A 16 -13.00 -7.99 -18.38
CA ALA A 16 -11.91 -8.79 -18.91
C ALA A 16 -11.00 -9.24 -17.78
N VAL A 17 -11.18 -8.64 -16.60
CA VAL A 17 -10.38 -9.00 -15.45
C VAL A 17 -11.22 -9.70 -14.39
N ASP A 18 -10.89 -10.95 -14.15
CA ASP A 18 -11.61 -11.76 -13.16
C ASP A 18 -11.96 -10.90 -11.93
N PRO A 19 -13.20 -10.47 -11.78
CA PRO A 19 -13.60 -9.63 -10.61
C PRO A 19 -13.09 -10.20 -9.30
N VAL A 20 -12.90 -11.51 -9.27
CA VAL A 20 -12.39 -12.16 -8.07
C VAL A 20 -11.00 -11.64 -7.76
N ALA A 21 -10.24 -11.33 -8.81
CA ALA A 21 -8.90 -10.80 -8.64
C ALA A 21 -8.97 -9.35 -8.23
N VAL A 22 -10.09 -8.71 -8.56
CA VAL A 22 -10.31 -7.31 -8.21
C VAL A 22 -10.94 -7.23 -6.83
N LEU A 23 -11.69 -8.27 -6.49
CA LEU A 23 -12.36 -8.32 -5.19
C LEU A 23 -11.39 -8.82 -4.13
N ALA A 24 -10.58 -9.80 -4.49
CA ALA A 24 -9.61 -10.35 -3.56
C ALA A 24 -8.76 -9.24 -2.98
N VAL A 25 -8.85 -8.06 -3.59
CA VAL A 25 -8.11 -6.91 -3.13
C VAL A 25 -8.92 -6.12 -2.11
N PHE A 26 -10.20 -5.93 -2.41
CA PHE A 26 -11.08 -5.20 -1.50
C PHE A 26 -11.06 -5.84 -0.12
N GLU A 27 -10.39 -6.97 -0.01
CA GLU A 27 -10.29 -7.67 1.27
C GLU A 27 -9.25 -6.99 2.16
N GLU A 28 -8.42 -6.15 1.54
CA GLU A 28 -7.38 -5.43 2.28
C GLU A 28 -7.63 -3.93 2.22
N ILE A 29 -8.44 -3.51 1.25
CA ILE A 29 -8.76 -2.10 1.10
C ILE A 29 -10.27 -1.91 0.98
N HIS A 30 -10.72 -0.69 1.25
CA HIS A 30 -12.14 -0.36 1.16
C HIS A 30 -12.33 0.94 0.40
N ILE A 31 -11.48 1.91 0.68
CA ILE A 31 -11.55 3.20 0.03
C ILE A 31 -11.56 3.04 -1.49
N ASN A 32 -10.38 3.00 -2.07
CA ASN A 32 -10.26 2.85 -3.50
C ASN A 32 -8.80 2.65 -3.85
N GLU A 33 -8.37 1.41 -3.77
CA GLU A 33 -6.99 1.02 -4.06
C GLU A 33 -6.32 1.99 -5.02
N LEU A 34 -6.95 2.20 -6.17
CA LEU A 34 -6.41 3.09 -7.18
C LEU A 34 -5.74 4.32 -6.58
N LEU A 35 -6.14 4.68 -5.36
CA LEU A 35 -5.57 5.85 -4.69
C LEU A 35 -4.15 5.58 -4.23
N HIS A 36 -4.04 4.67 -3.29
CA HIS A 36 -2.74 4.32 -2.72
C HIS A 36 -2.10 3.18 -3.49
N ILE A 37 -2.78 2.68 -4.50
CA ILE A 37 -2.27 1.58 -5.30
C ILE A 37 -0.79 1.78 -5.59
N LEU A 38 -0.41 3.04 -5.80
CA LEU A 38 0.98 3.37 -6.11
C LEU A 38 1.73 3.80 -4.85
N VAL A 39 1.06 4.59 -4.01
CA VAL A 39 1.68 5.06 -2.78
C VAL A 39 2.17 3.88 -1.94
N PHE A 40 1.48 2.76 -2.09
CA PHE A 40 1.84 1.55 -1.36
C PHE A 40 2.84 0.71 -2.15
N GLY A 41 2.57 0.52 -3.43
CA GLY A 41 3.46 -0.26 -4.29
C GLY A 41 4.90 0.24 -4.18
N GLU A 42 5.08 1.54 -4.34
CA GLU A 42 6.42 2.13 -4.26
C GLU A 42 6.99 1.97 -2.86
N SER A 43 6.33 2.56 -1.87
CA SER A 43 6.81 2.47 -0.50
C SER A 43 7.27 1.04 -0.20
N LEU A 44 6.79 0.10 -1.00
CA LEU A 44 7.16 -1.30 -0.82
C LEU A 44 8.43 -1.60 -1.61
N LEU A 45 8.54 -1.04 -2.82
CA LEU A 45 9.71 -1.27 -3.65
C LEU A 45 10.85 -0.32 -3.26
N ASN A 46 10.51 0.87 -2.81
CA ASN A 46 11.51 1.84 -2.40
C ASN A 46 12.22 1.36 -1.15
N ASP A 47 11.48 0.65 -0.29
CA ASP A 47 12.05 0.13 0.95
C ASP A 47 12.64 -1.26 0.72
N ALA A 48 12.35 -1.85 -0.43
CA ALA A 48 12.86 -3.18 -0.75
C ALA A 48 14.01 -3.09 -1.75
N VAL A 49 14.28 -1.88 -2.22
CA VAL A 49 15.37 -1.66 -3.18
C VAL A 49 16.47 -0.84 -2.54
N THR A 50 16.12 -0.10 -1.50
CA THR A 50 17.10 0.73 -0.79
C THR A 50 17.74 -0.05 0.34
N VAL A 51 16.90 -0.64 1.19
CA VAL A 51 17.40 -1.42 2.31
C VAL A 51 18.10 -2.68 1.81
N VAL A 52 17.75 -3.10 0.61
CA VAL A 52 18.35 -4.30 0.03
C VAL A 52 19.61 -3.95 -0.77
N LEU A 53 19.77 -2.68 -1.11
CA LEU A 53 20.92 -2.24 -1.87
C LEU A 53 22.20 -2.44 -1.06
N TYR A 54 22.31 -1.74 0.07
CA TYR A 54 23.49 -1.83 0.89
C TYR A 54 23.32 -2.86 2.01
N LYS A 55 22.11 -3.40 2.11
CA LYS A 55 21.83 -4.41 3.14
C LYS A 55 22.52 -4.08 4.46
N LYS A 56 22.55 -2.78 4.79
CA LYS A 56 23.17 -2.27 6.02
C LYS A 56 24.04 -3.33 6.71
N LYS A 57 25.32 -3.34 6.37
CA LYS A 57 26.26 -4.29 6.96
C LYS A 57 26.55 -3.95 8.41
N GLY A 1 -30.58 11.42 -4.81
CA GLY A 1 -31.29 11.70 -3.52
C GLY A 1 -30.27 12.07 -2.46
N SER A 2 -29.22 12.78 -2.86
CA SER A 2 -28.18 13.19 -1.93
C SER A 2 -27.34 14.32 -2.52
N LYS A 3 -26.90 15.24 -1.68
CA LYS A 3 -26.08 16.36 -2.12
C LYS A 3 -24.88 16.55 -1.20
N LYS A 4 -24.90 17.64 -0.44
CA LYS A 4 -23.81 17.95 0.48
C LYS A 4 -23.34 16.67 1.18
N LYS A 5 -24.30 15.91 1.72
CA LYS A 5 -23.98 14.67 2.42
C LYS A 5 -23.02 14.94 3.57
N ASP A 6 -23.02 14.04 4.55
CA ASP A 6 -22.15 14.19 5.70
C ASP A 6 -21.75 12.83 6.28
N ASN A 7 -22.67 11.87 6.19
CA ASN A 7 -22.43 10.53 6.70
C ASN A 7 -22.72 9.49 5.63
N LEU A 8 -21.99 9.54 4.52
CA LEU A 8 -22.18 8.59 3.45
C LEU A 8 -22.37 7.19 4.02
N LEU A 9 -23.63 6.74 4.09
CA LEU A 9 -23.93 5.42 4.63
C LEU A 9 -23.17 4.35 3.87
N PHE A 10 -22.51 4.75 2.80
CA PHE A 10 -21.74 3.81 1.99
C PHE A 10 -20.25 4.08 2.14
N GLY A 11 -19.93 5.19 2.81
CA GLY A 11 -18.55 5.56 3.04
C GLY A 11 -18.18 5.36 4.50
N SER A 12 -19.10 4.77 5.25
CA SER A 12 -18.87 4.51 6.67
C SER A 12 -19.12 3.04 6.99
N ILE A 13 -20.13 2.47 6.34
CA ILE A 13 -20.48 1.07 6.55
C ILE A 13 -19.88 0.20 5.45
N ILE A 14 -20.37 0.40 4.23
CA ILE A 14 -19.90 -0.37 3.09
C ILE A 14 -18.39 -0.20 2.93
N SER A 15 -17.88 0.90 3.46
CA SER A 15 -16.46 1.18 3.39
C SER A 15 -15.73 0.58 4.58
N ALA A 16 -16.50 -0.01 5.49
CA ALA A 16 -15.92 -0.63 6.68
C ALA A 16 -16.63 -1.95 6.98
N VAL A 17 -17.39 -2.45 6.00
CA VAL A 17 -18.11 -3.71 6.18
C VAL A 17 -17.26 -4.71 6.93
N ASP A 18 -17.56 -4.89 8.20
CA ASP A 18 -16.84 -5.82 9.05
C ASP A 18 -15.34 -5.78 8.72
N PRO A 19 -14.57 -4.97 9.42
CA PRO A 19 -13.10 -4.88 9.16
C PRO A 19 -12.48 -6.25 8.98
N VAL A 20 -13.16 -7.28 9.47
CA VAL A 20 -12.68 -8.64 9.33
C VAL A 20 -12.88 -9.09 7.90
N ALA A 21 -14.01 -8.69 7.31
CA ALA A 21 -14.31 -9.03 5.94
C ALA A 21 -13.46 -8.22 4.99
N VAL A 22 -13.08 -7.02 5.44
CA VAL A 22 -12.24 -6.16 4.63
C VAL A 22 -10.80 -6.59 4.78
N LEU A 23 -10.48 -7.13 5.94
CA LEU A 23 -9.13 -7.58 6.21
C LEU A 23 -8.78 -8.74 5.31
N ALA A 24 -9.69 -9.71 5.21
CA ALA A 24 -9.47 -10.86 4.35
C ALA A 24 -9.01 -10.36 2.99
N VAL A 25 -9.32 -9.11 2.72
CA VAL A 25 -8.94 -8.49 1.46
C VAL A 25 -7.58 -7.82 1.61
N PHE A 26 -7.33 -7.24 2.78
CA PHE A 26 -6.04 -6.58 3.02
C PHE A 26 -4.93 -7.54 2.65
N GLU A 27 -5.30 -8.82 2.60
CA GLU A 27 -4.37 -9.86 2.24
C GLU A 27 -3.96 -9.73 0.77
N GLU A 28 -4.43 -8.66 0.14
CA GLU A 28 -4.11 -8.41 -1.26
C GLU A 28 -4.06 -6.92 -1.55
N ILE A 29 -5.13 -6.20 -1.23
CA ILE A 29 -5.17 -4.77 -1.46
C ILE A 29 -4.47 -4.01 -0.33
N HIS A 30 -4.55 -4.56 0.87
CA HIS A 30 -3.93 -3.94 2.04
C HIS A 30 -4.67 -2.65 2.42
N ILE A 31 -4.99 -1.85 1.41
CA ILE A 31 -5.70 -0.60 1.62
C ILE A 31 -6.82 -0.45 0.59
N ASN A 32 -6.45 -0.53 -0.68
CA ASN A 32 -7.41 -0.42 -1.75
C ASN A 32 -6.89 -1.04 -3.03
N GLU A 33 -5.62 -0.76 -3.34
CA GLU A 33 -4.94 -1.29 -4.53
C GLU A 33 -5.13 -0.37 -5.72
N LEU A 34 -6.07 0.56 -5.59
CA LEU A 34 -6.34 1.52 -6.64
C LEU A 34 -5.99 2.94 -6.18
N LEU A 35 -6.08 3.17 -4.87
CA LEU A 35 -5.78 4.48 -4.29
C LEU A 35 -4.32 4.56 -3.88
N HIS A 36 -3.98 3.74 -2.91
CA HIS A 36 -2.63 3.70 -2.38
C HIS A 36 -1.70 2.99 -3.37
N ILE A 37 -2.26 2.56 -4.49
CA ILE A 37 -1.50 1.84 -5.50
C ILE A 37 -0.25 2.60 -5.91
N LEU A 38 -0.27 3.92 -5.72
CA LEU A 38 0.86 4.74 -6.10
C LEU A 38 1.73 5.07 -4.90
N VAL A 39 1.09 5.18 -3.76
CA VAL A 39 1.80 5.50 -2.51
C VAL A 39 2.40 4.25 -1.90
N PHE A 40 1.61 3.19 -1.90
CA PHE A 40 2.04 1.92 -1.34
C PHE A 40 2.68 1.03 -2.40
N GLY A 41 2.52 1.40 -3.66
CA GLY A 41 3.09 0.62 -4.75
C GLY A 41 4.60 0.79 -4.80
N GLU A 42 5.07 2.01 -4.62
CA GLU A 42 6.49 2.29 -4.64
C GLU A 42 7.07 2.24 -3.23
N SER A 43 6.43 2.90 -2.28
CA SER A 43 6.91 2.91 -0.91
C SER A 43 7.34 1.50 -0.50
N LEU A 44 6.85 0.50 -1.23
CA LEU A 44 7.19 -0.88 -0.92
C LEU A 44 8.39 -1.34 -1.74
N LEU A 45 8.57 -0.77 -2.93
CA LEU A 45 9.70 -1.15 -3.77
C LEU A 45 10.89 -0.23 -3.48
N ASN A 46 10.60 1.04 -3.22
CA ASN A 46 11.65 2.00 -2.92
C ASN A 46 12.33 1.63 -1.60
N ASP A 47 11.55 1.08 -0.68
CA ASP A 47 12.08 0.68 0.62
C ASP A 47 12.63 -0.74 0.56
N ALA A 48 12.28 -1.47 -0.50
CA ALA A 48 12.75 -2.84 -0.65
C ALA A 48 13.88 -2.92 -1.67
N VAL A 49 14.23 -1.79 -2.26
CA VAL A 49 15.29 -1.75 -3.25
C VAL A 49 16.55 -1.13 -2.64
N THR A 50 16.35 -0.19 -1.71
CA THR A 50 17.47 0.47 -1.06
C THR A 50 17.88 -0.30 0.20
N VAL A 51 16.90 -0.64 1.01
CA VAL A 51 17.16 -1.38 2.24
C VAL A 51 17.76 -2.74 1.93
N VAL A 52 17.44 -3.26 0.75
CA VAL A 52 17.95 -4.56 0.34
C VAL A 52 19.31 -4.41 -0.34
N LEU A 53 19.58 -3.21 -0.85
CA LEU A 53 20.84 -2.94 -1.51
C LEU A 53 22.01 -3.16 -0.57
N TYR A 54 22.04 -2.41 0.53
CA TYR A 54 23.10 -2.52 1.51
C TYR A 54 22.71 -3.48 2.63
N LYS A 55 21.56 -4.15 2.44
CA LYS A 55 21.04 -5.11 3.43
C LYS A 55 21.57 -4.84 4.83
N LYS A 56 21.56 -3.58 5.24
CA LYS A 56 22.04 -3.22 6.57
C LYS A 56 23.47 -3.69 6.76
N LYS A 57 24.40 -2.76 6.82
CA LYS A 57 25.81 -3.09 7.00
C LYS A 57 26.27 -4.08 5.93
N GLY A 1 -31.14 12.00 -15.15
CA GLY A 1 -29.75 12.25 -15.63
C GLY A 1 -29.80 13.28 -16.76
N SER A 2 -28.62 13.78 -17.14
CA SER A 2 -28.54 14.76 -18.21
C SER A 2 -27.08 14.97 -18.65
N LYS A 3 -26.18 14.95 -17.67
CA LYS A 3 -24.76 15.14 -17.96
C LYS A 3 -24.09 13.80 -18.24
N LYS A 4 -23.27 13.76 -19.28
CA LYS A 4 -22.56 12.54 -19.64
C LYS A 4 -21.57 12.15 -18.55
N LYS A 5 -22.08 11.44 -17.53
CA LYS A 5 -21.25 11.00 -16.43
C LYS A 5 -20.53 12.16 -15.75
N ASP A 6 -20.65 12.21 -14.44
CA ASP A 6 -20.01 13.24 -13.64
C ASP A 6 -19.20 12.62 -12.51
N ASN A 7 -19.48 11.35 -12.22
CA ASN A 7 -18.77 10.63 -11.17
C ASN A 7 -19.37 9.25 -10.97
N LEU A 8 -18.82 8.26 -11.69
CA LEU A 8 -19.29 6.89 -11.56
C LEU A 8 -19.50 6.57 -10.08
N LEU A 9 -20.76 6.53 -9.67
CA LEU A 9 -21.09 6.26 -8.26
C LEU A 9 -20.35 5.03 -7.75
N PHE A 10 -19.67 4.30 -8.63
CA PHE A 10 -18.93 3.11 -8.21
C PHE A 10 -17.52 3.47 -7.76
N GLY A 11 -17.08 4.65 -8.18
CA GLY A 11 -15.75 5.13 -7.82
C GLY A 11 -15.85 6.27 -6.82
N SER A 12 -17.06 6.53 -6.34
CA SER A 12 -17.29 7.60 -5.38
C SER A 12 -18.01 7.09 -4.15
N ILE A 13 -18.98 6.21 -4.36
CA ILE A 13 -19.75 5.65 -3.28
C ILE A 13 -19.21 4.28 -2.87
N ILE A 14 -19.25 3.34 -3.80
CA ILE A 14 -18.75 2.00 -3.53
C ILE A 14 -17.30 2.07 -3.12
N SER A 15 -16.65 3.16 -3.48
CA SER A 15 -15.25 3.36 -3.15
C SER A 15 -15.12 4.06 -1.80
N ALA A 16 -16.25 4.34 -1.18
CA ALA A 16 -16.26 4.99 0.12
C ALA A 16 -17.46 4.54 0.94
N VAL A 17 -18.10 3.45 0.50
CA VAL A 17 -19.27 2.94 1.21
C VAL A 17 -18.96 2.71 2.67
N ASP A 18 -19.30 3.70 3.47
CA ASP A 18 -19.07 3.65 4.90
C ASP A 18 -17.58 3.43 5.21
N PRO A 19 -17.04 4.08 6.22
CA PRO A 19 -15.60 3.91 6.59
C PRO A 19 -15.36 2.56 7.24
N VAL A 20 -16.44 1.93 7.69
CA VAL A 20 -16.36 0.63 8.33
C VAL A 20 -16.29 -0.46 7.26
N ALA A 21 -17.00 -0.22 6.17
CA ALA A 21 -17.01 -1.17 5.07
C ALA A 21 -15.73 -1.01 4.27
N VAL A 22 -15.12 0.17 4.36
CA VAL A 22 -13.87 0.43 3.67
C VAL A 22 -12.73 -0.12 4.50
N LEU A 23 -12.94 -0.12 5.81
CA LEU A 23 -11.92 -0.63 6.72
C LEU A 23 -11.72 -2.11 6.49
N ALA A 24 -12.83 -2.83 6.41
CA ALA A 24 -12.77 -4.27 6.16
C ALA A 24 -11.84 -4.54 4.99
N VAL A 25 -11.62 -3.49 4.20
CA VAL A 25 -10.75 -3.59 3.04
C VAL A 25 -9.32 -3.23 3.46
N PHE A 26 -9.18 -2.14 4.20
CA PHE A 26 -7.86 -1.72 4.67
C PHE A 26 -7.11 -2.93 5.18
N GLU A 27 -7.88 -3.88 5.68
CA GLU A 27 -7.32 -5.13 6.21
C GLU A 27 -6.45 -5.79 5.15
N GLU A 28 -6.47 -5.22 3.95
CA GLU A 28 -5.68 -5.72 2.83
C GLU A 28 -5.02 -4.56 2.08
N ILE A 29 -5.68 -3.40 2.10
CA ILE A 29 -5.15 -2.21 1.41
C ILE A 29 -4.94 -1.07 2.40
N HIS A 30 -4.72 0.13 1.87
CA HIS A 30 -4.48 1.30 2.70
C HIS A 30 -5.54 2.38 2.44
N ILE A 31 -6.00 2.50 1.19
CA ILE A 31 -7.00 3.52 0.86
C ILE A 31 -8.15 2.92 0.05
N ASN A 32 -7.85 2.32 -1.11
CA ASN A 32 -8.94 1.75 -1.91
C ASN A 32 -8.44 0.71 -2.92
N GLU A 33 -7.20 0.27 -2.77
CA GLU A 33 -6.64 -0.76 -3.65
C GLU A 33 -6.06 -0.18 -4.94
N LEU A 34 -6.65 0.89 -5.44
CA LEU A 34 -6.18 1.49 -6.68
C LEU A 34 -5.56 2.86 -6.44
N LEU A 35 -5.84 3.45 -5.28
CA LEU A 35 -5.30 4.76 -4.95
C LEU A 35 -3.96 4.63 -4.24
N HIS A 36 -3.94 3.82 -3.20
CA HIS A 36 -2.74 3.60 -2.41
C HIS A 36 -1.71 2.80 -3.22
N ILE A 37 -2.16 2.18 -4.29
CA ILE A 37 -1.29 1.38 -5.15
C ILE A 37 -0.15 2.23 -5.70
N LEU A 38 -0.33 3.54 -5.64
CA LEU A 38 0.67 4.46 -6.14
C LEU A 38 1.68 4.83 -5.06
N VAL A 39 1.17 5.05 -3.85
CA VAL A 39 2.05 5.42 -2.73
C VAL A 39 2.52 4.18 -1.97
N PHE A 40 1.59 3.31 -1.67
CA PHE A 40 1.91 2.09 -0.92
C PHE A 40 2.55 1.05 -1.84
N GLY A 41 2.39 1.22 -3.14
CA GLY A 41 2.96 0.28 -4.11
C GLY A 41 4.44 0.56 -4.32
N GLU A 42 4.79 1.83 -4.50
CA GLU A 42 6.18 2.22 -4.70
C GLU A 42 6.92 2.25 -3.37
N SER A 43 6.24 2.69 -2.32
CA SER A 43 6.87 2.76 -1.00
C SER A 43 7.61 1.47 -0.71
N LEU A 44 6.95 0.35 -1.02
CA LEU A 44 7.57 -0.96 -0.80
C LEU A 44 8.84 -1.09 -1.63
N LEU A 45 8.82 -0.50 -2.82
CA LEU A 45 9.98 -0.54 -3.71
C LEU A 45 11.09 0.33 -3.15
N ASN A 46 10.88 1.65 -3.22
CA ASN A 46 11.88 2.58 -2.72
C ASN A 46 12.45 2.09 -1.39
N ASP A 47 11.64 1.32 -0.67
CA ASP A 47 12.07 0.77 0.61
C ASP A 47 12.72 -0.59 0.42
N ALA A 48 12.25 -1.34 -0.58
CA ALA A 48 12.81 -2.66 -0.86
C ALA A 48 13.96 -2.55 -1.84
N VAL A 49 14.20 -1.35 -2.35
CA VAL A 49 15.28 -1.13 -3.30
C VAL A 49 16.50 -0.55 -2.59
N THR A 50 16.24 0.17 -1.49
CA THR A 50 17.31 0.77 -0.71
C THR A 50 17.79 -0.19 0.36
N VAL A 51 16.86 -0.92 0.94
CA VAL A 51 17.18 -1.88 2.00
C VAL A 51 17.83 -3.13 1.41
N VAL A 52 17.07 -3.85 0.58
CA VAL A 52 17.58 -5.06 -0.04
C VAL A 52 18.94 -4.83 -0.67
N LEU A 53 19.26 -3.56 -0.92
CA LEU A 53 20.52 -3.20 -1.55
C LEU A 53 21.68 -3.36 -0.57
N TYR A 54 21.74 -2.48 0.42
CA TYR A 54 22.82 -2.52 1.42
C TYR A 54 22.27 -2.78 2.82
N LYS A 55 20.94 -2.79 2.93
CA LYS A 55 20.25 -3.03 4.19
C LYS A 55 21.11 -2.63 5.39
N LYS A 56 21.72 -1.46 5.31
CA LYS A 56 22.59 -0.97 6.38
C LYS A 56 23.71 -1.96 6.65
N LYS A 57 24.89 -1.66 6.12
CA LYS A 57 26.04 -2.54 6.31
C LYS A 57 25.69 -3.98 5.94
N GLY A 1 -4.22 29.43 -10.91
CA GLY A 1 -4.81 28.07 -10.80
C GLY A 1 -4.07 27.12 -11.73
N SER A 2 -2.94 26.60 -11.25
CA SER A 2 -2.13 25.68 -12.04
C SER A 2 -1.04 25.04 -11.19
N LYS A 3 -0.88 23.73 -11.33
CA LYS A 3 0.13 23.00 -10.56
C LYS A 3 1.36 22.72 -11.43
N LYS A 4 2.26 21.88 -10.92
CA LYS A 4 3.47 21.53 -11.64
C LYS A 4 3.65 20.01 -11.69
N LYS A 5 4.71 19.57 -12.36
CA LYS A 5 4.99 18.16 -12.48
C LYS A 5 4.73 17.44 -11.16
N ASP A 6 4.27 16.21 -11.26
CA ASP A 6 3.97 15.40 -10.09
C ASP A 6 4.60 14.02 -10.22
N ASN A 7 5.90 13.94 -9.91
CA ASN A 7 6.62 12.68 -10.00
C ASN A 7 8.02 12.84 -9.43
N LEU A 8 8.20 13.90 -8.65
CA LEU A 8 9.48 14.18 -8.04
C LEU A 8 9.28 14.95 -6.74
N LEU A 9 8.67 16.10 -6.84
CA LEU A 9 8.41 16.93 -5.67
C LEU A 9 7.60 16.15 -4.64
N PHE A 10 6.72 15.30 -5.11
CA PHE A 10 5.90 14.48 -4.23
C PHE A 10 6.43 13.06 -4.21
N GLY A 11 7.39 12.80 -5.07
CA GLY A 11 8.01 11.48 -5.15
C GLY A 11 9.43 11.52 -4.61
N SER A 12 9.80 12.68 -4.06
CA SER A 12 11.14 12.86 -3.51
C SER A 12 11.06 13.32 -2.06
N ILE A 13 10.09 14.18 -1.78
CA ILE A 13 9.92 14.71 -0.44
C ILE A 13 8.81 13.95 0.29
N ILE A 14 7.60 14.06 -0.21
CA ILE A 14 6.46 13.38 0.40
C ILE A 14 6.72 11.89 0.46
N SER A 15 7.57 11.42 -0.45
CA SER A 15 7.91 10.01 -0.50
C SER A 15 8.98 9.69 0.53
N ALA A 16 9.40 10.71 1.27
CA ALA A 16 10.42 10.53 2.31
C ALA A 16 9.82 10.78 3.69
N VAL A 17 8.58 11.29 3.71
CA VAL A 17 7.91 11.56 4.98
C VAL A 17 7.46 10.26 5.63
N ASP A 18 8.31 9.26 5.59
CA ASP A 18 7.99 7.97 6.19
C ASP A 18 6.62 7.49 5.71
N PRO A 19 6.56 6.74 4.62
CA PRO A 19 5.27 6.25 4.08
C PRO A 19 4.35 5.70 5.16
N VAL A 20 4.95 5.16 6.21
CA VAL A 20 4.17 4.61 7.32
C VAL A 20 3.42 5.73 8.02
N ALA A 21 3.99 6.93 7.97
CA ALA A 21 3.38 8.09 8.59
C ALA A 21 2.33 8.65 7.66
N VAL A 22 2.53 8.41 6.36
CA VAL A 22 1.58 8.87 5.35
C VAL A 22 0.44 7.87 5.27
N LEU A 23 0.77 6.61 5.46
CA LEU A 23 -0.23 5.55 5.41
C LEU A 23 -1.23 5.73 6.54
N ALA A 24 -0.72 6.08 7.72
CA ALA A 24 -1.60 6.30 8.86
C ALA A 24 -2.69 7.28 8.48
N VAL A 25 -2.43 8.02 7.41
CA VAL A 25 -3.38 9.01 6.92
C VAL A 25 -4.33 8.37 5.90
N PHE A 26 -3.77 7.62 4.95
CA PHE A 26 -4.58 6.97 3.95
C PHE A 26 -5.65 6.11 4.59
N GLU A 27 -5.42 5.77 5.86
CA GLU A 27 -6.37 4.96 6.60
C GLU A 27 -7.67 5.74 6.79
N GLU A 28 -7.70 6.97 6.27
CA GLU A 28 -8.87 7.82 6.38
C GLU A 28 -9.35 8.26 5.00
N ILE A 29 -9.18 9.54 4.70
CA ILE A 29 -9.59 10.10 3.41
C ILE A 29 -10.81 9.36 2.85
N HIS A 30 -10.71 8.92 1.60
CA HIS A 30 -11.80 8.18 0.98
C HIS A 30 -11.26 7.01 0.18
N ILE A 31 -12.15 6.12 -0.24
CA ILE A 31 -11.75 4.94 -1.01
C ILE A 31 -10.72 4.11 -0.25
N ASN A 32 -9.48 4.57 -0.23
CA ASN A 32 -8.42 3.85 0.46
C ASN A 32 -8.04 2.58 -0.31
N GLU A 33 -7.94 2.70 -1.63
CA GLU A 33 -7.59 1.55 -2.46
C GLU A 33 -6.80 2.01 -3.68
N LEU A 34 -7.50 2.19 -4.81
CA LEU A 34 -6.88 2.61 -6.06
C LEU A 34 -6.00 3.87 -5.89
N LEU A 35 -5.90 4.34 -4.66
CA LEU A 35 -5.09 5.53 -4.37
C LEU A 35 -3.68 5.17 -3.91
N HIS A 36 -3.54 4.01 -3.27
CA HIS A 36 -2.22 3.58 -2.77
C HIS A 36 -1.52 2.74 -3.81
N ILE A 37 -2.32 1.97 -4.53
CA ILE A 37 -1.80 1.07 -5.56
C ILE A 37 -0.55 1.64 -6.22
N LEU A 38 -0.47 2.95 -6.28
CA LEU A 38 0.68 3.62 -6.89
C LEU A 38 1.67 4.04 -5.81
N VAL A 39 1.15 4.55 -4.70
CA VAL A 39 2.00 5.01 -3.60
C VAL A 39 2.40 3.85 -2.71
N PHE A 40 1.43 3.05 -2.29
CA PHE A 40 1.70 1.92 -1.42
C PHE A 40 2.86 1.11 -1.97
N GLY A 41 2.70 0.59 -3.19
CA GLY A 41 3.73 -0.21 -3.81
C GLY A 41 5.08 0.49 -3.76
N GLU A 42 5.09 1.76 -4.14
CA GLU A 42 6.33 2.54 -4.12
C GLU A 42 7.03 2.38 -2.78
N SER A 43 6.33 2.72 -1.71
CA SER A 43 6.90 2.60 -0.37
C SER A 43 7.59 1.26 -0.22
N LEU A 44 6.95 0.21 -0.73
CA LEU A 44 7.52 -1.14 -0.64
C LEU A 44 8.74 -1.23 -1.56
N LEU A 45 8.65 -0.60 -2.73
CA LEU A 45 9.75 -0.62 -3.67
C LEU A 45 10.89 0.25 -3.17
N ASN A 46 10.63 1.54 -3.08
CA ASN A 46 11.63 2.48 -2.59
C ASN A 46 12.29 1.92 -1.33
N ASP A 47 11.56 1.08 -0.62
CA ASP A 47 12.09 0.47 0.60
C ASP A 47 12.80 -0.83 0.29
N ALA A 48 12.21 -1.63 -0.59
CA ALA A 48 12.80 -2.91 -0.96
C ALA A 48 13.93 -2.72 -1.96
N VAL A 49 14.14 -1.46 -2.36
CA VAL A 49 15.20 -1.15 -3.30
C VAL A 49 16.41 -0.60 -2.55
N THR A 50 16.14 0.11 -1.46
CA THR A 50 17.21 0.69 -0.65
C THR A 50 17.63 -0.28 0.44
N VAL A 51 16.65 -0.87 1.12
CA VAL A 51 16.93 -1.81 2.20
C VAL A 51 17.65 -3.04 1.67
N VAL A 52 17.35 -3.41 0.43
CA VAL A 52 17.98 -4.57 -0.19
C VAL A 52 19.34 -4.20 -0.77
N LEU A 53 19.51 -2.94 -1.13
CA LEU A 53 20.76 -2.48 -1.70
C LEU A 53 21.92 -2.82 -0.77
N TYR A 54 21.87 -2.31 0.46
CA TYR A 54 22.92 -2.58 1.43
C TYR A 54 22.54 -3.75 2.33
N LYS A 55 21.45 -4.45 1.94
CA LYS A 55 20.93 -5.61 2.69
C LYS A 55 21.43 -5.63 4.12
N LYS A 56 21.35 -4.50 4.80
CA LYS A 56 21.78 -4.42 6.19
C LYS A 56 23.24 -4.84 6.32
N LYS A 57 24.14 -3.86 6.34
CA LYS A 57 25.57 -4.15 6.47
C LYS A 57 25.95 -5.35 5.60
N GLY A 1 -31.52 -16.20 10.22
CA GLY A 1 -31.73 -16.82 11.55
C GLY A 1 -30.50 -16.59 12.42
N SER A 2 -30.51 -15.49 13.17
CA SER A 2 -29.39 -15.16 14.05
C SER A 2 -29.62 -15.72 15.44
N LYS A 3 -28.57 -16.27 16.04
CA LYS A 3 -28.68 -16.83 17.39
C LYS A 3 -27.38 -16.59 18.17
N LYS A 4 -27.32 -17.14 19.37
CA LYS A 4 -26.14 -16.98 20.22
C LYS A 4 -24.87 -17.14 19.38
N LYS A 5 -24.54 -18.39 19.04
CA LYS A 5 -23.36 -18.67 18.24
C LYS A 5 -22.10 -18.15 18.93
N ASP A 6 -20.99 -18.86 18.76
CA ASP A 6 -19.73 -18.46 19.37
C ASP A 6 -18.57 -18.64 18.39
N ASN A 7 -18.89 -19.08 17.18
CA ASN A 7 -17.86 -19.29 16.16
C ASN A 7 -18.49 -19.42 14.79
N LEU A 8 -19.17 -18.37 14.34
CA LEU A 8 -19.80 -18.40 13.04
C LEU A 8 -18.79 -18.85 11.98
N LEU A 9 -18.94 -20.09 11.53
CA LEU A 9 -18.04 -20.64 10.53
C LEU A 9 -18.05 -19.80 9.27
N PHE A 10 -18.91 -18.78 9.27
CA PHE A 10 -19.02 -17.89 8.11
C PHE A 10 -18.43 -16.53 8.45
N GLY A 11 -18.11 -16.34 9.72
CA GLY A 11 -17.52 -15.09 10.18
C GLY A 11 -16.05 -15.28 10.52
N SER A 12 -15.56 -16.50 10.27
CA SER A 12 -14.17 -16.83 10.55
C SER A 12 -13.50 -17.41 9.31
N ILE A 13 -14.29 -18.14 8.53
CA ILE A 13 -13.79 -18.75 7.31
C ILE A 13 -14.07 -17.86 6.11
N ILE A 14 -15.35 -17.71 5.79
CA ILE A 14 -15.75 -16.88 4.66
C ILE A 14 -15.25 -15.45 4.88
N SER A 15 -14.97 -15.14 6.12
CA SER A 15 -14.48 -13.82 6.48
C SER A 15 -12.96 -13.79 6.42
N ALA A 16 -12.37 -14.94 6.12
CA ALA A 16 -10.92 -15.03 6.02
C ALA A 16 -10.52 -16.00 4.90
N VAL A 17 -11.49 -16.31 4.04
CA VAL A 17 -11.24 -17.22 2.93
C VAL A 17 -9.88 -16.92 2.30
N ASP A 18 -8.92 -17.78 2.62
CA ASP A 18 -7.58 -17.62 2.09
C ASP A 18 -7.17 -16.14 2.10
N PRO A 19 -6.53 -15.66 3.14
CA PRO A 19 -6.11 -14.23 3.21
C PRO A 19 -5.54 -13.74 1.89
N VAL A 20 -4.89 -14.64 1.17
CA VAL A 20 -4.31 -14.30 -0.11
C VAL A 20 -5.41 -13.91 -1.08
N ALA A 21 -6.55 -14.56 -0.96
CA ALA A 21 -7.69 -14.28 -1.81
C ALA A 21 -8.30 -12.95 -1.40
N VAL A 22 -8.12 -12.61 -0.13
CA VAL A 22 -8.64 -11.36 0.40
C VAL A 22 -7.65 -10.24 0.16
N LEU A 23 -6.37 -10.59 0.15
CA LEU A 23 -5.32 -9.62 -0.07
C LEU A 23 -5.10 -9.42 -1.56
N ALA A 24 -5.10 -10.53 -2.30
CA ALA A 24 -4.91 -10.47 -3.73
C ALA A 24 -5.88 -9.47 -4.33
N VAL A 25 -6.89 -9.13 -3.54
CA VAL A 25 -7.90 -8.17 -3.95
C VAL A 25 -7.47 -6.77 -3.54
N PHE A 26 -6.89 -6.67 -2.35
CA PHE A 26 -6.42 -5.39 -1.85
C PHE A 26 -5.46 -4.77 -2.86
N GLU A 27 -4.82 -5.63 -3.64
CA GLU A 27 -3.91 -5.16 -4.66
C GLU A 27 -4.71 -4.52 -5.79
N GLU A 28 -6.01 -4.33 -5.54
CA GLU A 28 -6.89 -3.75 -6.53
C GLU A 28 -7.89 -2.78 -5.88
N ILE A 29 -8.15 -2.94 -4.58
CA ILE A 29 -9.09 -2.06 -3.88
C ILE A 29 -8.58 -1.65 -2.51
N HIS A 30 -8.40 -2.62 -1.63
CA HIS A 30 -7.95 -2.31 -0.27
C HIS A 30 -8.76 -1.12 0.25
N ILE A 31 -10.01 -1.02 -0.21
CA ILE A 31 -10.90 0.06 0.18
C ILE A 31 -10.34 1.39 -0.33
N ASN A 32 -9.14 1.35 -0.84
CA ASN A 32 -8.52 2.54 -1.37
C ASN A 32 -7.62 2.20 -2.55
N GLU A 33 -6.71 1.21 -2.38
CA GLU A 33 -5.76 0.77 -3.44
C GLU A 33 -5.81 1.71 -4.63
N LEU A 34 -6.91 1.67 -5.35
CA LEU A 34 -7.09 2.54 -6.50
C LEU A 34 -6.45 3.90 -6.24
N LEU A 35 -6.39 4.29 -4.95
CA LEU A 35 -5.79 5.57 -4.58
C LEU A 35 -4.29 5.40 -4.23
N HIS A 36 -3.98 4.44 -3.34
CA HIS A 36 -2.60 4.23 -2.91
C HIS A 36 -1.86 3.18 -3.76
N ILE A 37 -2.54 2.68 -4.78
CA ILE A 37 -1.94 1.68 -5.65
C ILE A 37 -0.48 2.04 -5.96
N LEU A 38 -0.21 3.33 -6.01
CA LEU A 38 1.12 3.81 -6.31
C LEU A 38 1.87 4.21 -5.02
N VAL A 39 1.14 4.79 -4.09
CA VAL A 39 1.73 5.23 -2.83
C VAL A 39 2.15 4.02 -1.99
N PHE A 40 1.38 2.95 -2.10
CA PHE A 40 1.65 1.73 -1.34
C PHE A 40 2.58 0.80 -2.13
N GLY A 41 2.44 0.82 -3.45
CA GLY A 41 3.26 -0.03 -4.30
C GLY A 41 4.73 0.37 -4.22
N GLU A 42 4.98 1.67 -4.33
CA GLU A 42 6.36 2.17 -4.28
C GLU A 42 6.94 2.00 -2.89
N SER A 43 6.28 2.55 -1.88
CA SER A 43 6.76 2.43 -0.51
C SER A 43 7.24 1.00 -0.24
N LEU A 44 6.80 0.07 -1.07
CA LEU A 44 7.20 -1.32 -0.92
C LEU A 44 8.48 -1.61 -1.71
N LEU A 45 8.62 -0.96 -2.86
CA LEU A 45 9.80 -1.17 -3.69
C LEU A 45 10.90 -0.19 -3.32
N ASN A 46 10.52 1.00 -2.88
CA ASN A 46 11.50 2.01 -2.49
C ASN A 46 12.25 1.55 -1.24
N ASP A 47 11.54 0.85 -0.36
CA ASP A 47 12.15 0.36 0.87
C ASP A 47 12.75 -1.03 0.67
N ALA A 48 12.47 -1.64 -0.48
CA ALA A 48 12.99 -2.99 -0.76
C ALA A 48 14.10 -2.93 -1.81
N VAL A 49 14.39 -1.73 -2.30
CA VAL A 49 15.43 -1.56 -3.30
C VAL A 49 16.67 -0.93 -2.66
N THR A 50 16.44 -0.07 -1.66
CA THR A 50 17.54 0.59 -0.97
C THR A 50 17.99 -0.25 0.22
N VAL A 51 17.03 -0.74 0.99
CA VAL A 51 17.34 -1.55 2.18
C VAL A 51 17.98 -2.87 1.76
N VAL A 52 17.71 -3.29 0.54
CA VAL A 52 18.26 -4.54 0.03
C VAL A 52 19.60 -4.30 -0.64
N LEU A 53 19.88 -3.04 -0.95
CA LEU A 53 21.12 -2.68 -1.61
C LEU A 53 22.28 -2.73 -0.62
N TYR A 54 22.23 -1.89 0.40
CA TYR A 54 23.30 -1.83 1.40
C TYR A 54 23.03 -2.82 2.54
N LYS A 55 21.97 -3.62 2.37
CA LYS A 55 21.58 -4.64 3.36
C LYS A 55 22.09 -4.32 4.77
N LYS A 56 21.88 -3.08 5.20
CA LYS A 56 22.32 -2.67 6.53
C LYS A 56 23.79 -3.01 6.74
N LYS A 57 24.66 -2.06 6.38
CA LYS A 57 26.09 -2.27 6.53
C LYS A 57 26.50 -3.65 6.02
N GLY A 1 -13.79 -2.70 1.96
CA GLY A 1 -14.48 -2.85 0.65
C GLY A 1 -13.47 -3.29 -0.40
N SER A 2 -12.30 -3.75 0.05
CA SER A 2 -11.26 -4.20 -0.87
C SER A 2 -10.23 -5.05 -0.11
N LYS A 3 -9.59 -5.96 -0.84
CA LYS A 3 -8.59 -6.83 -0.23
C LYS A 3 -7.60 -7.33 -1.29
N LYS A 4 -6.34 -6.94 -1.14
CA LYS A 4 -5.30 -7.35 -2.07
C LYS A 4 -4.08 -7.85 -1.32
N LYS A 5 -3.24 -6.93 -0.86
CA LYS A 5 -2.04 -7.29 -0.11
C LYS A 5 -1.17 -8.25 -0.92
N ASP A 6 0.11 -8.29 -0.58
CA ASP A 6 1.05 -9.17 -1.29
C ASP A 6 2.06 -9.78 -0.31
N ASN A 7 2.76 -8.91 0.41
CA ASN A 7 3.76 -9.36 1.37
C ASN A 7 4.03 -8.28 2.41
N LEU A 8 3.09 -7.36 2.56
CA LEU A 8 3.26 -6.27 3.51
C LEU A 8 2.53 -6.60 4.82
N LEU A 9 2.49 -7.88 5.17
CA LEU A 9 1.82 -8.30 6.39
C LEU A 9 2.66 -7.97 7.61
N PHE A 10 3.84 -7.40 7.40
CA PHE A 10 4.72 -7.04 8.51
C PHE A 10 4.87 -5.52 8.61
N GLY A 11 4.80 -4.86 7.48
CA GLY A 11 4.94 -3.41 7.44
C GLY A 11 3.57 -2.74 7.40
N SER A 12 2.54 -3.54 7.55
CA SER A 12 1.17 -3.04 7.53
C SER A 12 0.42 -3.46 8.78
N ILE A 13 0.47 -4.74 9.07
CA ILE A 13 -0.21 -5.30 10.24
C ILE A 13 0.50 -4.92 11.52
N ILE A 14 1.77 -5.28 11.62
CA ILE A 14 2.56 -4.99 12.82
C ILE A 14 2.88 -3.50 12.89
N SER A 15 2.60 -2.80 11.81
CA SER A 15 2.87 -1.38 11.73
C SER A 15 1.66 -0.58 12.16
N ALA A 16 0.52 -1.25 12.16
CA ALA A 16 -0.73 -0.60 12.55
C ALA A 16 -1.51 -1.51 13.49
N VAL A 17 -0.88 -2.64 13.84
CA VAL A 17 -1.43 -3.64 14.75
C VAL A 17 -2.88 -4.00 14.49
N ASP A 18 -3.19 -5.28 14.64
CA ASP A 18 -4.52 -5.80 14.43
C ASP A 18 -5.01 -5.48 13.01
N PRO A 19 -4.99 -6.44 12.11
CA PRO A 19 -5.43 -6.23 10.69
C PRO A 19 -6.77 -5.51 10.60
N VAL A 20 -7.62 -5.73 11.58
CA VAL A 20 -8.93 -5.08 11.60
C VAL A 20 -8.77 -3.61 11.96
N ALA A 21 -7.85 -3.32 12.87
CA ALA A 21 -7.58 -1.96 13.27
C ALA A 21 -6.81 -1.28 12.15
N VAL A 22 -6.07 -2.08 11.41
CA VAL A 22 -5.28 -1.57 10.30
C VAL A 22 -6.20 -1.32 9.12
N LEU A 23 -7.19 -2.19 8.96
CA LEU A 23 -8.13 -2.05 7.86
C LEU A 23 -9.20 -1.03 8.19
N ALA A 24 -9.74 -1.09 9.40
CA ALA A 24 -10.76 -0.14 9.80
C ALA A 24 -10.29 1.26 9.47
N VAL A 25 -8.97 1.38 9.30
CA VAL A 25 -8.38 2.65 8.96
C VAL A 25 -8.31 2.78 7.44
N PHE A 26 -7.72 1.80 6.78
CA PHE A 26 -7.63 1.83 5.34
C PHE A 26 -9.02 1.75 4.73
N GLU A 27 -10.00 1.53 5.60
CA GLU A 27 -11.39 1.46 5.16
C GLU A 27 -11.90 2.86 4.85
N GLU A 28 -11.19 3.87 5.37
CA GLU A 28 -11.59 5.25 5.14
C GLU A 28 -10.55 6.22 5.70
N ILE A 29 -9.86 6.93 4.80
CA ILE A 29 -8.86 7.90 5.22
C ILE A 29 -8.84 9.09 4.27
N HIS A 30 -9.28 8.86 3.04
CA HIS A 30 -9.31 9.92 2.03
C HIS A 30 -7.89 10.27 1.63
N ILE A 31 -6.92 9.62 2.26
CA ILE A 31 -5.52 9.86 1.98
C ILE A 31 -4.81 8.56 1.60
N ASN A 32 -5.36 7.45 2.08
CA ASN A 32 -4.78 6.15 1.80
C ASN A 32 -5.88 5.13 1.53
N GLU A 33 -6.40 5.18 0.31
CA GLU A 33 -7.47 4.27 -0.10
C GLU A 33 -7.49 4.17 -1.61
N LEU A 34 -7.34 5.33 -2.24
CA LEU A 34 -7.36 5.44 -3.69
C LEU A 34 -6.00 5.84 -4.25
N LEU A 35 -5.25 6.65 -3.50
CA LEU A 35 -3.95 7.12 -3.99
C LEU A 35 -2.83 6.17 -3.58
N HIS A 36 -2.88 5.65 -2.37
CA HIS A 36 -1.84 4.75 -1.91
C HIS A 36 -1.97 3.40 -2.61
N ILE A 37 -2.97 3.31 -3.48
CA ILE A 37 -3.23 2.09 -4.22
C ILE A 37 -2.07 1.78 -5.16
N LEU A 38 -1.33 2.81 -5.54
CA LEU A 38 -0.20 2.65 -6.44
C LEU A 38 1.10 2.65 -5.66
N VAL A 39 1.25 3.62 -4.77
CA VAL A 39 2.46 3.73 -3.97
C VAL A 39 2.80 2.40 -3.32
N PHE A 40 1.79 1.74 -2.76
CA PHE A 40 2.02 0.45 -2.11
C PHE A 40 2.80 -0.48 -3.04
N GLY A 41 2.57 -0.34 -4.34
CA GLY A 41 3.26 -1.17 -5.31
C GLY A 41 4.72 -0.74 -5.47
N GLU A 42 4.92 0.57 -5.53
CA GLU A 42 6.28 1.11 -5.68
C GLU A 42 6.99 1.13 -4.33
N SER A 43 6.22 1.01 -3.26
CA SER A 43 6.81 1.00 -1.92
C SER A 43 7.73 -0.20 -1.79
N LEU A 44 7.16 -1.39 -1.98
CA LEU A 44 7.93 -2.61 -1.89
C LEU A 44 9.22 -2.46 -2.69
N LEU A 45 9.13 -1.73 -3.79
CA LEU A 45 10.30 -1.50 -4.65
C LEU A 45 11.23 -0.48 -4.03
N ASN A 46 10.83 0.79 -4.09
CA ASN A 46 11.65 1.85 -3.52
C ASN A 46 12.16 1.43 -2.16
N ASP A 47 11.45 0.52 -1.51
CA ASP A 47 11.86 0.04 -0.20
C ASP A 47 12.80 -1.15 -0.34
N ALA A 48 12.56 -1.97 -1.37
CA ALA A 48 13.41 -3.13 -1.60
C ALA A 48 14.74 -2.72 -2.22
N VAL A 49 14.78 -1.51 -2.76
CA VAL A 49 16.00 -1.01 -3.39
C VAL A 49 16.77 -0.14 -2.40
N THR A 50 16.05 0.42 -1.43
CA THR A 50 16.67 1.26 -0.42
C THR A 50 17.11 0.44 0.79
N VAL A 51 16.19 -0.39 1.27
CA VAL A 51 16.48 -1.24 2.42
C VAL A 51 17.60 -2.23 2.11
N VAL A 52 17.38 -3.04 1.09
CA VAL A 52 18.36 -4.05 0.70
C VAL A 52 19.73 -3.43 0.49
N LEU A 53 19.75 -2.16 0.13
CA LEU A 53 21.01 -1.46 -0.11
C LEU A 53 21.88 -1.47 1.16
N TYR A 54 21.46 -0.72 2.16
CA TYR A 54 22.21 -0.65 3.41
C TYR A 54 21.77 -1.76 4.36
N LYS A 55 20.81 -2.58 3.91
CA LYS A 55 20.29 -3.69 4.69
C LYS A 55 20.46 -3.51 6.19
N LYS A 56 20.15 -2.31 6.68
CA LYS A 56 20.27 -2.02 8.10
C LYS A 56 21.69 -2.32 8.59
N LYS A 57 22.52 -1.29 8.66
CA LYS A 57 23.89 -1.44 9.11
C LYS A 57 24.58 -2.54 8.31
N GLY A 1 -17.78 24.04 20.05
CA GLY A 1 -17.69 24.30 21.51
C GLY A 1 -17.86 22.99 22.27
N SER A 2 -19.03 22.82 22.89
CA SER A 2 -19.31 21.61 23.65
C SER A 2 -19.70 20.47 22.70
N LYS A 3 -19.80 19.26 23.25
CA LYS A 3 -20.16 18.10 22.44
C LYS A 3 -21.04 17.14 23.25
N LYS A 4 -22.23 16.87 22.74
CA LYS A 4 -23.16 15.96 23.42
C LYS A 4 -23.29 14.66 22.64
N LYS A 5 -23.86 13.64 23.28
CA LYS A 5 -24.05 12.35 22.65
C LYS A 5 -25.52 12.13 22.32
N ASP A 6 -25.77 11.62 21.13
CA ASP A 6 -27.13 11.35 20.70
C ASP A 6 -27.54 9.93 21.09
N ASN A 7 -26.57 9.05 21.08
CA ASN A 7 -26.81 7.65 21.44
C ASN A 7 -25.49 6.90 21.54
N LEU A 8 -24.70 7.25 22.55
CA LEU A 8 -23.40 6.63 22.74
C LEU A 8 -22.75 6.39 21.37
N LEU A 9 -22.37 7.48 20.72
CA LEU A 9 -21.75 7.40 19.40
C LEU A 9 -20.53 6.49 19.43
N PHE A 10 -20.24 5.93 20.60
CA PHE A 10 -19.09 5.03 20.73
C PHE A 10 -19.56 3.59 20.92
N GLY A 11 -20.84 3.45 21.26
CA GLY A 11 -21.43 2.14 21.45
C GLY A 11 -22.38 1.82 20.31
N SER A 12 -22.39 2.69 19.31
CA SER A 12 -23.26 2.52 18.15
C SER A 12 -22.45 2.56 16.86
N ILE A 13 -21.42 3.40 16.86
CA ILE A 13 -20.57 3.55 15.69
C ILE A 13 -19.36 2.65 15.79
N ILE A 14 -18.52 2.90 16.79
CA ILE A 14 -17.32 2.10 16.98
C ILE A 14 -17.71 0.64 17.20
N SER A 15 -18.97 0.44 17.56
CA SER A 15 -19.48 -0.89 17.79
C SER A 15 -20.00 -1.50 16.50
N ALA A 16 -19.88 -0.74 15.42
CA ALA A 16 -20.33 -1.18 14.11
C ALA A 16 -19.15 -1.18 13.15
N VAL A 17 -18.03 -0.63 13.62
CA VAL A 17 -16.83 -0.55 12.81
C VAL A 17 -15.58 -0.71 13.68
N ASP A 18 -14.76 -1.70 13.36
CA ASP A 18 -13.54 -1.94 14.13
C ASP A 18 -12.39 -2.33 13.19
N PRO A 19 -11.16 -2.16 13.63
CA PRO A 19 -9.97 -2.52 12.81
C PRO A 19 -10.17 -3.80 12.03
N VAL A 20 -10.66 -4.83 12.72
CA VAL A 20 -10.89 -6.11 12.09
C VAL A 20 -11.76 -5.94 10.84
N ALA A 21 -12.75 -5.06 10.94
CA ALA A 21 -13.63 -4.80 9.82
C ALA A 21 -12.88 -4.01 8.76
N VAL A 22 -11.92 -3.21 9.20
CA VAL A 22 -11.14 -2.42 8.28
C VAL A 22 -10.02 -3.27 7.72
N LEU A 23 -9.66 -4.31 8.47
CA LEU A 23 -8.60 -5.20 8.02
C LEU A 23 -9.15 -6.30 7.12
N ALA A 24 -10.25 -6.90 7.55
CA ALA A 24 -10.87 -7.95 6.74
C ALA A 24 -11.12 -7.43 5.34
N VAL A 25 -11.17 -6.11 5.24
CA VAL A 25 -11.40 -5.43 3.98
C VAL A 25 -10.08 -5.14 3.29
N PHE A 26 -9.13 -4.60 4.03
CA PHE A 26 -7.83 -4.28 3.46
C PHE A 26 -7.27 -5.51 2.79
N GLU A 27 -7.60 -6.68 3.34
CA GLU A 27 -7.13 -7.93 2.76
C GLU A 27 -7.31 -7.90 1.25
N GLU A 28 -8.14 -6.96 0.79
CA GLU A 28 -8.40 -6.81 -0.64
C GLU A 28 -8.07 -5.40 -1.08
N ILE A 29 -9.07 -4.51 -1.04
CA ILE A 29 -8.84 -3.15 -1.46
C ILE A 29 -7.55 -2.61 -0.86
N HIS A 30 -7.05 -3.29 0.19
CA HIS A 30 -5.83 -2.85 0.84
C HIS A 30 -5.77 -1.34 0.81
N ILE A 31 -6.38 -0.68 1.78
CA ILE A 31 -6.40 0.78 1.83
C ILE A 31 -7.16 1.36 0.64
N ASN A 32 -7.07 0.72 -0.52
CA ASN A 32 -7.74 1.23 -1.69
C ASN A 32 -7.44 0.37 -2.92
N GLU A 33 -6.15 0.11 -3.15
CA GLU A 33 -5.72 -0.68 -4.29
C GLU A 33 -5.87 0.14 -5.57
N LEU A 34 -6.58 1.25 -5.46
CA LEU A 34 -6.82 2.10 -6.60
C LEU A 34 -6.11 3.46 -6.44
N LEU A 35 -6.18 4.00 -5.23
CA LEU A 35 -5.58 5.30 -4.95
C LEU A 35 -4.15 5.18 -4.45
N HIS A 36 -3.96 4.34 -3.45
CA HIS A 36 -2.64 4.15 -2.85
C HIS A 36 -1.78 3.18 -3.65
N ILE A 37 -2.39 2.50 -4.61
CA ILE A 37 -1.67 1.54 -5.43
C ILE A 37 -0.27 2.04 -5.78
N LEU A 38 -0.16 3.33 -6.01
CA LEU A 38 1.12 3.92 -6.37
C LEU A 38 1.93 4.28 -5.14
N VAL A 39 1.32 5.03 -4.23
CA VAL A 39 1.99 5.46 -3.01
C VAL A 39 2.37 4.25 -2.15
N PHE A 40 1.41 3.37 -1.94
CA PHE A 40 1.63 2.19 -1.13
C PHE A 40 2.41 1.14 -1.93
N GLY A 41 2.47 1.34 -3.24
CA GLY A 41 3.19 0.41 -4.11
C GLY A 41 4.69 0.69 -4.07
N GLU A 42 5.05 1.96 -4.12
CA GLU A 42 6.45 2.35 -4.10
C GLU A 42 7.04 2.11 -2.71
N SER A 43 6.41 2.67 -1.69
CA SER A 43 6.91 2.49 -0.32
C SER A 43 7.30 1.03 -0.11
N LEU A 44 6.78 0.15 -0.95
CA LEU A 44 7.08 -1.27 -0.85
C LEU A 44 8.32 -1.61 -1.66
N LEU A 45 8.50 -0.94 -2.80
CA LEU A 45 9.66 -1.20 -3.65
C LEU A 45 10.83 -0.31 -3.25
N ASN A 46 10.54 0.92 -2.82
CA ASN A 46 11.58 1.84 -2.41
C ASN A 46 12.27 1.32 -1.16
N ASP A 47 11.51 0.63 -0.32
CA ASP A 47 12.06 0.08 0.91
C ASP A 47 12.63 -1.31 0.66
N ALA A 48 12.33 -1.88 -0.51
CA ALA A 48 12.83 -3.21 -0.86
C ALA A 48 13.95 -3.11 -1.88
N VAL A 49 14.25 -1.89 -2.31
CA VAL A 49 15.31 -1.67 -3.29
C VAL A 49 16.46 -0.90 -2.65
N THR A 50 16.15 -0.17 -1.58
CA THR A 50 17.16 0.60 -0.87
C THR A 50 17.81 -0.22 0.23
N VAL A 51 16.99 -0.88 1.03
CA VAL A 51 17.48 -1.69 2.13
C VAL A 51 18.13 -2.97 1.61
N VAL A 52 17.69 -3.40 0.44
CA VAL A 52 18.23 -4.61 -0.17
C VAL A 52 19.53 -4.30 -0.90
N LEU A 53 19.82 -3.02 -1.07
CA LEU A 53 21.02 -2.60 -1.77
C LEU A 53 22.20 -2.49 -0.81
N TYR A 54 22.04 -1.70 0.25
CA TYR A 54 23.13 -1.52 1.22
C TYR A 54 22.63 -1.67 2.65
N LYS A 55 21.42 -2.22 2.80
CA LYS A 55 20.81 -2.45 4.12
C LYS A 55 21.39 -1.54 5.20
N LYS A 56 21.51 -0.25 4.89
CA LYS A 56 22.04 0.71 5.85
C LYS A 56 23.46 0.32 6.26
N LYS A 57 24.42 1.18 5.95
CA LYS A 57 25.82 0.91 6.30
C LYS A 57 25.93 0.47 7.75
N GLY A 1 2.51 4.58 33.20
CA GLY A 1 1.32 3.77 33.60
C GLY A 1 0.77 3.03 32.40
N SER A 2 -0.15 2.10 32.64
CA SER A 2 -0.75 1.32 31.56
C SER A 2 -1.91 0.49 32.08
N LYS A 3 -2.95 0.35 31.25
CA LYS A 3 -4.12 -0.43 31.64
C LYS A 3 -4.88 -0.91 30.41
N LYS A 4 -5.59 -2.02 30.56
CA LYS A 4 -6.35 -2.57 29.43
C LYS A 4 -7.36 -1.55 28.92
N LYS A 5 -7.44 -1.42 27.60
CA LYS A 5 -8.35 -0.48 26.98
C LYS A 5 -9.76 -0.65 27.53
N ASP A 6 -10.69 0.07 26.93
CA ASP A 6 -12.09 0.02 27.32
C ASP A 6 -12.98 0.22 26.11
N ASN A 7 -12.42 -0.04 24.93
CA ASN A 7 -13.16 0.11 23.69
C ASN A 7 -12.42 -0.59 22.55
N LEU A 8 -11.62 -1.59 22.91
CA LEU A 8 -10.87 -2.33 21.91
C LEU A 8 -11.84 -3.10 21.02
N LEU A 9 -12.60 -2.37 20.22
CA LEU A 9 -13.58 -3.01 19.34
C LEU A 9 -12.91 -3.42 18.04
N PHE A 10 -12.07 -2.55 17.52
CA PHE A 10 -11.36 -2.84 16.28
C PHE A 10 -10.24 -3.83 16.53
N GLY A 11 -9.94 -4.04 17.80
CA GLY A 11 -8.89 -4.98 18.18
C GLY A 11 -9.49 -6.23 18.81
N SER A 12 -10.82 -6.29 18.81
CA SER A 12 -11.53 -7.44 19.38
C SER A 12 -12.49 -8.03 18.36
N ILE A 13 -13.06 -7.17 17.52
CA ILE A 13 -13.99 -7.62 16.50
C ILE A 13 -13.29 -7.77 15.16
N ILE A 14 -12.84 -6.63 14.61
CA ILE A 14 -12.15 -6.64 13.34
C ILE A 14 -10.92 -7.52 13.42
N SER A 15 -10.45 -7.73 14.64
CA SER A 15 -9.28 -8.56 14.87
C SER A 15 -9.69 -10.03 14.96
N ALA A 16 -10.99 -10.28 14.82
CA ALA A 16 -11.52 -11.64 14.88
C ALA A 16 -12.06 -12.05 13.52
N VAL A 17 -12.12 -11.09 12.59
CA VAL A 17 -12.61 -11.38 11.25
C VAL A 17 -11.60 -12.19 10.46
N ASP A 18 -11.05 -13.22 11.11
CA ASP A 18 -10.07 -14.08 10.47
C ASP A 18 -9.07 -13.24 9.68
N PRO A 19 -8.01 -12.78 10.30
CA PRO A 19 -7.00 -11.94 9.61
C PRO A 19 -6.63 -12.51 8.25
N VAL A 20 -6.78 -13.82 8.10
CA VAL A 20 -6.48 -14.46 6.83
C VAL A 20 -7.50 -14.02 5.79
N ALA A 21 -8.73 -13.83 6.23
CA ALA A 21 -9.80 -13.39 5.35
C ALA A 21 -9.59 -11.91 5.01
N VAL A 22 -8.98 -11.20 5.95
CA VAL A 22 -8.71 -9.78 5.74
C VAL A 22 -7.39 -9.61 5.02
N LEU A 23 -6.48 -10.54 5.25
CA LEU A 23 -5.18 -10.47 4.60
C LEU A 23 -5.24 -11.10 3.21
N ALA A 24 -6.02 -12.16 3.09
CA ALA A 24 -6.17 -12.83 1.80
C ALA A 24 -6.75 -11.84 0.81
N VAL A 25 -7.34 -10.78 1.33
CA VAL A 25 -7.94 -9.75 0.51
C VAL A 25 -6.92 -8.67 0.20
N PHE A 26 -6.09 -8.35 1.18
CA PHE A 26 -5.07 -7.33 1.02
C PHE A 26 -4.12 -7.73 -0.10
N GLU A 27 -4.31 -8.92 -0.60
CA GLU A 27 -3.48 -9.43 -1.70
C GLU A 27 -4.08 -8.98 -3.02
N GLU A 28 -5.07 -8.09 -2.94
CA GLU A 28 -5.74 -7.59 -4.15
C GLU A 28 -6.16 -6.13 -3.98
N ILE A 29 -6.50 -5.73 -2.75
CA ILE A 29 -6.92 -4.36 -2.50
C ILE A 29 -6.06 -3.68 -1.42
N HIS A 30 -6.00 -4.27 -0.24
CA HIS A 30 -5.23 -3.66 0.83
C HIS A 30 -5.57 -2.18 0.87
N ILE A 31 -6.65 -1.86 1.60
CA ILE A 31 -7.15 -0.48 1.71
C ILE A 31 -7.69 -0.01 0.37
N ASN A 32 -6.92 -0.17 -0.69
CA ASN A 32 -7.36 0.24 -2.00
C ASN A 32 -6.20 0.14 -2.99
N GLU A 33 -5.86 -1.09 -3.36
CA GLU A 33 -4.77 -1.34 -4.32
C GLU A 33 -5.04 -0.60 -5.63
N LEU A 34 -6.03 0.27 -5.60
CA LEU A 34 -6.40 1.05 -6.74
C LEU A 34 -6.01 2.51 -6.51
N LEU A 35 -6.14 2.95 -5.25
CA LEU A 35 -5.81 4.33 -4.89
C LEU A 35 -4.37 4.46 -4.42
N HIS A 36 -4.10 3.96 -3.22
CA HIS A 36 -2.76 4.05 -2.65
C HIS A 36 -1.73 3.33 -3.52
N ILE A 37 -2.24 2.54 -4.45
CA ILE A 37 -1.39 1.78 -5.35
C ILE A 37 -0.17 2.58 -5.81
N LEU A 38 -0.29 3.90 -5.73
CA LEU A 38 0.79 4.77 -6.17
C LEU A 38 1.72 5.16 -5.03
N VAL A 39 1.16 5.34 -3.85
CA VAL A 39 1.95 5.74 -2.68
C VAL A 39 2.48 4.53 -1.93
N PHE A 40 1.67 3.48 -1.86
CA PHE A 40 2.08 2.27 -1.16
C PHE A 40 2.80 1.31 -2.11
N GLY A 41 2.39 1.34 -3.39
CA GLY A 41 2.99 0.48 -4.39
C GLY A 41 4.49 0.75 -4.51
N GLU A 42 4.89 1.99 -4.23
CA GLU A 42 6.29 2.37 -4.31
C GLU A 42 6.95 2.28 -2.94
N SER A 43 6.32 2.86 -1.94
CA SER A 43 6.88 2.82 -0.59
C SER A 43 7.38 1.42 -0.26
N LEU A 44 6.90 0.45 -1.02
CA LEU A 44 7.30 -0.94 -0.79
C LEU A 44 8.50 -1.29 -1.68
N LEU A 45 8.59 -0.65 -2.85
CA LEU A 45 9.72 -0.93 -3.74
C LEU A 45 10.87 0.01 -3.44
N ASN A 46 10.55 1.22 -3.03
CA ASN A 46 11.59 2.20 -2.69
C ASN A 46 12.31 1.77 -1.43
N ASP A 47 11.59 1.09 -0.54
CA ASP A 47 12.16 0.62 0.71
C ASP A 47 12.73 -0.78 0.54
N ALA A 48 12.30 -1.50 -0.49
CA ALA A 48 12.78 -2.85 -0.74
C ALA A 48 13.92 -2.84 -1.74
N VAL A 49 14.24 -1.66 -2.26
CA VAL A 49 15.33 -1.53 -3.23
C VAL A 49 16.57 -0.96 -2.56
N THR A 50 16.36 -0.14 -1.54
CA THR A 50 17.47 0.46 -0.81
C THR A 50 17.89 -0.41 0.37
N VAL A 51 16.91 -0.89 1.11
CA VAL A 51 17.18 -1.74 2.26
C VAL A 51 17.79 -3.06 1.82
N VAL A 52 17.46 -3.47 0.61
CA VAL A 52 17.97 -4.74 0.07
C VAL A 52 19.28 -4.52 -0.67
N LEU A 53 19.56 -3.27 -1.03
CA LEU A 53 20.79 -2.94 -1.73
C LEU A 53 21.99 -3.20 -0.85
N TYR A 54 22.08 -2.47 0.26
CA TYR A 54 23.21 -2.63 1.18
C TYR A 54 22.87 -3.65 2.27
N LYS A 55 21.68 -4.23 2.18
CA LYS A 55 21.25 -5.22 3.17
C LYS A 55 21.72 -4.85 4.57
N LYS A 56 21.78 -3.54 4.83
CA LYS A 56 22.21 -3.06 6.14
C LYS A 56 23.51 -3.74 6.56
N LYS A 57 24.63 -3.10 6.23
CA LYS A 57 25.94 -3.65 6.56
C LYS A 57 26.37 -3.18 7.95
N GLY A 1 -26.60 11.05 -5.85
CA GLY A 1 -25.95 10.10 -6.81
C GLY A 1 -25.13 9.08 -6.04
N SER A 2 -24.16 8.47 -6.71
CA SER A 2 -23.30 7.47 -6.08
C SER A 2 -22.43 8.12 -5.01
N LYS A 3 -21.94 9.32 -5.30
CA LYS A 3 -21.09 10.04 -4.35
C LYS A 3 -21.89 10.47 -3.13
N LYS A 4 -21.86 11.76 -2.85
CA LYS A 4 -22.59 12.31 -1.70
C LYS A 4 -23.96 11.65 -1.58
N LYS A 5 -24.06 10.67 -0.68
CA LYS A 5 -25.32 9.97 -0.47
C LYS A 5 -25.56 9.74 1.01
N ASP A 6 -26.82 9.56 1.38
CA ASP A 6 -27.19 9.34 2.78
C ASP A 6 -27.59 7.89 3.00
N ASN A 7 -26.60 7.01 3.09
CA ASN A 7 -26.85 5.59 3.31
C ASN A 7 -25.56 4.81 3.17
N LEU A 8 -24.44 5.49 3.36
CA LEU A 8 -23.14 4.85 3.25
C LEU A 8 -22.90 3.92 4.43
N LEU A 9 -23.78 2.94 4.59
CA LEU A 9 -23.66 1.99 5.68
C LEU A 9 -22.65 0.90 5.34
N PHE A 10 -22.72 0.43 4.10
CA PHE A 10 -21.81 -0.61 3.65
C PHE A 10 -20.44 -0.01 3.36
N GLY A 11 -20.39 1.31 3.31
CA GLY A 11 -19.14 2.00 3.05
C GLY A 11 -18.64 2.66 4.34
N SER A 12 -19.33 2.38 5.43
CA SER A 12 -18.98 2.95 6.73
C SER A 12 -18.81 1.83 7.76
N ILE A 13 -19.64 0.80 7.64
CA ILE A 13 -19.59 -0.33 8.57
C ILE A 13 -18.81 -1.49 7.96
N ILE A 14 -19.35 -2.06 6.90
CA ILE A 14 -18.70 -3.18 6.22
C ILE A 14 -17.31 -2.77 5.74
N SER A 15 -17.12 -1.47 5.59
CA SER A 15 -15.84 -0.95 5.13
C SER A 15 -14.91 -0.73 6.31
N ALA A 16 -15.42 -1.00 7.51
CA ALA A 16 -14.62 -0.83 8.72
C ALA A 16 -15.06 -1.84 9.78
N VAL A 17 -15.73 -2.89 9.35
CA VAL A 17 -16.19 -3.91 10.27
C VAL A 17 -15.04 -4.42 11.13
N ASP A 18 -14.91 -3.84 12.29
CA ASP A 18 -13.85 -4.21 13.24
C ASP A 18 -12.47 -4.03 12.60
N PRO A 19 -11.49 -3.55 13.32
CA PRO A 19 -10.12 -3.37 12.76
C PRO A 19 -9.40 -4.70 12.61
N VAL A 20 -9.94 -5.72 13.28
CA VAL A 20 -9.36 -7.05 13.21
C VAL A 20 -9.90 -7.78 11.99
N ALA A 21 -11.14 -7.46 11.63
CA ALA A 21 -11.77 -8.07 10.48
C ALA A 21 -11.30 -7.34 9.23
N VAL A 22 -10.84 -6.10 9.44
CA VAL A 22 -10.33 -5.30 8.34
C VAL A 22 -8.88 -5.65 8.11
N LEU A 23 -8.21 -6.09 9.16
CA LEU A 23 -6.82 -6.45 9.05
C LEU A 23 -6.70 -7.66 8.14
N ALA A 24 -7.69 -8.54 8.21
CA ALA A 24 -7.71 -9.73 7.38
C ALA A 24 -7.82 -9.31 5.92
N VAL A 25 -8.24 -8.07 5.72
CA VAL A 25 -8.38 -7.52 4.38
C VAL A 25 -7.08 -6.86 3.95
N PHE A 26 -6.45 -6.18 4.91
CA PHE A 26 -5.19 -5.50 4.64
C PHE A 26 -4.20 -6.49 4.04
N GLU A 27 -4.57 -7.77 4.11
CA GLU A 27 -3.75 -8.82 3.56
C GLU A 27 -3.88 -8.87 2.04
N GLU A 28 -4.71 -7.97 1.50
CA GLU A 28 -4.93 -7.92 0.06
C GLU A 28 -5.01 -6.47 -0.44
N ILE A 29 -5.11 -5.52 0.48
CA ILE A 29 -5.19 -4.10 0.09
C ILE A 29 -4.33 -3.23 1.00
N HIS A 30 -4.07 -3.73 2.20
CA HIS A 30 -3.27 -2.97 3.17
C HIS A 30 -3.81 -1.55 3.30
N ILE A 31 -5.01 -1.33 2.73
CA ILE A 31 -5.69 -0.02 2.75
C ILE A 31 -6.63 0.09 1.55
N ASN A 32 -6.04 0.07 0.37
CA ASN A 32 -6.81 0.17 -0.84
C ASN A 32 -5.89 -0.05 -2.03
N GLU A 33 -5.68 -1.32 -2.37
CA GLU A 33 -4.79 -1.69 -3.49
C GLU A 33 -5.14 -0.93 -4.76
N LEU A 34 -6.11 -0.03 -4.67
CA LEU A 34 -6.52 0.75 -5.81
C LEU A 34 -6.14 2.22 -5.66
N LEU A 35 -6.26 2.76 -4.44
CA LEU A 35 -5.93 4.16 -4.22
C LEU A 35 -4.49 4.36 -3.79
N HIS A 36 -4.00 3.46 -2.96
CA HIS A 36 -2.64 3.58 -2.46
C HIS A 36 -1.64 2.87 -3.36
N ILE A 37 -2.13 2.28 -4.43
CA ILE A 37 -1.27 1.53 -5.35
C ILE A 37 -0.15 2.40 -5.90
N LEU A 38 -0.34 3.70 -5.85
CA LEU A 38 0.66 4.63 -6.36
C LEU A 38 1.62 5.09 -5.27
N VAL A 39 1.10 5.28 -4.07
CA VAL A 39 1.92 5.73 -2.96
C VAL A 39 2.52 4.56 -2.17
N PHE A 40 1.71 3.53 -1.99
CA PHE A 40 2.15 2.36 -1.24
C PHE A 40 2.79 1.31 -2.16
N GLY A 41 2.47 1.39 -3.45
CA GLY A 41 3.02 0.45 -4.41
C GLY A 41 4.48 0.74 -4.70
N GLU A 42 4.85 2.03 -4.67
CA GLU A 42 6.22 2.43 -4.93
C GLU A 42 7.02 2.48 -3.64
N SER A 43 6.43 3.05 -2.59
CA SER A 43 7.11 3.13 -1.31
C SER A 43 7.80 1.82 -1.00
N LEU A 44 7.09 0.72 -1.26
CA LEU A 44 7.65 -0.61 -1.01
C LEU A 44 8.91 -0.80 -1.85
N LEU A 45 8.90 -0.24 -3.05
CA LEU A 45 10.06 -0.36 -3.95
C LEU A 45 11.21 0.47 -3.43
N ASN A 46 11.06 1.80 -3.51
CA ASN A 46 12.10 2.69 -3.04
C ASN A 46 12.67 2.19 -1.72
N ASP A 47 11.83 1.47 -0.97
CA ASP A 47 12.25 0.93 0.31
C ASP A 47 12.85 -0.47 0.14
N ALA A 48 12.24 -1.26 -0.75
CA ALA A 48 12.72 -2.61 -1.00
C ALA A 48 13.92 -2.58 -1.93
N VAL A 49 14.29 -1.39 -2.40
CA VAL A 49 15.44 -1.24 -3.28
C VAL A 49 16.67 -0.86 -2.47
N THR A 50 16.46 -0.04 -1.45
CA THR A 50 17.57 0.38 -0.59
C THR A 50 17.74 -0.57 0.58
N VAL A 51 16.64 -0.95 1.21
CA VAL A 51 16.69 -1.87 2.34
C VAL A 51 17.29 -3.20 1.92
N VAL A 52 17.11 -3.54 0.66
CA VAL A 52 17.63 -4.81 0.14
C VAL A 52 19.04 -4.62 -0.41
N LEU A 53 19.38 -3.38 -0.75
CA LEU A 53 20.70 -3.07 -1.29
C LEU A 53 21.77 -3.55 -0.32
N TYR A 54 21.64 -3.17 0.94
CA TYR A 54 22.61 -3.56 1.97
C TYR A 54 22.00 -4.58 2.93
N LYS A 55 20.81 -5.07 2.57
CA LYS A 55 20.11 -6.06 3.38
C LYS A 55 20.38 -5.88 4.88
N LYS A 56 20.32 -4.64 5.34
CA LYS A 56 20.54 -4.35 6.76
C LYS A 56 21.90 -4.89 7.20
N LYS A 57 22.95 -4.09 7.06
CA LYS A 57 24.28 -4.50 7.45
C LYS A 57 24.63 -5.86 6.84
N GLY A 1 13.16 21.92 16.70
CA GLY A 1 12.39 20.87 15.98
C GLY A 1 11.19 21.49 15.29
N SER A 2 11.46 22.33 14.29
CA SER A 2 10.39 22.99 13.56
C SER A 2 9.33 23.53 14.51
N LYS A 3 8.14 23.79 13.99
CA LYS A 3 7.06 24.31 14.80
C LYS A 3 5.73 23.63 14.44
N LYS A 4 4.65 24.39 14.51
CA LYS A 4 3.33 23.86 14.18
C LYS A 4 3.17 22.44 14.71
N LYS A 5 3.48 21.46 13.86
CA LYS A 5 3.37 20.07 14.26
C LYS A 5 3.94 19.87 15.65
N ASP A 6 3.16 19.22 16.50
CA ASP A 6 3.56 18.96 17.88
C ASP A 6 3.41 17.49 18.23
N ASN A 7 3.51 16.65 17.20
CA ASN A 7 3.39 15.21 17.40
C ASN A 7 3.83 14.45 16.16
N LEU A 8 4.66 15.09 15.35
CA LEU A 8 5.15 14.46 14.13
C LEU A 8 5.92 13.19 14.47
N LEU A 9 6.05 12.90 15.76
CA LEU A 9 6.76 11.71 16.20
C LEU A 9 6.16 10.46 15.56
N PHE A 10 4.86 10.48 15.39
CA PHE A 10 4.16 9.36 14.78
C PHE A 10 3.81 9.68 13.34
N GLY A 11 4.03 10.93 12.97
CA GLY A 11 3.76 11.39 11.61
C GLY A 11 5.06 11.64 10.85
N SER A 12 6.17 11.29 11.49
CA SER A 12 7.48 11.48 10.90
C SER A 12 8.26 10.17 10.88
N ILE A 13 8.11 9.39 11.94
CA ILE A 13 8.80 8.12 12.03
C ILE A 13 7.88 6.97 11.63
N ILE A 14 6.83 6.74 12.41
CA ILE A 14 5.88 5.69 12.12
C ILE A 14 5.34 5.84 10.72
N SER A 15 5.36 7.07 10.23
CA SER A 15 4.88 7.37 8.90
C SER A 15 5.94 7.00 7.87
N ALA A 16 7.04 6.44 8.36
CA ALA A 16 8.14 6.04 7.49
C ALA A 16 9.02 5.02 8.19
N VAL A 17 8.42 4.21 9.07
CA VAL A 17 9.19 3.21 9.80
C VAL A 17 8.99 1.82 9.22
N ASP A 18 8.33 1.79 8.08
CA ASP A 18 8.05 0.54 7.36
C ASP A 18 6.77 0.70 6.55
N PRO A 19 6.68 0.15 5.36
CA PRO A 19 5.46 0.28 4.52
C PRO A 19 4.19 -0.22 5.22
N VAL A 20 4.33 -1.32 5.93
CA VAL A 20 3.18 -1.89 6.64
C VAL A 20 2.75 -0.97 7.76
N ALA A 21 3.72 -0.26 8.34
CA ALA A 21 3.43 0.66 9.43
C ALA A 21 2.88 1.95 8.84
N VAL A 22 3.30 2.24 7.61
CA VAL A 22 2.84 3.43 6.93
C VAL A 22 1.46 3.16 6.36
N LEU A 23 1.25 1.93 5.89
CA LEU A 23 -0.03 1.57 5.31
C LEU A 23 -1.12 1.70 6.36
N ALA A 24 -0.82 1.25 7.58
CA ALA A 24 -1.78 1.36 8.66
C ALA A 24 -2.29 2.78 8.75
N VAL A 25 -1.52 3.69 8.17
CA VAL A 25 -1.88 5.11 8.18
C VAL A 25 -2.72 5.44 6.96
N PHE A 26 -2.51 4.69 5.89
CA PHE A 26 -3.26 4.93 4.66
C PHE A 26 -4.67 4.40 4.79
N GLU A 27 -4.90 3.64 5.85
CA GLU A 27 -6.21 3.07 6.10
C GLU A 27 -7.05 4.06 6.92
N GLU A 28 -6.61 5.31 6.93
CA GLU A 28 -7.32 6.35 7.69
C GLU A 28 -7.65 7.56 6.82
N ILE A 29 -6.71 7.93 5.95
CA ILE A 29 -6.93 9.08 5.07
C ILE A 29 -8.25 8.91 4.32
N HIS A 30 -8.50 9.79 3.36
CA HIS A 30 -9.74 9.70 2.59
C HIS A 30 -9.70 8.46 1.69
N ILE A 31 -9.09 7.40 2.19
CA ILE A 31 -8.97 6.15 1.44
C ILE A 31 -8.01 6.32 0.28
N ASN A 32 -8.10 7.47 -0.39
CA ASN A 32 -7.23 7.79 -1.54
C ASN A 32 -6.66 6.53 -2.18
N GLU A 33 -7.52 5.53 -2.37
CA GLU A 33 -7.11 4.25 -2.95
C GLU A 33 -6.33 4.47 -4.24
N LEU A 34 -6.78 5.42 -5.05
CA LEU A 34 -6.13 5.71 -6.31
C LEU A 34 -4.63 5.93 -6.09
N LEU A 35 -4.27 6.21 -4.84
CA LEU A 35 -2.86 6.42 -4.51
C LEU A 35 -2.22 5.10 -4.10
N HIS A 36 -2.87 4.39 -3.18
CA HIS A 36 -2.36 3.09 -2.73
C HIS A 36 -1.77 2.36 -3.90
N ILE A 37 -2.66 2.08 -4.83
CA ILE A 37 -2.33 1.40 -6.04
C ILE A 37 -0.89 1.68 -6.45
N LEU A 38 -0.44 2.90 -6.23
CA LEU A 38 0.91 3.29 -6.55
C LEU A 38 1.77 3.33 -5.29
N VAL A 39 1.24 3.99 -4.27
CA VAL A 39 1.94 4.14 -3.00
C VAL A 39 2.10 2.81 -2.26
N PHE A 40 1.02 2.03 -2.18
CA PHE A 40 1.08 0.76 -1.47
C PHE A 40 2.23 -0.10 -2.00
N GLY A 41 2.27 -0.28 -3.32
CA GLY A 41 3.31 -1.09 -3.94
C GLY A 41 4.68 -0.43 -3.83
N GLU A 42 4.71 0.88 -4.01
CA GLU A 42 5.97 1.62 -3.94
C GLU A 42 6.59 1.49 -2.56
N SER A 43 5.88 1.97 -1.54
CA SER A 43 6.40 1.88 -0.17
C SER A 43 7.01 0.51 0.07
N LEU A 44 6.62 -0.46 -0.75
CA LEU A 44 7.13 -1.81 -0.62
C LEU A 44 8.39 -1.99 -1.47
N LEU A 45 8.39 -1.39 -2.66
CA LEU A 45 9.55 -1.51 -3.54
C LEU A 45 10.62 -0.49 -3.17
N ASN A 46 10.20 0.68 -2.70
CA ASN A 46 11.14 1.71 -2.31
C ASN A 46 11.87 1.29 -1.04
N ASP A 47 11.19 0.50 -0.21
CA ASP A 47 11.78 0.01 1.02
C ASP A 47 12.48 -1.32 0.79
N ALA A 48 12.33 -1.87 -0.41
CA ALA A 48 12.96 -3.15 -0.74
C ALA A 48 14.06 -2.96 -1.78
N VAL A 49 14.17 -1.76 -2.32
CA VAL A 49 15.19 -1.46 -3.32
C VAL A 49 16.31 -0.62 -2.71
N THR A 50 15.94 0.46 -2.04
CA THR A 50 16.93 1.34 -1.42
C THR A 50 17.54 0.69 -0.18
N VAL A 51 16.75 -0.14 0.49
CA VAL A 51 17.21 -0.83 1.68
C VAL A 51 18.14 -1.98 1.30
N VAL A 52 17.60 -2.93 0.55
CA VAL A 52 18.37 -4.10 0.12
C VAL A 52 19.62 -3.68 -0.64
N LEU A 53 19.69 -2.42 -1.03
CA LEU A 53 20.83 -1.92 -1.78
C LEU A 53 22.06 -1.83 -0.87
N TYR A 54 21.97 -1.03 0.18
CA TYR A 54 23.08 -0.85 1.10
C TYR A 54 23.03 -1.86 2.25
N LYS A 55 21.83 -2.28 2.59
CA LYS A 55 21.64 -3.23 3.68
C LYS A 55 21.66 -4.67 3.17
N LYS A 56 22.11 -4.83 1.93
CA LYS A 56 22.18 -6.15 1.28
C LYS A 56 21.25 -7.15 1.95
N LYS A 57 20.02 -6.74 2.17
CA LYS A 57 19.03 -7.60 2.82
C LYS A 57 18.59 -8.71 1.86
N GLY A 1 -16.14 -32.29 -16.74
CA GLY A 1 -14.67 -32.04 -16.87
C GLY A 1 -14.43 -30.88 -17.82
N SER A 2 -14.00 -29.75 -17.28
CA SER A 2 -13.74 -28.57 -18.09
C SER A 2 -12.63 -27.73 -17.47
N LYS A 3 -11.71 -27.26 -18.31
CA LYS A 3 -10.61 -26.43 -17.83
C LYS A 3 -9.83 -27.16 -16.74
N LYS A 4 -8.95 -28.08 -17.15
CA LYS A 4 -8.16 -28.84 -16.19
C LYS A 4 -6.78 -28.21 -16.02
N LYS A 5 -5.79 -29.05 -15.73
CA LYS A 5 -4.42 -28.57 -15.54
C LYS A 5 -4.09 -27.48 -16.55
N ASP A 6 -3.61 -26.36 -16.04
CA ASP A 6 -3.24 -25.23 -16.89
C ASP A 6 -1.81 -24.79 -16.58
N ASN A 7 -1.27 -25.26 -15.46
CA ASN A 7 0.08 -24.91 -15.07
C ASN A 7 0.34 -25.33 -13.62
N LEU A 8 -0.54 -26.16 -13.09
CA LEU A 8 -0.42 -26.63 -11.71
C LEU A 8 -0.10 -25.46 -10.79
N LEU A 9 1.19 -25.20 -10.63
CA LEU A 9 1.65 -24.13 -9.77
C LEU A 9 0.77 -22.89 -9.96
N PHE A 10 1.04 -22.15 -11.02
CA PHE A 10 0.28 -20.94 -11.32
C PHE A 10 -1.17 -21.29 -11.62
N GLY A 11 -1.49 -22.58 -11.57
CA GLY A 11 -2.85 -23.03 -11.84
C GLY A 11 -3.50 -23.49 -10.54
N SER A 12 -2.73 -23.40 -9.46
CA SER A 12 -3.21 -23.80 -8.14
C SER A 12 -2.99 -22.68 -7.14
N ILE A 13 -1.91 -21.92 -7.34
CA ILE A 13 -1.60 -20.82 -6.44
C ILE A 13 -2.08 -19.50 -7.03
N ILE A 14 -1.44 -19.08 -8.11
CA ILE A 14 -1.80 -17.84 -8.78
C ILE A 14 -3.28 -17.85 -9.14
N SER A 15 -3.80 -19.04 -9.32
CA SER A 15 -5.20 -19.21 -9.68
C SER A 15 -6.08 -19.14 -8.43
N ALA A 16 -5.44 -18.92 -7.27
CA ALA A 16 -6.16 -18.83 -6.02
C ALA A 16 -6.10 -17.41 -5.49
N VAL A 17 -5.21 -16.60 -6.06
CA VAL A 17 -5.07 -15.22 -5.65
C VAL A 17 -5.81 -14.30 -6.60
N ASP A 18 -7.03 -13.94 -6.25
CA ASP A 18 -7.78 -13.04 -7.12
C ASP A 18 -9.09 -12.60 -6.52
N PRO A 19 -9.92 -13.49 -6.07
CA PRO A 19 -11.22 -13.10 -5.51
C PRO A 19 -11.18 -12.91 -4.00
N VAL A 20 -10.50 -13.80 -3.32
CA VAL A 20 -10.40 -13.73 -1.87
C VAL A 20 -9.17 -12.94 -1.46
N ALA A 21 -8.19 -12.96 -2.33
CA ALA A 21 -6.96 -12.25 -2.08
C ALA A 21 -7.15 -10.77 -2.36
N VAL A 22 -8.08 -10.50 -3.27
CA VAL A 22 -8.36 -9.11 -3.64
C VAL A 22 -9.48 -8.57 -2.77
N LEU A 23 -10.42 -9.44 -2.41
CA LEU A 23 -11.54 -9.03 -1.58
C LEU A 23 -11.09 -8.91 -0.13
N ALA A 24 -10.03 -9.65 0.21
CA ALA A 24 -9.49 -9.61 1.56
C ALA A 24 -8.81 -8.27 1.81
N VAL A 25 -8.70 -7.47 0.75
CA VAL A 25 -8.08 -6.16 0.84
C VAL A 25 -9.13 -5.11 1.20
N PHE A 26 -10.32 -5.28 0.62
CA PHE A 26 -11.41 -4.35 0.88
C PHE A 26 -11.65 -4.23 2.37
N GLU A 27 -10.98 -5.08 3.14
CA GLU A 27 -11.12 -5.09 4.58
C GLU A 27 -10.01 -4.26 5.22
N GLU A 28 -9.34 -3.44 4.41
CA GLU A 28 -8.25 -2.61 4.91
C GLU A 28 -8.15 -1.30 4.13
N ILE A 29 -9.14 -1.02 3.28
CA ILE A 29 -9.14 0.20 2.48
C ILE A 29 -10.51 0.87 2.51
N HIS A 30 -10.73 1.80 1.59
CA HIS A 30 -12.00 2.51 1.52
C HIS A 30 -12.14 3.25 0.18
N ILE A 31 -12.49 2.50 -0.87
CA ILE A 31 -12.66 3.08 -2.22
C ILE A 31 -11.36 3.67 -2.75
N ASN A 32 -10.49 4.12 -1.85
CA ASN A 32 -9.22 4.71 -2.27
C ASN A 32 -8.31 3.67 -2.93
N GLU A 33 -8.90 2.56 -3.37
CA GLU A 33 -8.12 1.51 -4.02
C GLU A 33 -7.52 2.00 -5.32
N LEU A 34 -7.56 3.31 -5.54
CA LEU A 34 -7.01 3.89 -6.75
C LEU A 34 -5.74 4.69 -6.42
N LEU A 35 -5.74 5.34 -5.27
CA LEU A 35 -4.59 6.14 -4.85
C LEU A 35 -3.61 5.31 -4.02
N HIS A 36 -4.03 4.90 -2.83
CA HIS A 36 -3.17 4.11 -1.95
C HIS A 36 -2.73 2.82 -2.63
N ILE A 37 -3.20 2.60 -3.84
CA ILE A 37 -2.84 1.40 -4.59
C ILE A 37 -1.50 1.60 -5.29
N LEU A 38 -1.15 2.87 -5.50
CA LEU A 38 0.10 3.21 -6.15
C LEU A 38 1.16 3.58 -5.13
N VAL A 39 0.75 4.27 -4.08
CA VAL A 39 1.68 4.70 -3.04
C VAL A 39 2.32 3.48 -2.38
N PHE A 40 1.55 2.40 -2.28
CA PHE A 40 2.05 1.18 -1.66
C PHE A 40 2.84 0.37 -2.67
N GLY A 41 2.58 0.60 -3.96
CA GLY A 41 3.28 -0.13 -5.01
C GLY A 41 4.76 0.23 -5.03
N GLU A 42 5.07 1.46 -4.62
CA GLU A 42 6.45 1.92 -4.60
C GLU A 42 7.02 1.82 -3.19
N SER A 43 6.30 2.32 -2.21
CA SER A 43 6.77 2.27 -0.83
C SER A 43 7.31 0.87 -0.52
N LEU A 44 6.93 -0.10 -1.35
CA LEU A 44 7.37 -1.47 -1.14
C LEU A 44 8.64 -1.74 -1.95
N LEU A 45 8.79 -1.05 -3.09
CA LEU A 45 9.97 -1.25 -3.92
C LEU A 45 11.07 -0.27 -3.51
N ASN A 46 10.67 0.93 -3.12
CA ASN A 46 11.64 1.94 -2.70
C ASN A 46 12.30 1.52 -1.39
N ASP A 47 11.54 0.79 -0.57
CA ASP A 47 12.05 0.32 0.71
C ASP A 47 12.71 -1.05 0.55
N ALA A 48 12.48 -1.70 -0.59
CA ALA A 48 13.05 -3.01 -0.85
C ALA A 48 14.21 -2.92 -1.83
N VAL A 49 14.51 -1.70 -2.28
CA VAL A 49 15.60 -1.48 -3.22
C VAL A 49 16.77 -0.81 -2.53
N THR A 50 16.46 0.04 -1.55
CA THR A 50 17.50 0.75 -0.81
C THR A 50 17.95 -0.05 0.41
N VAL A 51 16.98 -0.56 1.16
CA VAL A 51 17.29 -1.35 2.35
C VAL A 51 18.01 -2.63 1.95
N VAL A 52 17.74 -3.11 0.75
CA VAL A 52 18.37 -4.34 0.26
C VAL A 52 19.73 -4.04 -0.35
N LEU A 53 19.93 -2.79 -0.77
CA LEU A 53 21.18 -2.38 -1.38
C LEU A 53 22.33 -2.53 -0.38
N TYR A 54 22.32 -1.71 0.66
CA TYR A 54 23.37 -1.77 1.68
C TYR A 54 23.05 -2.84 2.72
N LYS A 55 22.00 -3.62 2.45
CA LYS A 55 21.56 -4.69 3.34
C LYS A 55 22.05 -4.50 4.77
N LYS A 56 21.90 -3.29 5.29
CA LYS A 56 22.33 -2.99 6.65
C LYS A 56 23.82 -3.27 6.81
N LYS A 57 24.62 -2.22 6.91
CA LYS A 57 26.05 -2.37 7.08
C LYS A 57 26.37 -3.27 8.26
N GLY A 1 -24.81 17.74 4.81
CA GLY A 1 -23.75 18.79 4.86
C GLY A 1 -22.63 18.34 5.80
N SER A 2 -22.77 18.69 7.08
CA SER A 2 -21.76 18.33 8.07
C SER A 2 -20.38 18.84 7.66
N LYS A 3 -19.40 18.65 8.53
CA LYS A 3 -18.05 19.11 8.25
C LYS A 3 -17.08 18.59 9.31
N LYS A 4 -16.01 19.35 9.54
CA LYS A 4 -15.02 18.95 10.54
C LYS A 4 -15.69 18.42 11.80
N LYS A 5 -15.60 17.11 12.00
CA LYS A 5 -16.20 16.49 13.17
C LYS A 5 -15.46 16.89 14.44
N ASP A 6 -15.85 16.28 15.54
CA ASP A 6 -15.22 16.56 16.83
C ASP A 6 -14.09 15.58 17.10
N ASN A 7 -14.44 14.30 17.13
CA ASN A 7 -13.46 13.25 17.38
C ASN A 7 -14.16 11.90 17.60
N LEU A 8 -15.35 11.77 17.03
CA LEU A 8 -16.10 10.54 17.17
C LEU A 8 -15.55 9.48 16.20
N LEU A 9 -14.62 9.92 15.37
CA LEU A 9 -14.00 9.02 14.38
C LEU A 9 -13.70 7.67 15.01
N PHE A 10 -12.83 7.68 16.00
CA PHE A 10 -12.46 6.45 16.70
C PHE A 10 -13.69 5.80 17.33
N GLY A 11 -14.77 6.57 17.37
CA GLY A 11 -16.02 6.08 17.92
C GLY A 11 -17.04 5.86 16.80
N SER A 12 -16.57 6.01 15.57
CA SER A 12 -17.42 5.85 14.40
C SER A 12 -16.84 4.82 13.44
N ILE A 13 -15.52 4.84 13.31
CA ILE A 13 -14.84 3.91 12.42
C ILE A 13 -14.30 2.72 13.18
N ILE A 14 -13.36 2.99 14.09
CA ILE A 14 -12.77 1.93 14.90
C ILE A 14 -13.86 1.19 15.67
N SER A 15 -14.95 1.88 15.90
CA SER A 15 -16.08 1.31 16.61
C SER A 15 -16.93 0.47 15.68
N ALA A 16 -16.52 0.39 14.43
CA ALA A 16 -17.24 -0.39 13.44
C ALA A 16 -16.27 -1.19 12.60
N VAL A 17 -15.02 -1.22 13.06
CA VAL A 17 -13.97 -1.94 12.36
C VAL A 17 -12.71 -2.01 13.21
N ASP A 18 -11.98 -3.11 13.09
CA ASP A 18 -10.75 -3.28 13.85
C ASP A 18 -9.53 -3.27 12.92
N PRO A 19 -8.37 -3.01 13.45
CA PRO A 19 -7.12 -2.96 12.64
C PRO A 19 -6.72 -4.34 12.14
N VAL A 20 -6.85 -5.34 13.00
CA VAL A 20 -6.52 -6.71 12.61
C VAL A 20 -7.48 -7.20 11.55
N ALA A 21 -8.73 -6.75 11.64
CA ALA A 21 -9.73 -7.13 10.66
C ALA A 21 -9.53 -6.34 9.38
N VAL A 22 -8.89 -5.18 9.52
CA VAL A 22 -8.61 -4.34 8.38
C VAL A 22 -7.30 -4.78 7.74
N LEU A 23 -6.42 -5.33 8.57
CA LEU A 23 -5.13 -5.78 8.08
C LEU A 23 -5.31 -7.05 7.26
N ALA A 24 -6.19 -7.94 7.71
CA ALA A 24 -6.44 -9.16 6.98
C ALA A 24 -6.81 -8.84 5.55
N VAL A 25 -7.19 -7.58 5.34
CA VAL A 25 -7.56 -7.11 4.02
C VAL A 25 -6.35 -6.56 3.30
N PHE A 26 -5.55 -5.78 4.02
CA PHE A 26 -4.34 -5.21 3.44
C PHE A 26 -3.55 -6.30 2.74
N GLU A 27 -3.73 -7.53 3.19
CA GLU A 27 -3.05 -8.67 2.59
C GLU A 27 -3.37 -8.71 1.10
N GLU A 28 -4.31 -7.85 0.69
CA GLU A 28 -4.72 -7.78 -0.70
C GLU A 28 -4.75 -6.31 -1.15
N ILE A 29 -5.09 -5.42 -0.22
CA ILE A 29 -5.17 -3.99 -0.53
C ILE A 29 -4.31 -3.18 0.47
N HIS A 30 -4.73 -1.95 0.73
CA HIS A 30 -4.05 -1.07 1.65
C HIS A 30 -4.93 0.17 1.87
N ILE A 31 -6.09 -0.08 2.46
CA ILE A 31 -7.09 0.96 2.72
C ILE A 31 -7.85 1.28 1.44
N ASN A 32 -7.16 1.28 0.33
CA ASN A 32 -7.80 1.59 -0.92
C ASN A 32 -6.90 1.22 -2.10
N GLU A 33 -7.15 0.05 -2.68
CA GLU A 33 -6.39 -0.44 -3.83
C GLU A 33 -6.51 0.51 -5.01
N LEU A 34 -7.08 1.67 -4.76
CA LEU A 34 -7.26 2.66 -5.80
C LEU A 34 -6.38 3.87 -5.50
N LEU A 35 -6.25 4.22 -4.23
CA LEU A 35 -5.45 5.37 -3.83
C LEU A 35 -4.00 5.00 -3.48
N HIS A 36 -3.82 3.87 -2.81
CA HIS A 36 -2.49 3.45 -2.39
C HIS A 36 -1.74 2.70 -3.48
N ILE A 37 -2.48 1.92 -4.27
CA ILE A 37 -1.88 1.13 -5.36
C ILE A 37 -0.65 1.80 -5.95
N LEU A 38 -0.66 3.12 -5.98
CA LEU A 38 0.45 3.87 -6.54
C LEU A 38 1.50 4.19 -5.48
N VAL A 39 1.04 4.63 -4.31
CA VAL A 39 1.95 4.98 -3.23
C VAL A 39 2.54 3.73 -2.59
N PHE A 40 1.69 2.78 -2.31
CA PHE A 40 2.13 1.53 -1.68
C PHE A 40 2.84 0.63 -2.69
N GLY A 41 2.63 0.92 -3.97
CA GLY A 41 3.25 0.13 -5.03
C GLY A 41 4.74 0.45 -5.16
N GLU A 42 5.10 1.71 -4.94
CA GLU A 42 6.49 2.12 -5.03
C GLU A 42 7.13 2.18 -3.64
N SER A 43 6.40 2.71 -2.67
CA SER A 43 6.93 2.80 -1.31
C SER A 43 7.63 1.50 -0.93
N LEU A 44 7.01 0.38 -1.28
CA LEU A 44 7.58 -0.92 -0.99
C LEU A 44 8.90 -1.09 -1.72
N LEU A 45 8.97 -0.52 -2.93
CA LEU A 45 10.19 -0.61 -3.73
C LEU A 45 11.27 0.28 -3.15
N ASN A 46 11.07 1.59 -3.23
CA ASN A 46 12.04 2.53 -2.70
C ASN A 46 12.53 2.06 -1.34
N ASP A 47 11.68 1.30 -0.65
CA ASP A 47 12.03 0.78 0.66
C ASP A 47 12.68 -0.61 0.53
N ALA A 48 12.27 -1.35 -0.49
CA ALA A 48 12.82 -2.68 -0.72
C ALA A 48 13.99 -2.62 -1.70
N VAL A 49 14.30 -1.41 -2.15
CA VAL A 49 15.40 -1.22 -3.10
C VAL A 49 16.58 -0.58 -2.38
N THR A 50 16.29 0.20 -1.34
CA THR A 50 17.33 0.87 -0.57
C THR A 50 17.79 0.00 0.59
N VAL A 51 16.87 -0.80 1.11
CA VAL A 51 17.19 -1.69 2.23
C VAL A 51 17.83 -2.98 1.73
N VAL A 52 17.22 -3.59 0.73
CA VAL A 52 17.75 -4.84 0.17
C VAL A 52 19.11 -4.60 -0.46
N LEU A 53 19.44 -3.34 -0.69
CA LEU A 53 20.71 -2.98 -1.30
C LEU A 53 21.86 -3.23 -0.34
N TYR A 54 21.87 -2.51 0.78
CA TYR A 54 22.93 -2.65 1.77
C TYR A 54 22.37 -3.03 3.14
N LYS A 55 21.04 -3.12 3.21
CA LYS A 55 20.33 -3.49 4.44
C LYS A 55 21.15 -3.14 5.69
N LYS A 56 21.69 -1.93 5.71
CA LYS A 56 22.49 -1.49 6.85
C LYS A 56 23.60 -2.49 7.16
N LYS A 57 24.76 -2.30 6.54
CA LYS A 57 25.89 -3.19 6.76
C LYS A 57 25.47 -4.64 6.51
N GLY A 1 -31.48 -12.09 -6.84
CA GLY A 1 -31.43 -12.99 -8.02
C GLY A 1 -30.06 -13.63 -8.13
N SER A 2 -29.43 -13.49 -9.29
CA SER A 2 -28.11 -14.06 -9.51
C SER A 2 -27.56 -13.65 -10.88
N LYS A 3 -28.10 -14.26 -11.93
CA LYS A 3 -27.66 -13.96 -13.29
C LYS A 3 -26.15 -14.13 -13.42
N LYS A 4 -25.66 -14.14 -14.66
CA LYS A 4 -24.24 -14.30 -14.90
C LYS A 4 -23.58 -12.95 -15.15
N LYS A 5 -22.26 -12.96 -15.33
CA LYS A 5 -21.52 -11.73 -15.57
C LYS A 5 -20.50 -11.93 -16.70
N ASP A 6 -20.09 -10.83 -17.31
CA ASP A 6 -19.12 -10.89 -18.39
C ASP A 6 -17.97 -9.91 -18.15
N ASN A 7 -18.12 -9.07 -17.14
CA ASN A 7 -17.08 -8.10 -16.81
C ASN A 7 -17.33 -7.47 -15.45
N LEU A 8 -18.14 -8.14 -14.65
CA LEU A 8 -18.45 -7.63 -13.32
C LEU A 8 -17.37 -8.03 -12.33
N LEU A 9 -16.17 -8.29 -12.84
CA LEU A 9 -15.07 -8.68 -11.97
C LEU A 9 -14.85 -7.62 -10.89
N PHE A 10 -15.52 -6.48 -11.04
CA PHE A 10 -15.41 -5.41 -10.06
C PHE A 10 -16.47 -5.60 -8.99
N GLY A 11 -17.50 -6.34 -9.36
CA GLY A 11 -18.60 -6.64 -8.45
C GLY A 11 -18.54 -8.10 -8.02
N SER A 12 -17.46 -8.77 -8.39
CA SER A 12 -17.28 -10.18 -8.08
C SER A 12 -16.00 -10.42 -7.32
N ILE A 13 -14.96 -9.70 -7.70
CA ILE A 13 -13.65 -9.83 -7.06
C ILE A 13 -13.50 -8.82 -5.93
N ILE A 14 -13.63 -7.54 -6.27
CA ILE A 14 -13.51 -6.49 -5.28
C ILE A 14 -14.65 -6.59 -4.29
N SER A 15 -15.69 -7.29 -4.71
CA SER A 15 -16.87 -7.48 -3.88
C SER A 15 -16.65 -8.65 -2.92
N ALA A 16 -15.47 -9.26 -3.02
CA ALA A 16 -15.13 -10.39 -2.16
C ALA A 16 -14.00 -10.01 -1.22
N VAL A 17 -13.48 -8.80 -1.39
CA VAL A 17 -12.40 -8.32 -0.54
C VAL A 17 -12.94 -7.77 0.77
N ASP A 18 -13.94 -8.46 1.32
CA ASP A 18 -14.54 -8.02 2.57
C ASP A 18 -14.84 -6.53 2.55
N PRO A 19 -16.00 -6.13 2.09
CA PRO A 19 -16.37 -4.69 2.03
C PRO A 19 -16.01 -3.96 3.31
N VAL A 20 -16.09 -4.67 4.43
CA VAL A 20 -15.75 -4.08 5.71
C VAL A 20 -14.27 -3.75 5.74
N ALA A 21 -13.47 -4.60 5.08
CA ALA A 21 -12.03 -4.38 5.02
C ALA A 21 -11.73 -3.29 4.02
N VAL A 22 -12.63 -3.12 3.06
CA VAL A 22 -12.47 -2.09 2.04
C VAL A 22 -13.10 -0.80 2.52
N LEU A 23 -14.08 -0.93 3.41
CA LEU A 23 -14.76 0.24 3.95
C LEU A 23 -13.94 0.81 5.10
N ALA A 24 -13.32 -0.06 5.88
CA ALA A 24 -12.50 0.40 7.00
C ALA A 24 -11.46 1.36 6.47
N VAL A 25 -11.28 1.35 5.16
CA VAL A 25 -10.32 2.24 4.51
C VAL A 25 -11.00 3.55 4.14
N PHE A 26 -12.26 3.45 3.71
CA PHE A 26 -13.01 4.65 3.35
C PHE A 26 -12.95 5.66 4.50
N GLU A 27 -12.51 5.16 5.65
CA GLU A 27 -12.38 6.00 6.83
C GLU A 27 -11.07 6.78 6.77
N GLU A 28 -10.40 6.68 5.61
CA GLU A 28 -9.13 7.36 5.41
C GLU A 28 -9.17 8.16 4.11
N ILE A 29 -9.89 7.64 3.13
CA ILE A 29 -10.00 8.30 1.82
C ILE A 29 -11.39 8.09 1.22
N HIS A 30 -11.54 8.47 -0.05
CA HIS A 30 -12.82 8.32 -0.74
C HIS A 30 -12.69 7.40 -1.97
N ILE A 31 -12.08 6.23 -1.77
CA ILE A 31 -11.90 5.26 -2.85
C ILE A 31 -10.94 4.14 -2.48
N ASN A 32 -9.72 4.50 -2.09
CA ASN A 32 -8.71 3.49 -1.79
C ASN A 32 -8.47 2.66 -3.05
N GLU A 33 -7.76 3.25 -3.99
CA GLU A 33 -7.48 2.58 -5.26
C GLU A 33 -6.72 3.49 -6.20
N LEU A 34 -6.64 4.78 -5.86
CA LEU A 34 -5.90 5.73 -6.70
C LEU A 34 -4.66 6.21 -5.97
N LEU A 35 -4.66 6.06 -4.65
CA LEU A 35 -3.52 6.51 -3.83
C LEU A 35 -2.49 5.41 -3.62
N HIS A 36 -2.84 4.44 -2.78
CA HIS A 36 -1.93 3.34 -2.46
C HIS A 36 -1.62 2.54 -3.70
N ILE A 37 -2.66 2.18 -4.43
CA ILE A 37 -2.52 1.42 -5.64
C ILE A 37 -1.20 1.73 -6.34
N LEU A 38 -0.78 2.99 -6.23
CA LEU A 38 0.47 3.42 -6.82
C LEU A 38 1.57 3.53 -5.75
N VAL A 39 1.18 4.01 -4.58
CA VAL A 39 2.13 4.19 -3.48
C VAL A 39 2.34 2.90 -2.69
N PHE A 40 1.26 2.20 -2.37
CA PHE A 40 1.38 0.97 -1.60
C PHE A 40 2.46 0.07 -2.20
N GLY A 41 2.37 -0.18 -3.50
CA GLY A 41 3.35 -1.02 -4.17
C GLY A 41 4.75 -0.44 -4.04
N GLU A 42 4.86 0.87 -4.25
CA GLU A 42 6.16 1.54 -4.16
C GLU A 42 6.73 1.41 -2.74
N SER A 43 6.03 1.98 -1.77
CA SER A 43 6.50 1.91 -0.39
C SER A 43 7.02 0.51 -0.07
N LEU A 44 6.59 -0.46 -0.87
CA LEU A 44 7.02 -1.83 -0.68
C LEU A 44 8.29 -2.10 -1.48
N LEU A 45 8.36 -1.55 -2.70
CA LEU A 45 9.54 -1.76 -3.54
C LEU A 45 10.65 -0.79 -3.14
N ASN A 46 10.29 0.42 -2.74
CA ASN A 46 11.29 1.41 -2.34
C ASN A 46 12.00 0.92 -1.08
N ASP A 47 11.24 0.26 -0.21
CA ASP A 47 11.81 -0.26 1.03
C ASP A 47 12.50 -1.60 0.79
N ALA A 48 12.29 -2.15 -0.40
CA ALA A 48 12.89 -3.44 -0.75
C ALA A 48 14.02 -3.25 -1.77
N VAL A 49 14.13 -2.05 -2.30
CA VAL A 49 15.17 -1.75 -3.28
C VAL A 49 16.19 -0.76 -2.71
N THR A 50 15.76 0.00 -1.70
CA THR A 50 16.63 0.98 -1.07
C THR A 50 17.40 0.36 0.09
N VAL A 51 16.68 -0.35 0.95
CA VAL A 51 17.31 -0.99 2.10
C VAL A 51 18.14 -2.20 1.67
N VAL A 52 17.76 -2.79 0.56
CA VAL A 52 18.48 -3.96 0.04
C VAL A 52 19.73 -3.54 -0.71
N LEU A 53 19.82 -2.25 -1.02
CA LEU A 53 20.96 -1.74 -1.76
C LEU A 53 22.11 -1.38 -0.83
N TYR A 54 21.87 -0.44 0.09
CA TYR A 54 22.91 -0.01 1.02
C TYR A 54 22.45 -0.13 2.47
N LYS A 55 21.34 -0.84 2.67
CA LYS A 55 20.78 -1.08 4.02
C LYS A 55 21.28 -0.05 5.04
N LYS A 56 21.23 1.22 4.68
CA LYS A 56 21.67 2.28 5.59
C LYS A 56 23.11 2.03 6.04
N LYS A 57 24.06 2.66 5.35
CA LYS A 57 25.47 2.50 5.70
C LYS A 57 25.72 2.93 7.14
N GLY A 1 8.32 -27.08 1.89
CA GLY A 1 8.74 -27.61 3.22
C GLY A 1 8.49 -26.57 4.29
N SER A 2 7.64 -25.59 3.97
CA SER A 2 7.32 -24.53 4.93
C SER A 2 8.43 -23.49 4.96
N LYS A 3 9.64 -23.94 5.30
CA LYS A 3 10.79 -23.04 5.38
C LYS A 3 10.71 -22.17 6.62
N LYS A 4 9.51 -22.06 7.18
CA LYS A 4 9.30 -21.26 8.38
C LYS A 4 10.46 -21.44 9.36
N LYS A 5 10.75 -20.38 10.12
CA LYS A 5 11.83 -20.44 11.09
C LYS A 5 11.28 -20.57 12.50
N ASP A 6 12.17 -20.60 13.48
CA ASP A 6 11.77 -20.72 14.87
C ASP A 6 12.68 -19.89 15.76
N ASN A 7 13.48 -19.03 15.14
CA ASN A 7 14.41 -18.18 15.87
C ASN A 7 14.15 -16.72 15.59
N LEU A 8 14.67 -16.27 14.47
CA LEU A 8 14.51 -14.87 14.07
C LEU A 8 13.03 -14.50 14.06
N LEU A 9 12.50 -14.17 15.24
CA LEU A 9 11.10 -13.79 15.35
C LEU A 9 10.85 -12.54 14.51
N PHE A 10 11.93 -12.01 13.95
CA PHE A 10 11.84 -10.81 13.11
C PHE A 10 11.77 -11.22 11.64
N GLY A 11 12.07 -12.48 11.39
CA GLY A 11 12.05 -13.00 10.03
C GLY A 11 10.82 -13.88 9.80
N SER A 12 9.95 -13.94 10.80
CA SER A 12 8.75 -14.74 10.70
C SER A 12 7.51 -13.90 11.00
N ILE A 13 7.63 -13.01 11.98
CA ILE A 13 6.52 -12.14 12.34
C ILE A 13 6.66 -10.77 11.69
N ILE A 14 7.72 -10.05 12.07
CA ILE A 14 7.96 -8.72 11.51
C ILE A 14 8.06 -8.80 10.00
N SER A 15 8.39 -9.98 9.52
CA SER A 15 8.52 -10.21 8.09
C SER A 15 7.17 -10.58 7.47
N ALA A 16 6.13 -10.57 8.30
CA ALA A 16 4.79 -10.91 7.83
C ALA A 16 3.93 -9.66 7.83
N VAL A 17 4.40 -8.63 8.52
CA VAL A 17 3.66 -7.38 8.59
C VAL A 17 4.25 -6.34 7.67
N ASP A 18 3.51 -6.02 6.62
CA ASP A 18 3.96 -5.00 5.68
C ASP A 18 2.97 -4.77 4.57
N PRO A 19 2.57 -5.78 3.86
CA PRO A 19 1.61 -5.61 2.75
C PRO A 19 0.16 -5.83 3.16
N VAL A 20 -0.05 -6.80 4.03
CA VAL A 20 -1.40 -7.13 4.48
C VAL A 20 -1.73 -6.38 5.76
N ALA A 21 -0.69 -6.07 6.52
CA ALA A 21 -0.87 -5.37 7.76
C ALA A 21 -1.01 -3.89 7.50
N VAL A 22 -0.42 -3.45 6.41
CA VAL A 22 -0.47 -2.05 6.03
C VAL A 22 -1.66 -1.80 5.12
N LEU A 23 -2.19 -2.87 4.52
CA LEU A 23 -3.34 -2.74 3.65
C LEU A 23 -4.61 -2.70 4.48
N ALA A 24 -4.59 -3.45 5.59
CA ALA A 24 -5.75 -3.49 6.48
C ALA A 24 -6.22 -2.08 6.77
N VAL A 25 -5.32 -1.12 6.61
CA VAL A 25 -5.63 0.28 6.85
C VAL A 25 -6.13 0.93 5.56
N PHE A 26 -5.39 0.73 4.49
CA PHE A 26 -5.77 1.31 3.19
C PHE A 26 -7.09 0.70 2.72
N GLU A 27 -7.63 -0.20 3.53
CA GLU A 27 -8.89 -0.83 3.21
C GLU A 27 -10.04 -0.02 3.80
N GLU A 28 -9.68 1.06 4.50
CA GLU A 28 -10.70 1.91 5.11
C GLU A 28 -10.09 3.18 5.69
N ILE A 29 -10.07 4.24 4.88
CA ILE A 29 -9.53 5.53 5.33
C ILE A 29 -10.30 6.68 4.69
N HIS A 30 -10.82 6.43 3.49
CA HIS A 30 -11.57 7.46 2.77
C HIS A 30 -10.78 8.76 2.73
N ILE A 31 -9.54 8.67 2.27
CA ILE A 31 -8.67 9.84 2.18
C ILE A 31 -7.37 9.51 1.44
N ASN A 32 -6.93 8.26 1.59
CA ASN A 32 -5.69 7.83 0.94
C ASN A 32 -5.89 6.47 0.28
N GLU A 33 -7.07 6.24 -0.27
CA GLU A 33 -7.38 4.98 -0.92
C GLU A 33 -7.19 5.09 -2.43
N LEU A 34 -6.78 6.28 -2.87
CA LEU A 34 -6.57 6.53 -4.30
C LEU A 34 -5.09 6.74 -4.60
N LEU A 35 -4.33 7.11 -3.56
CA LEU A 35 -2.90 7.35 -3.73
C LEU A 35 -2.13 6.04 -3.60
N HIS A 36 -2.19 5.44 -2.42
CA HIS A 36 -1.51 4.19 -2.16
C HIS A 36 -1.63 3.26 -3.36
N ILE A 37 -2.76 3.36 -4.06
CA ILE A 37 -3.01 2.52 -5.22
C ILE A 37 -1.73 2.36 -6.06
N LEU A 38 -0.87 3.37 -6.03
CA LEU A 38 0.37 3.33 -6.79
C LEU A 38 1.54 2.97 -5.89
N VAL A 39 1.85 3.85 -4.95
CA VAL A 39 2.95 3.62 -4.03
C VAL A 39 2.85 2.24 -3.40
N PHE A 40 1.63 1.72 -3.34
CA PHE A 40 1.42 0.41 -2.76
C PHE A 40 2.49 -0.56 -3.27
N GLY A 41 2.31 -1.05 -4.50
CA GLY A 41 3.25 -1.97 -5.09
C GLY A 41 4.68 -1.41 -5.00
N GLU A 42 4.82 -0.11 -5.25
CA GLU A 42 6.13 0.52 -5.19
C GLU A 42 6.65 0.57 -3.75
N SER A 43 5.78 0.24 -2.80
CA SER A 43 6.18 0.24 -1.39
C SER A 43 7.17 -0.89 -1.14
N LEU A 44 6.69 -2.12 -1.32
CA LEU A 44 7.55 -3.28 -1.13
C LEU A 44 8.83 -3.12 -1.94
N LEU A 45 8.81 -2.20 -2.88
CA LEU A 45 9.97 -1.94 -3.72
C LEU A 45 10.85 -0.87 -3.07
N ASN A 46 10.39 0.36 -3.13
CA ASN A 46 11.14 1.47 -2.54
C ASN A 46 11.58 1.08 -1.14
N ASP A 47 10.88 0.10 -0.55
CA ASP A 47 11.22 -0.36 0.79
C ASP A 47 12.22 -1.50 0.73
N ALA A 48 12.23 -2.23 -0.38
CA ALA A 48 13.15 -3.35 -0.55
C ALA A 48 14.25 -2.99 -1.55
N VAL A 49 14.20 -1.77 -2.08
CA VAL A 49 15.19 -1.32 -3.03
C VAL A 49 16.09 -0.26 -2.41
N THR A 50 15.56 0.42 -1.39
CA THR A 50 16.30 1.47 -0.70
C THR A 50 17.10 0.89 0.46
N VAL A 51 16.47 -0.04 1.18
CA VAL A 51 17.11 -0.67 2.33
C VAL A 51 18.12 -1.72 1.88
N VAL A 52 17.73 -2.53 0.90
CA VAL A 52 18.62 -3.57 0.39
C VAL A 52 19.82 -2.95 -0.32
N LEU A 53 19.72 -1.66 -0.61
CA LEU A 53 20.79 -0.95 -1.30
C LEU A 53 21.95 -0.68 -0.35
N TYR A 54 21.69 0.08 0.71
CA TYR A 54 22.74 0.42 1.68
C TYR A 54 22.39 -0.06 3.08
N LYS A 55 21.22 -0.69 3.22
CA LYS A 55 20.74 -1.21 4.50
C LYS A 55 21.42 -0.53 5.69
N LYS A 56 21.47 0.80 5.65
CA LYS A 56 22.09 1.57 6.72
C LYS A 56 23.53 1.10 6.95
N LYS A 57 24.48 1.84 6.40
CA LYS A 57 25.90 1.49 6.55
C LYS A 57 26.35 1.70 7.99
N GLY A 1 -15.80 32.09 17.10
CA GLY A 1 -16.00 30.87 17.94
C GLY A 1 -16.63 29.77 17.09
N SER A 2 -15.78 28.99 16.44
CA SER A 2 -16.26 27.90 15.59
C SER A 2 -15.34 26.69 15.70
N LYS A 3 -14.05 26.91 15.42
CA LYS A 3 -13.07 25.83 15.49
C LYS A 3 -13.37 24.77 14.43
N LYS A 4 -12.38 24.47 13.61
CA LYS A 4 -12.55 23.46 12.56
C LYS A 4 -11.40 22.46 12.58
N LYS A 5 -11.40 21.59 13.58
CA LYS A 5 -10.35 20.58 13.71
C LYS A 5 -10.73 19.32 12.96
N ASP A 6 -9.88 18.31 13.08
CA ASP A 6 -10.12 17.03 12.40
C ASP A 6 -11.41 16.40 12.91
N ASN A 7 -11.30 15.62 13.97
CA ASN A 7 -12.47 14.96 14.54
C ASN A 7 -12.20 14.57 16.00
N LEU A 8 -11.05 14.98 16.49
CA LEU A 8 -10.64 14.70 17.86
C LEU A 8 -11.17 13.35 18.34
N LEU A 9 -12.28 13.38 19.07
CA LEU A 9 -12.88 12.15 19.58
C LEU A 9 -12.98 11.10 18.48
N PHE A 10 -13.77 11.41 17.47
CA PHE A 10 -13.96 10.50 16.35
C PHE A 10 -12.72 10.47 15.49
N GLY A 11 -11.75 11.32 15.82
CA GLY A 11 -10.51 11.38 15.08
C GLY A 11 -9.37 10.81 15.91
N SER A 12 -9.73 10.31 17.08
CA SER A 12 -8.75 9.72 17.99
C SER A 12 -9.18 8.33 18.41
N ILE A 13 -10.49 8.12 18.50
CA ILE A 13 -11.01 6.82 18.92
C ILE A 13 -11.41 5.98 17.72
N ILE A 14 -12.45 6.39 17.02
CA ILE A 14 -12.93 5.66 15.86
C ILE A 14 -11.87 5.62 14.78
N SER A 15 -11.04 6.66 14.75
CA SER A 15 -9.99 6.74 13.77
C SER A 15 -8.77 5.93 14.20
N ALA A 16 -8.88 5.30 15.36
CA ALA A 16 -7.79 4.49 15.89
C ALA A 16 -8.33 3.36 16.75
N VAL A 17 -9.61 3.04 16.57
CA VAL A 17 -10.24 1.98 17.34
C VAL A 17 -9.32 0.77 17.41
N ASP A 18 -8.71 0.60 18.57
CA ASP A 18 -7.80 -0.53 18.77
C ASP A 18 -6.93 -0.75 17.53
N PRO A 19 -5.73 -0.21 17.49
CA PRO A 19 -4.85 -0.37 16.31
C PRO A 19 -4.88 -1.80 15.79
N VAL A 20 -5.06 -2.74 16.69
CA VAL A 20 -5.13 -4.14 16.31
C VAL A 20 -6.29 -4.36 15.35
N ALA A 21 -7.38 -3.67 15.61
CA ALA A 21 -8.57 -3.78 14.77
C ALA A 21 -8.34 -3.06 13.46
N VAL A 22 -7.48 -2.05 13.49
CA VAL A 22 -7.17 -1.30 12.28
C VAL A 22 -6.07 -2.01 11.51
N LEU A 23 -5.23 -2.70 12.25
CA LEU A 23 -4.13 -3.42 11.62
C LEU A 23 -4.67 -4.60 10.83
N ALA A 24 -5.58 -5.35 11.44
CA ALA A 24 -6.17 -6.48 10.75
C ALA A 24 -6.62 -6.05 9.37
N VAL A 25 -6.79 -4.75 9.21
CA VAL A 25 -7.21 -4.19 7.94
C VAL A 25 -5.99 -3.84 7.09
N PHE A 26 -4.96 -3.28 7.73
CA PHE A 26 -3.75 -2.92 7.01
C PHE A 26 -3.27 -4.11 6.21
N GLU A 27 -3.65 -5.29 6.68
CA GLU A 27 -3.29 -6.51 6.00
C GLU A 27 -3.92 -6.54 4.61
N GLU A 28 -4.65 -5.47 4.30
CA GLU A 28 -5.31 -5.35 3.01
C GLU A 28 -5.14 -3.93 2.46
N ILE A 29 -5.63 -2.94 3.19
CA ILE A 29 -5.49 -1.56 2.75
C ILE A 29 -4.12 -1.01 3.11
N HIS A 30 -3.46 -1.64 4.07
CA HIS A 30 -2.14 -1.19 4.50
C HIS A 30 -2.16 0.33 4.73
N ILE A 31 -3.37 0.91 4.75
CA ILE A 31 -3.59 2.35 4.94
C ILE A 31 -4.85 2.77 4.20
N ASN A 32 -4.83 2.59 2.89
CA ASN A 32 -5.96 2.98 2.07
C ASN A 32 -5.74 2.49 0.64
N GLU A 33 -6.26 1.31 0.34
CA GLU A 33 -6.12 0.74 -1.00
C GLU A 33 -6.64 1.68 -2.08
N LEU A 34 -6.90 2.93 -1.71
CA LEU A 34 -7.39 3.91 -2.66
C LEU A 34 -6.34 4.99 -2.90
N LEU A 35 -5.49 5.24 -1.89
CA LEU A 35 -4.47 6.28 -2.01
C LEU A 35 -3.15 5.73 -2.54
N HIS A 36 -2.56 4.81 -1.81
CA HIS A 36 -1.27 4.22 -2.18
C HIS A 36 -1.46 3.09 -3.18
N ILE A 37 -2.70 2.84 -3.55
CA ILE A 37 -3.01 1.79 -4.51
C ILE A 37 -1.92 1.67 -5.57
N LEU A 38 -1.39 2.81 -5.99
CA LEU A 38 -0.34 2.83 -7.00
C LEU A 38 1.01 3.03 -6.36
N VAL A 39 1.08 3.91 -5.37
CA VAL A 39 2.34 4.14 -4.70
C VAL A 39 2.92 2.79 -4.34
N PHE A 40 2.03 1.81 -4.15
CA PHE A 40 2.44 0.46 -3.82
C PHE A 40 3.64 0.07 -4.66
N GLY A 41 3.38 -0.29 -5.92
CA GLY A 41 4.44 -0.68 -6.84
C GLY A 41 5.73 0.05 -6.53
N GLU A 42 5.58 1.30 -6.08
CA GLU A 42 6.76 2.11 -5.74
C GLU A 42 7.14 1.93 -4.28
N SER A 43 6.34 2.49 -3.37
CA SER A 43 6.62 2.41 -1.94
C SER A 43 7.18 1.02 -1.58
N LEU A 44 6.71 0.00 -2.29
CA LEU A 44 7.17 -1.36 -2.03
C LEU A 44 8.57 -1.57 -2.62
N LEU A 45 8.81 -0.98 -3.79
CA LEU A 45 10.10 -1.11 -4.44
C LEU A 45 11.10 -0.12 -3.86
N ASN A 46 10.61 1.04 -3.44
CA ASN A 46 11.47 2.06 -2.86
C ASN A 46 12.01 1.60 -1.51
N ASP A 47 11.19 0.82 -0.80
CA ASP A 47 11.58 0.32 0.51
C ASP A 47 12.26 -1.05 0.37
N ALA A 48 12.22 -1.62 -0.82
CA ALA A 48 12.84 -2.92 -1.06
C ALA A 48 14.13 -2.79 -1.86
N VAL A 49 14.46 -1.55 -2.22
CA VAL A 49 15.67 -1.29 -2.99
C VAL A 49 16.73 -0.64 -2.11
N THR A 50 16.29 0.18 -1.15
CA THR A 50 17.20 0.84 -0.25
C THR A 50 17.46 -0.01 0.99
N VAL A 51 16.38 -0.52 1.57
CA VAL A 51 16.49 -1.36 2.76
C VAL A 51 17.27 -2.63 2.46
N VAL A 52 17.24 -3.05 1.20
CA VAL A 52 17.96 -4.25 0.79
C VAL A 52 19.37 -3.91 0.34
N LEU A 53 19.60 -2.65 0.04
CA LEU A 53 20.91 -2.21 -0.42
C LEU A 53 21.92 -2.28 0.72
N TYR A 54 21.69 -1.52 1.78
CA TYR A 54 22.60 -1.52 2.92
C TYR A 54 22.18 -2.55 3.97
N LYS A 55 21.20 -3.38 3.60
CA LYS A 55 20.67 -4.43 4.49
C LYS A 55 20.93 -4.12 5.95
N LYS A 56 20.64 -2.88 6.34
CA LYS A 56 20.85 -2.46 7.73
C LYS A 56 22.21 -2.94 8.23
N LYS A 57 23.26 -2.20 7.88
CA LYS A 57 24.61 -2.55 8.31
C LYS A 57 24.88 -4.02 8.04
N GLY A 1 -16.10 22.34 -8.78
CA GLY A 1 -15.79 23.30 -7.69
C GLY A 1 -15.36 22.53 -6.44
N SER A 2 -14.06 22.57 -6.14
CA SER A 2 -13.54 21.87 -4.97
C SER A 2 -12.52 22.74 -4.24
N LYS A 3 -11.70 22.10 -3.41
CA LYS A 3 -10.67 22.82 -2.66
C LYS A 3 -11.29 24.01 -1.93
N LYS A 4 -11.96 23.74 -0.82
CA LYS A 4 -12.59 24.79 -0.03
C LYS A 4 -12.25 24.63 1.44
N LYS A 5 -12.79 23.59 2.06
CA LYS A 5 -12.54 23.33 3.48
C LYS A 5 -11.17 22.71 3.67
N ASP A 6 -10.90 22.30 4.90
CA ASP A 6 -9.61 21.68 5.23
C ASP A 6 -9.79 20.62 6.30
N ASN A 7 -11.03 20.18 6.50
CA ASN A 7 -11.33 19.16 7.50
C ASN A 7 -12.43 18.22 7.02
N LEU A 8 -12.23 17.65 5.83
CA LEU A 8 -13.21 16.73 5.28
C LEU A 8 -13.71 15.79 6.37
N LEU A 9 -14.84 16.13 6.98
CA LEU A 9 -15.41 15.31 8.03
C LEU A 9 -15.63 13.88 7.54
N PHE A 10 -15.40 13.68 6.26
CA PHE A 10 -15.57 12.36 5.65
C PHE A 10 -14.22 11.79 5.25
N GLY A 11 -13.19 12.62 5.34
CA GLY A 11 -11.84 12.21 4.99
C GLY A 11 -10.99 12.07 6.25
N SER A 12 -11.64 12.26 7.40
CA SER A 12 -10.96 12.15 8.69
C SER A 12 -11.70 11.18 9.59
N ILE A 13 -13.02 11.14 9.45
CA ILE A 13 -13.86 10.26 10.25
C ILE A 13 -14.16 8.98 9.51
N ILE A 14 -14.99 9.09 8.47
CA ILE A 14 -15.36 7.92 7.67
C ILE A 14 -14.12 7.27 7.10
N SER A 15 -13.05 8.05 7.02
CA SER A 15 -11.78 7.53 6.49
C SER A 15 -10.94 6.96 7.62
N ALA A 16 -11.40 7.15 8.85
CA ALA A 16 -10.68 6.66 10.02
C ALA A 16 -11.63 5.97 10.99
N VAL A 17 -12.85 5.70 10.53
CA VAL A 17 -13.83 5.04 11.38
C VAL A 17 -13.19 3.92 12.17
N ASP A 18 -12.95 4.18 13.44
CA ASP A 18 -12.33 3.20 14.32
C ASP A 18 -11.19 2.48 13.59
N PRO A 19 -9.96 2.93 13.72
CA PRO A 19 -8.81 2.28 13.04
C PRO A 19 -8.89 0.77 13.09
N VAL A 20 -9.56 0.26 14.11
CA VAL A 20 -9.72 -1.19 14.25
C VAL A 20 -10.59 -1.71 13.12
N ALA A 21 -11.63 -0.95 12.79
CA ALA A 21 -12.53 -1.33 11.71
C ALA A 21 -11.83 -1.17 10.38
N VAL A 22 -10.95 -0.18 10.30
CA VAL A 22 -10.21 0.06 9.07
C VAL A 22 -9.00 -0.86 9.01
N LEU A 23 -8.50 -1.25 10.18
CA LEU A 23 -7.36 -2.13 10.22
C LEU A 23 -7.76 -3.53 9.78
N ALA A 24 -8.99 -3.92 10.13
CA ALA A 24 -9.48 -5.23 9.73
C ALA A 24 -9.68 -5.24 8.22
N VAL A 25 -9.74 -4.04 7.66
CA VAL A 25 -9.93 -3.87 6.22
C VAL A 25 -8.56 -3.80 5.54
N PHE A 26 -7.62 -3.11 6.18
CA PHE A 26 -6.28 -2.99 5.63
C PHE A 26 -5.69 -4.37 5.38
N GLU A 27 -6.14 -5.33 6.16
CA GLU A 27 -5.66 -6.71 6.02
C GLU A 27 -5.98 -7.23 4.62
N GLU A 28 -6.61 -6.40 3.81
CA GLU A 28 -6.96 -6.77 2.45
C GLU A 28 -6.61 -5.67 1.47
N ILE A 29 -7.64 -4.94 1.06
CA ILE A 29 -7.46 -3.85 0.13
C ILE A 29 -6.18 -3.06 0.47
N HIS A 30 -5.72 -3.20 1.71
CA HIS A 30 -4.54 -2.47 2.14
C HIS A 30 -4.71 -0.98 1.80
N ILE A 31 -5.15 -0.20 2.78
CA ILE A 31 -5.39 1.23 2.59
C ILE A 31 -6.61 1.46 1.71
N ASN A 32 -6.53 1.03 0.46
CA ASN A 32 -7.65 1.22 -0.47
C ASN A 32 -7.49 0.30 -1.68
N GLU A 33 -6.24 0.00 -2.06
CA GLU A 33 -5.97 -0.88 -3.19
C GLU A 33 -6.12 -0.14 -4.50
N LEU A 34 -6.84 0.98 -4.46
CA LEU A 34 -7.06 1.77 -5.67
C LEU A 34 -6.36 3.13 -5.54
N LEU A 35 -6.32 3.67 -4.32
CA LEU A 35 -5.70 4.97 -4.10
C LEU A 35 -4.23 4.85 -3.74
N HIS A 36 -3.92 3.85 -2.93
CA HIS A 36 -2.56 3.64 -2.46
C HIS A 36 -1.77 2.74 -3.40
N ILE A 37 -2.49 2.05 -4.27
CA ILE A 37 -1.84 1.13 -5.20
C ILE A 37 -0.53 1.70 -5.74
N LEU A 38 -0.50 3.01 -5.98
CA LEU A 38 0.69 3.65 -6.50
C LEU A 38 1.61 4.11 -5.37
N VAL A 39 1.06 4.87 -4.43
CA VAL A 39 1.83 5.38 -3.32
C VAL A 39 2.40 4.25 -2.48
N PHE A 40 1.57 3.26 -2.22
CA PHE A 40 1.97 2.11 -1.42
C PHE A 40 2.64 1.05 -2.30
N GLY A 41 2.58 1.26 -3.61
CA GLY A 41 3.18 0.33 -4.55
C GLY A 41 4.65 0.65 -4.76
N GLU A 42 4.98 1.94 -4.78
CA GLU A 42 6.36 2.37 -4.97
C GLU A 42 7.10 2.37 -3.63
N SER A 43 6.43 2.88 -2.59
CA SER A 43 7.04 2.91 -1.27
C SER A 43 7.75 1.59 -0.98
N LEU A 44 7.11 0.50 -1.37
CA LEU A 44 7.68 -0.82 -1.16
C LEU A 44 8.99 -0.94 -1.93
N LEU A 45 9.03 -0.32 -3.11
CA LEU A 45 10.22 -0.34 -3.95
C LEU A 45 11.31 0.50 -3.33
N ASN A 46 11.12 1.82 -3.37
CA ASN A 46 12.11 2.74 -2.81
C ASN A 46 12.61 2.20 -1.48
N ASP A 47 11.76 1.42 -0.81
CA ASP A 47 12.13 0.84 0.47
C ASP A 47 12.79 -0.52 0.28
N ALA A 48 12.35 -1.24 -0.75
CA ALA A 48 12.91 -2.55 -1.03
C ALA A 48 14.12 -2.43 -1.95
N VAL A 49 14.44 -1.20 -2.33
CA VAL A 49 15.59 -0.96 -3.19
C VAL A 49 16.78 -0.48 -2.38
N THR A 50 16.49 0.24 -1.29
CA THR A 50 17.54 0.75 -0.43
C THR A 50 17.87 -0.26 0.67
N VAL A 51 16.86 -0.99 1.11
CA VAL A 51 17.04 -1.99 2.15
C VAL A 51 17.69 -3.24 1.57
N VAL A 52 17.02 -3.85 0.60
CA VAL A 52 17.56 -5.06 -0.02
C VAL A 52 18.98 -4.84 -0.51
N LEU A 53 19.36 -3.57 -0.65
CA LEU A 53 20.69 -3.24 -1.13
C LEU A 53 21.76 -3.56 -0.07
N TYR A 54 21.77 -2.78 1.00
CA TYR A 54 22.75 -3.00 2.07
C TYR A 54 22.10 -3.62 3.31
N LYS A 55 20.78 -3.75 3.26
CA LYS A 55 20.01 -4.36 4.35
C LYS A 55 20.61 -4.06 5.73
N LYS A 56 21.31 -2.92 5.82
CA LYS A 56 21.95 -2.44 7.06
C LYS A 56 23.47 -2.60 6.96
N LYS A 57 24.18 -1.61 7.48
CA LYS A 57 25.64 -1.63 7.45
C LYS A 57 26.20 -0.89 8.65
#